data_3V8V
#
_entry.id   3V8V
#
_cell.length_a   73.724
_cell.length_b   140.586
_cell.length_c   102.097
_cell.angle_alpha   90.00
_cell.angle_beta   101.88
_cell.angle_gamma   90.00
#
_symmetry.space_group_name_H-M   'P 1 21 1'
#
loop_
_entity.id
_entity.type
_entity.pdbx_description
1 polymer 'Ribosomal RNA large subunit methyltransferase L'
2 branched 6-O-octanoyl-beta-D-fructofuranose-(2-1)-alpha-D-glucopyranose
3 non-polymer S-ADENOSYLMETHIONINE
4 water water
#
_entity_poly.entity_id   1
_entity_poly.type   'polypeptide(L)'
_entity_poly.pdbx_seq_one_letter_code
;MNSLFASTARGLEELLKTELENLGAVECQVVQGGVHFKGDTRLVYQSLMWSRLASRIMLPLGECKVYSDLDLYLGVQAIN
WTEMFNPGATFAVHFSGLNDTIRNSQYGAMKVKDAIVDAFTRKNLPRPNVDRDAPDIRVNVWLHKETASIALDLSGDGLH
LRGYRDRAGIAPIKETLAAAIVMRSGWQPGTPLLDPMCGSGTLLIEAAMLATDRAPGLHRGRWGFSGWAQHDEAIWQEVK
AEAQTRARKGLAEYSSHFYGSDSDARVIQRARTNARLAGIGELITFEVKDVAQLTNPLPKGPYGTVLSNPPYGERLDSEP
ALIALHSLLGRIMKNQFGGWNLSLFSASPDLLSCLQLRADKQYKAKNGPLDCVQKNYHVAESTPDSKPAMVAEDYTNRLR
KNLKKFEKWARQEGIECYRLYDADLPEYNVAVDRYADWVVVQEYAPPKTIDAHKARQRLFDIIAATISVLGIAPNKLVLK
TRERQKGKNQYQKLGEKGEFLEVTEYNAHLWVNLTDYLDTGLFLDHRIARRMLGQMSKGKDFLNLFSYTGSATVHAGLGG
ARSTTTVDMSRTYLEWAERNLRLNGLTGRAHRLIQADCLAWLREANEQFDLIFIDPPTFSNSKRMEDAFDVQRDHLALMK
DLKRLLRAGGTIMFSNNKRGFRMDLDGLAKLGLKAQEITQKTLSQDFARNRQIHNCWLITAA
;
_entity_poly.pdbx_strand_id   A,B
#
loop_
_chem_comp.id
_chem_comp.type
_chem_comp.name
_chem_comp.formula
GLC D-saccharide, alpha linking alpha-D-glucopyranose 'C6 H12 O6'
SAM non-polymer S-ADENOSYLMETHIONINE 'C15 H22 N6 O5 S'
TRV D-saccharide, beta linking 6-O-octanoyl-beta-D-fructofuranose 'C14 H26 O7'
#
# COMPACT_ATOMS: atom_id res chain seq x y z
N MET A 1 17.32 -34.79 -40.00
CA MET A 1 16.02 -34.09 -39.74
C MET A 1 15.55 -34.37 -38.31
N ASN A 2 15.70 -33.39 -37.43
CA ASN A 2 15.26 -33.54 -36.05
C ASN A 2 13.78 -33.22 -35.87
N SER A 3 13.18 -33.89 -34.89
CA SER A 3 11.79 -33.63 -34.48
C SER A 3 11.68 -32.89 -33.16
N LEU A 4 11.12 -31.69 -33.21
CA LEU A 4 11.01 -30.86 -32.05
C LEU A 4 9.60 -30.61 -31.64
N PHE A 5 9.44 -30.15 -30.40
CA PHE A 5 8.18 -29.64 -29.93
C PHE A 5 8.42 -28.35 -29.18
N ALA A 6 7.60 -27.33 -29.48
CA ALA A 6 7.58 -26.11 -28.68
C ALA A 6 6.21 -26.02 -27.96
N SER A 7 6.17 -25.66 -26.70
CA SER A 7 4.92 -25.36 -26.08
C SER A 7 4.53 -23.83 -26.15
N THR A 8 3.25 -23.51 -26.02
CA THR A 8 2.85 -22.12 -25.77
C THR A 8 1.53 -22.12 -25.10
N ALA A 9 1.24 -21.04 -24.39
CA ALA A 9 -0.10 -20.56 -24.16
C ALA A 9 -1.11 -20.96 -25.24
N ARG A 10 -2.18 -21.64 -24.83
CA ARG A 10 -3.37 -21.84 -25.67
C ARG A 10 -3.82 -20.53 -26.28
N GLY A 11 -4.15 -20.51 -27.56
CA GLY A 11 -4.46 -19.25 -28.24
C GLY A 11 -3.33 -18.69 -29.10
N LEU A 12 -2.08 -19.10 -28.80
CA LEU A 12 -0.88 -18.66 -29.54
C LEU A 12 -0.27 -19.66 -30.55
N GLU A 13 -0.72 -20.91 -30.52
CA GLU A 13 -0.20 -21.96 -31.44
C GLU A 13 -0.06 -21.53 -32.90
N GLU A 14 -1.04 -20.85 -33.47
CA GLU A 14 -0.97 -20.51 -34.92
C GLU A 14 0.07 -19.45 -35.19
N LEU A 15 0.11 -18.45 -34.31
CA LEU A 15 1.19 -17.49 -34.30
C LEU A 15 2.56 -18.19 -34.19
N LEU A 16 2.67 -19.15 -33.28
CA LEU A 16 3.89 -19.92 -33.08
C LEU A 16 4.37 -20.65 -34.34
N LYS A 17 3.47 -21.43 -34.95
CA LYS A 17 3.71 -22.04 -36.25
C LYS A 17 4.20 -21.04 -37.31
N THR A 18 3.52 -19.94 -37.54
CA THR A 18 4.08 -18.98 -38.48
C THR A 18 5.52 -18.56 -38.14
N GLU A 19 5.76 -18.19 -36.88
CA GLU A 19 7.09 -17.81 -36.43
C GLU A 19 8.05 -18.98 -36.69
N LEU A 20 7.78 -20.19 -36.19
CA LEU A 20 8.66 -21.34 -36.49
C LEU A 20 8.94 -21.50 -37.98
N GLU A 21 7.91 -21.40 -38.81
CA GLU A 21 8.13 -21.54 -40.26
C GLU A 21 9.00 -20.43 -40.83
N ASN A 22 8.82 -19.21 -40.35
CA ASN A 22 9.60 -18.10 -40.86
C ASN A 22 11.07 -18.20 -40.61
N LEU A 23 11.47 -18.97 -39.60
CA LEU A 23 12.87 -19.04 -39.26
C LEU A 23 13.40 -20.41 -39.71
N GLY A 24 12.62 -21.04 -40.60
CA GLY A 24 13.09 -22.25 -41.32
C GLY A 24 12.43 -23.58 -41.02
N ALA A 25 11.54 -23.64 -40.03
CA ALA A 25 11.03 -24.94 -39.62
C ALA A 25 10.10 -25.56 -40.65
N VAL A 26 10.20 -26.86 -40.77
CA VAL A 26 9.47 -27.59 -41.78
C VAL A 26 8.50 -28.52 -41.08
N GLU A 27 7.37 -28.82 -41.72
CA GLU A 27 6.46 -29.90 -41.27
C GLU A 27 5.81 -29.65 -39.90
N CYS A 28 5.34 -28.42 -39.71
CA CYS A 28 4.78 -27.99 -38.46
C CYS A 28 3.35 -28.50 -38.26
N GLN A 29 3.02 -29.02 -37.08
CA GLN A 29 1.68 -29.50 -36.78
C GLN A 29 1.26 -28.79 -35.51
N VAL A 30 0.28 -27.91 -35.58
CA VAL A 30 -0.24 -27.41 -34.35
C VAL A 30 -1.09 -28.43 -33.60
N VAL A 31 -1.06 -28.34 -32.30
CA VAL A 31 -1.66 -29.33 -31.46
C VAL A 31 -2.12 -28.44 -30.33
N GLN A 32 -2.74 -28.98 -29.32
CA GLN A 32 -3.22 -28.10 -28.29
C GLN A 32 -2.09 -27.71 -27.29
N GLY A 33 -1.82 -26.41 -27.16
CA GLY A 33 -0.72 -25.98 -26.32
C GLY A 33 0.68 -26.15 -26.92
N GLY A 34 0.81 -26.32 -28.23
CA GLY A 34 2.14 -26.33 -28.79
C GLY A 34 2.21 -26.65 -30.25
N VAL A 35 3.44 -26.84 -30.75
CA VAL A 35 3.65 -26.97 -32.17
C VAL A 35 4.76 -27.95 -32.39
N HIS A 36 4.44 -29.09 -33.03
CA HIS A 36 5.45 -30.06 -33.49
C HIS A 36 6.07 -29.53 -34.75
N PHE A 37 7.40 -29.65 -34.88
CA PHE A 37 8.10 -29.19 -36.08
C PHE A 37 9.41 -29.96 -36.21
N LYS A 38 10.11 -29.76 -37.33
CA LYS A 38 11.30 -30.49 -37.71
C LYS A 38 12.31 -29.54 -38.36
N GLY A 39 13.57 -29.91 -38.35
CA GLY A 39 14.60 -29.14 -39.00
C GLY A 39 15.97 -29.73 -38.66
N ASP A 40 17.02 -29.30 -39.39
CA ASP A 40 18.39 -29.75 -39.03
C ASP A 40 18.85 -29.22 -37.69
N THR A 41 20.04 -29.63 -37.26
CA THR A 41 20.48 -29.22 -35.95
C THR A 41 20.74 -27.69 -35.89
N ARG A 42 21.18 -27.09 -36.98
CA ARG A 42 21.21 -25.64 -36.94
C ARG A 42 19.83 -25.07 -36.60
N LEU A 43 18.79 -25.60 -37.24
CA LEU A 43 17.43 -25.04 -37.08
C LEU A 43 16.97 -25.14 -35.64
N VAL A 44 17.41 -26.17 -34.93
CA VAL A 44 17.08 -26.33 -33.53
C VAL A 44 17.62 -25.15 -32.69
N TYR A 45 18.92 -24.86 -32.84
CA TYR A 45 19.52 -23.79 -32.11
C TYR A 45 18.94 -22.48 -32.59
N GLN A 46 18.61 -22.40 -33.88
CA GLN A 46 18.03 -21.18 -34.38
C GLN A 46 16.63 -20.86 -33.77
N SER A 47 15.89 -21.92 -33.46
CA SER A 47 14.55 -21.74 -32.96
C SER A 47 14.59 -21.37 -31.47
N LEU A 48 15.61 -21.88 -30.78
CA LEU A 48 15.83 -21.59 -29.36
C LEU A 48 16.23 -20.12 -29.15
N MET A 49 16.99 -19.58 -30.10
CA MET A 49 17.51 -18.25 -30.01
C MET A 49 16.46 -17.26 -30.42
N TRP A 50 15.60 -17.66 -31.37
CA TRP A 50 14.71 -16.71 -32.05
C TRP A 50 13.22 -16.79 -31.78
N SER A 51 12.73 -17.85 -31.14
CA SER A 51 11.30 -17.81 -30.95
C SER A 51 10.86 -16.89 -29.81
N ARG A 52 10.00 -15.92 -30.12
CA ARG A 52 9.47 -15.03 -29.10
C ARG A 52 8.19 -15.59 -28.49
N LEU A 53 7.54 -16.54 -29.16
CA LEU A 53 6.27 -17.07 -28.67
C LEU A 53 6.33 -18.37 -27.86
N ALA A 54 7.39 -19.14 -27.96
CA ALA A 54 7.49 -20.46 -27.33
C ALA A 54 7.73 -20.33 -25.84
N SER A 55 7.12 -21.18 -25.04
CA SER A 55 7.40 -21.24 -23.61
C SER A 55 8.63 -22.03 -23.34
N ARG A 56 8.72 -23.19 -24.00
CA ARG A 56 9.85 -24.10 -23.92
C ARG A 56 9.99 -24.76 -25.29
N ILE A 57 11.19 -25.18 -25.63
CA ILE A 57 11.41 -25.97 -26.80
C ILE A 57 12.07 -27.28 -26.41
N MET A 58 11.57 -28.37 -26.95
CA MET A 58 12.03 -29.66 -26.48
C MET A 58 12.31 -30.71 -27.55
N LEU A 59 13.14 -31.67 -27.17
CA LEU A 59 13.53 -32.79 -28.05
C LEU A 59 12.85 -34.05 -27.55
N PRO A 60 11.83 -34.48 -28.26
CA PRO A 60 11.16 -35.74 -27.94
C PRO A 60 12.16 -36.90 -28.03
N LEU A 61 12.22 -37.69 -26.97
CA LEU A 61 13.12 -38.85 -26.88
C LEU A 61 12.46 -40.19 -27.10
N GLY A 62 11.15 -40.23 -27.28
CA GLY A 62 10.43 -41.48 -27.26
C GLY A 62 9.13 -41.42 -26.48
N GLU A 63 8.45 -42.55 -26.45
CA GLU A 63 7.14 -42.60 -25.90
C GLU A 63 6.73 -44.04 -25.72
N CYS A 64 5.82 -44.30 -24.78
CA CYS A 64 5.45 -45.67 -24.45
C CYS A 64 4.04 -45.72 -23.84
N LYS A 65 3.45 -46.91 -23.88
CA LYS A 65 2.19 -47.20 -23.20
C LYS A 65 2.40 -47.40 -21.71
N VAL A 66 1.53 -46.84 -20.89
CA VAL A 66 1.73 -46.94 -19.44
C VAL A 66 0.51 -47.52 -18.70
N TYR A 67 0.41 -48.84 -18.70
CA TYR A 67 -0.33 -49.63 -17.69
C TYR A 67 0.78 -49.93 -16.68
N SER A 68 0.50 -50.45 -15.50
CA SER A 68 1.60 -50.85 -14.57
C SER A 68 2.83 -49.89 -14.44
N ASP A 69 3.45 -49.76 -13.26
CA ASP A 69 4.70 -48.98 -13.14
C ASP A 69 5.75 -49.53 -14.08
N LEU A 70 5.79 -50.86 -14.22
CA LEU A 70 6.86 -51.52 -15.00
C LEU A 70 7.01 -51.01 -16.43
N ASP A 71 5.89 -50.89 -17.14
CA ASP A 71 5.89 -50.29 -18.49
C ASP A 71 6.68 -49.02 -18.48
N LEU A 72 6.44 -48.20 -17.46
CA LEU A 72 7.00 -46.87 -17.36
C LEU A 72 8.48 -46.89 -17.13
N TYR A 73 8.91 -47.61 -16.10
CA TYR A 73 10.31 -47.85 -15.80
C TYR A 73 11.04 -48.32 -17.07
N LEU A 74 10.55 -49.41 -17.65
CA LEU A 74 11.09 -50.00 -18.88
C LEU A 74 11.09 -49.05 -20.06
N GLY A 75 10.02 -48.28 -20.19
CA GLY A 75 9.89 -47.28 -21.22
C GLY A 75 10.99 -46.28 -21.06
N VAL A 76 11.21 -45.82 -19.83
CA VAL A 76 12.19 -44.76 -19.57
C VAL A 76 13.61 -45.23 -19.85
N GLN A 77 13.85 -46.53 -19.61
CA GLN A 77 15.19 -47.05 -19.71
C GLN A 77 15.62 -47.42 -21.14
N ALA A 78 14.62 -47.47 -22.03
CA ALA A 78 14.84 -47.61 -23.49
C ALA A 78 15.70 -46.46 -24.04
N ILE A 79 15.74 -45.34 -23.30
CA ILE A 79 16.57 -44.19 -23.60
C ILE A 79 17.94 -44.29 -22.93
N ASN A 80 18.95 -43.80 -23.65
CA ASN A 80 20.32 -44.05 -23.27
C ASN A 80 20.93 -42.92 -22.45
N TRP A 81 20.37 -42.76 -21.25
CA TRP A 81 20.84 -41.76 -20.34
C TRP A 81 22.37 -41.69 -20.12
N THR A 82 23.01 -42.83 -19.87
CA THR A 82 24.42 -42.89 -19.39
C THR A 82 25.37 -42.14 -20.30
N GLU A 83 25.08 -42.24 -21.59
CA GLU A 83 25.86 -41.56 -22.57
C GLU A 83 25.15 -40.37 -23.21
N MET A 84 24.15 -39.82 -22.51
CA MET A 84 23.61 -38.54 -22.92
C MET A 84 23.98 -37.46 -21.93
N PHE A 85 24.06 -37.81 -20.65
CA PHE A 85 24.57 -36.88 -19.64
C PHE A 85 26.03 -36.66 -19.92
N ASN A 86 26.43 -35.39 -19.90
CA ASN A 86 27.85 -35.07 -19.76
C ASN A 86 28.21 -35.44 -18.35
N PRO A 87 29.46 -35.89 -18.12
CA PRO A 87 29.89 -36.22 -16.75
C PRO A 87 29.66 -35.04 -15.80
N GLY A 88 29.04 -35.31 -14.65
CA GLY A 88 28.78 -34.29 -13.65
C GLY A 88 27.45 -33.55 -13.83
N ALA A 89 26.80 -33.73 -14.98
CA ALA A 89 25.47 -33.14 -15.23
C ALA A 89 24.44 -33.54 -14.18
N THR A 90 23.82 -32.52 -13.59
CA THR A 90 22.64 -32.69 -12.76
C THR A 90 21.35 -32.71 -13.59
N PHE A 91 20.30 -33.32 -13.04
CA PHE A 91 19.06 -33.45 -13.77
C PHE A 91 17.80 -33.24 -12.91
N ALA A 92 16.68 -33.02 -13.58
CA ALA A 92 15.43 -33.01 -12.93
C ALA A 92 14.39 -33.54 -13.91
N VAL A 93 13.33 -34.13 -13.37
CA VAL A 93 12.18 -34.62 -14.13
C VAL A 93 10.93 -33.77 -13.86
N HIS A 94 10.24 -33.35 -14.91
CA HIS A 94 8.97 -32.67 -14.74
C HIS A 94 7.98 -33.60 -15.38
N PHE A 95 6.96 -33.95 -14.62
CA PHE A 95 6.00 -34.91 -15.04
C PHE A 95 4.67 -34.24 -14.90
N SER A 96 3.95 -34.17 -16.00
CA SER A 96 2.55 -33.77 -15.90
C SER A 96 1.63 -34.77 -16.55
N GLY A 97 0.42 -34.91 -16.02
CA GLY A 97 -0.54 -35.79 -16.61
C GLY A 97 -0.72 -37.00 -15.73
N LEU A 98 -1.90 -37.58 -15.74
CA LEU A 98 -2.20 -38.69 -14.87
C LEU A 98 -2.92 -39.81 -15.62
N ASN A 99 -2.80 -41.04 -15.15
CA ASN A 99 -3.83 -42.03 -15.45
C ASN A 99 -4.13 -43.04 -14.32
N ASP A 100 -4.63 -44.22 -14.67
CA ASP A 100 -4.93 -45.22 -13.66
C ASP A 100 -3.69 -45.75 -12.95
N THR A 101 -2.55 -45.81 -13.63
CA THR A 101 -1.36 -46.31 -12.91
C THR A 101 -0.59 -45.21 -12.21
N ILE A 102 -0.36 -44.11 -12.91
CA ILE A 102 0.25 -42.98 -12.26
C ILE A 102 -0.89 -42.08 -11.80
N ARG A 103 -1.21 -42.13 -10.51
CA ARG A 103 -2.34 -41.44 -9.95
C ARG A 103 -1.96 -40.08 -9.38
N ASN A 104 -0.70 -39.92 -9.04
CA ASN A 104 -0.14 -38.66 -8.58
C ASN A 104 1.00 -38.28 -9.55
N SER A 105 1.21 -37.00 -9.82
CA SER A 105 2.26 -36.51 -10.69
C SER A 105 3.66 -36.61 -10.14
N GLN A 106 3.84 -36.26 -8.86
CA GLN A 106 5.15 -36.37 -8.20
C GLN A 106 5.59 -37.86 -8.04
N TYR A 107 4.61 -38.76 -8.04
CA TYR A 107 4.88 -40.19 -8.19
C TYR A 107 5.39 -40.49 -9.60
N GLY A 108 4.70 -39.94 -10.60
CA GLY A 108 5.12 -40.03 -11.97
C GLY A 108 6.60 -39.64 -12.06
N ALA A 109 6.95 -38.51 -11.47
CA ALA A 109 8.31 -38.01 -11.55
C ALA A 109 9.30 -38.88 -10.81
N MET A 110 8.89 -39.36 -9.64
CA MET A 110 9.77 -40.10 -8.76
C MET A 110 10.21 -41.37 -9.45
N LYS A 111 9.24 -42.03 -10.09
CA LYS A 111 9.46 -43.26 -10.83
C LYS A 111 10.38 -43.13 -12.02
N VAL A 112 10.14 -42.15 -12.89
CA VAL A 112 11.04 -41.81 -13.99
C VAL A 112 12.43 -41.55 -13.44
N LYS A 113 12.47 -40.79 -12.34
CA LYS A 113 13.72 -40.40 -11.70
C LYS A 113 14.51 -41.65 -11.26
N ASP A 114 13.83 -42.59 -10.62
CA ASP A 114 14.44 -43.86 -10.26
C ASP A 114 14.93 -44.66 -11.47
N ALA A 115 14.18 -44.61 -12.56
CA ALA A 115 14.49 -45.39 -13.74
C ALA A 115 15.77 -44.85 -14.38
N ILE A 116 15.95 -43.53 -14.30
CA ILE A 116 17.12 -42.89 -14.89
C ILE A 116 18.33 -43.17 -14.03
N VAL A 117 18.18 -43.07 -12.71
CA VAL A 117 19.28 -43.37 -11.79
C VAL A 117 19.74 -44.82 -11.94
N ASP A 118 18.78 -45.75 -11.87
CA ASP A 118 19.06 -47.17 -12.13
C ASP A 118 19.72 -47.44 -13.49
N ALA A 119 19.63 -46.53 -14.46
CA ALA A 119 20.42 -46.76 -15.67
C ALA A 119 21.91 -46.55 -15.40
N PHE A 120 22.23 -45.83 -14.33
CA PHE A 120 23.62 -45.48 -14.00
C PHE A 120 24.21 -46.44 -12.98
N THR A 121 23.41 -46.76 -11.96
CA THR A 121 23.78 -47.74 -10.94
C THR A 121 24.13 -49.07 -11.61
N ARG A 122 23.35 -49.45 -12.63
CA ARG A 122 23.51 -50.69 -13.43
C ARG A 122 24.77 -50.85 -14.21
N LYS A 123 25.38 -49.74 -14.60
CA LYS A 123 26.61 -49.80 -15.34
C LYS A 123 27.76 -49.45 -14.41
N ASN A 124 27.53 -49.61 -13.11
CA ASN A 124 28.54 -49.32 -12.08
C ASN A 124 29.12 -47.91 -12.26
N LEU A 125 28.25 -47.00 -12.68
CA LEU A 125 28.53 -45.56 -12.80
C LEU A 125 27.98 -44.83 -11.57
N PRO A 126 28.57 -43.66 -11.21
CA PRO A 126 28.02 -42.88 -10.08
C PRO A 126 26.65 -42.26 -10.39
N ARG A 127 25.76 -42.26 -9.38
CA ARG A 127 24.43 -41.69 -9.53
C ARG A 127 24.53 -40.20 -9.82
N PRO A 128 23.83 -39.73 -10.88
CA PRO A 128 23.63 -38.30 -11.11
C PRO A 128 22.83 -37.67 -9.98
N ASN A 129 23.21 -36.45 -9.59
CA ASN A 129 22.47 -35.66 -8.62
C ASN A 129 21.23 -35.01 -9.25
N VAL A 130 20.11 -35.09 -8.56
CA VAL A 130 18.95 -34.31 -8.94
C VAL A 130 19.12 -32.89 -8.39
N ASP A 131 18.99 -31.88 -9.25
CA ASP A 131 18.97 -30.47 -8.83
C ASP A 131 17.76 -29.66 -9.39
N ARG A 132 16.68 -29.61 -8.61
CA ARG A 132 15.42 -28.96 -8.97
C ARG A 132 15.56 -27.51 -9.45
N ASP A 133 16.53 -26.77 -8.91
CA ASP A 133 16.60 -25.30 -9.17
C ASP A 133 17.11 -25.00 -10.57
N ALA A 134 18.24 -25.61 -10.91
CA ALA A 134 18.93 -25.35 -12.16
C ALA A 134 19.61 -26.60 -12.75
N PRO A 135 18.83 -27.66 -13.03
CA PRO A 135 19.50 -28.86 -13.50
C PRO A 135 20.10 -28.57 -14.86
N ASP A 136 21.22 -29.23 -15.17
CA ASP A 136 21.81 -29.16 -16.49
C ASP A 136 20.98 -29.97 -17.49
N ILE A 137 20.42 -31.08 -17.03
CA ILE A 137 19.52 -31.86 -17.86
C ILE A 137 18.13 -31.80 -17.24
N ARG A 138 17.14 -31.35 -18.01
CA ARG A 138 15.78 -31.31 -17.56
C ARG A 138 14.99 -32.21 -18.45
N VAL A 139 14.26 -33.16 -17.85
CA VAL A 139 13.52 -34.06 -18.70
C VAL A 139 12.08 -33.86 -18.38
N ASN A 140 11.29 -33.63 -19.43
CA ASN A 140 9.84 -33.54 -19.31
C ASN A 140 9.21 -34.83 -19.75
N VAL A 141 8.22 -35.27 -18.98
CA VAL A 141 7.33 -36.32 -19.44
C VAL A 141 5.91 -35.88 -19.32
N TRP A 142 5.15 -36.12 -20.38
CA TRP A 142 3.77 -35.71 -20.49
C TRP A 142 2.96 -36.98 -20.69
N LEU A 143 2.13 -37.34 -19.71
CA LEU A 143 1.25 -38.50 -19.76
C LEU A 143 -0.16 -38.10 -20.24
N HIS A 144 -0.54 -38.56 -21.42
CA HIS A 144 -1.90 -38.34 -21.94
C HIS A 144 -2.48 -39.66 -22.42
N LYS A 145 -3.58 -40.09 -21.82
CA LYS A 145 -4.38 -41.22 -22.31
C LYS A 145 -3.61 -42.51 -22.59
N GLU A 146 -2.97 -43.04 -21.56
CA GLU A 146 -2.20 -44.29 -21.68
C GLU A 146 -0.84 -44.18 -22.39
N THR A 147 -0.60 -43.07 -23.11
CA THR A 147 0.76 -42.82 -23.68
C THR A 147 1.55 -41.86 -22.83
N ALA A 148 2.81 -42.19 -22.57
CA ALA A 148 3.75 -41.26 -21.92
C ALA A 148 4.77 -40.73 -22.91
N SER A 149 4.89 -39.43 -23.09
CA SER A 149 5.96 -38.86 -23.96
C SER A 149 7.17 -38.23 -23.18
N ILE A 150 8.40 -38.64 -23.52
CA ILE A 150 9.64 -38.18 -22.86
C ILE A 150 10.40 -37.23 -23.80
N ALA A 151 10.82 -36.08 -23.27
CA ALA A 151 11.55 -35.09 -24.05
C ALA A 151 12.66 -34.46 -23.23
N LEU A 152 13.72 -34.00 -23.89
CA LEU A 152 14.75 -33.22 -23.25
C LEU A 152 14.38 -31.74 -23.41
N ASP A 153 14.41 -30.99 -22.34
CA ASP A 153 14.09 -29.57 -22.41
C ASP A 153 15.35 -28.76 -22.81
N LEU A 154 15.39 -28.32 -24.04
CA LEU A 154 16.47 -27.48 -24.51
C LEU A 154 16.39 -26.03 -24.01
N SER A 155 15.21 -25.51 -23.71
CA SER A 155 15.12 -24.22 -23.08
C SER A 155 15.96 -24.14 -21.83
N GLY A 156 15.84 -25.16 -20.98
CA GLY A 156 16.22 -25.00 -19.57
C GLY A 156 15.20 -24.13 -18.81
N ASP A 157 15.55 -22.91 -18.47
CA ASP A 157 14.60 -21.96 -18.01
C ASP A 157 13.57 -21.71 -19.12
N GLY A 158 12.34 -21.34 -18.75
CA GLY A 158 11.32 -21.04 -19.74
C GLY A 158 11.77 -19.85 -20.56
N LEU A 159 11.47 -19.87 -21.86
CA LEU A 159 12.02 -18.90 -22.80
C LEU A 159 11.50 -17.45 -22.69
N HIS A 160 10.50 -17.23 -21.81
CA HIS A 160 10.02 -15.84 -21.60
C HIS A 160 11.06 -15.02 -20.83
N LEU A 161 11.91 -15.69 -20.04
CA LEU A 161 13.04 -15.04 -19.45
C LEU A 161 14.13 -14.67 -20.49
N ARG A 162 14.01 -13.51 -21.12
CA ARG A 162 14.95 -13.03 -22.12
C ARG A 162 16.26 -12.60 -21.55
N GLY A 163 16.30 -12.33 -20.24
CA GLY A 163 17.50 -11.93 -19.53
C GLY A 163 17.49 -10.46 -19.17
N TYR A 164 16.37 -9.79 -19.32
CA TYR A 164 16.30 -8.40 -18.93
C TYR A 164 15.53 -8.10 -17.64
N ARG A 165 14.95 -9.11 -17.00
CA ARG A 165 14.27 -8.88 -15.74
C ARG A 165 14.81 -9.85 -14.72
N ASP A 166 14.00 -10.85 -14.34
CA ASP A 166 14.09 -11.55 -13.01
C ASP A 166 13.48 -12.99 -12.94
N ARG A 167 14.34 -14.01 -12.77
CA ARG A 167 13.91 -15.43 -12.60
C ARG A 167 12.66 -15.59 -11.68
N ALA A 168 12.50 -14.62 -10.76
CA ALA A 168 11.32 -14.41 -9.85
C ALA A 168 11.13 -12.93 -9.38
N GLY A 169 10.13 -12.25 -9.94
CA GLY A 169 9.28 -12.82 -10.98
C GLY A 169 7.82 -12.46 -10.78
N ILE A 170 6.96 -13.23 -11.45
CA ILE A 170 5.53 -12.92 -11.59
C ILE A 170 5.35 -11.50 -12.17
N ALA A 171 5.33 -11.47 -13.49
CA ALA A 171 4.99 -10.29 -14.27
C ALA A 171 3.51 -10.41 -14.62
N PRO A 172 2.78 -9.29 -14.57
CA PRO A 172 1.37 -9.39 -14.98
C PRO A 172 1.31 -9.99 -16.41
N ILE A 173 2.24 -9.60 -17.28
CA ILE A 173 2.27 -10.21 -18.61
C ILE A 173 3.62 -10.84 -18.89
N LYS A 174 3.61 -12.17 -19.01
CA LYS A 174 4.74 -12.94 -19.52
C LYS A 174 5.27 -12.33 -20.84
N GLU A 175 6.57 -12.45 -21.06
CA GLU A 175 7.21 -11.86 -22.21
C GLU A 175 6.74 -12.51 -23.50
N THR A 176 6.32 -13.75 -23.43
CA THR A 176 5.77 -14.37 -24.65
C THR A 176 4.39 -13.76 -25.04
N LEU A 177 3.54 -13.51 -24.04
CA LEU A 177 2.23 -12.97 -24.32
C LEU A 177 2.42 -11.56 -24.83
N ALA A 178 3.30 -10.80 -24.18
CA ALA A 178 3.58 -9.44 -24.56
C ALA A 178 3.96 -9.42 -26.03
N ALA A 179 4.80 -10.35 -26.48
CA ALA A 179 5.23 -10.38 -27.87
C ALA A 179 4.04 -10.64 -28.78
N ALA A 180 3.18 -11.58 -28.37
CA ALA A 180 1.95 -11.81 -29.16
C ALA A 180 1.15 -10.46 -29.26
N ILE A 181 0.97 -9.81 -28.12
CA ILE A 181 0.15 -8.65 -28.07
C ILE A 181 0.75 -7.62 -28.98
N VAL A 182 2.08 -7.57 -29.03
CA VAL A 182 2.60 -6.61 -29.97
C VAL A 182 2.36 -7.04 -31.38
N MET A 183 2.56 -8.30 -31.73
CA MET A 183 2.29 -8.77 -33.09
C MET A 183 0.83 -8.59 -33.59
N ARG A 184 -0.13 -8.86 -32.72
CA ARG A 184 -1.53 -8.61 -33.01
C ARG A 184 -1.96 -7.10 -33.01
N SER A 185 -1.11 -6.20 -32.53
CA SER A 185 -1.52 -4.81 -32.28
C SER A 185 -1.80 -4.03 -33.59
N GLY A 186 -1.27 -4.47 -34.74
CA GLY A 186 -1.41 -3.72 -35.95
C GLY A 186 -0.31 -2.65 -35.90
N TRP A 187 0.60 -2.76 -34.96
CA TRP A 187 1.71 -1.83 -34.94
C TRP A 187 2.67 -2.08 -36.07
N GLN A 188 3.14 -1.01 -36.70
CA GLN A 188 4.10 -1.17 -37.78
C GLN A 188 5.48 -0.82 -37.24
N PRO A 189 6.38 -1.82 -37.17
CA PRO A 189 7.80 -1.60 -36.76
C PRO A 189 8.39 -0.49 -37.59
N GLY A 190 9.03 0.47 -36.92
CA GLY A 190 9.57 1.62 -37.61
C GLY A 190 8.72 2.85 -37.43
N THR A 191 7.58 2.70 -36.72
CA THR A 191 6.69 3.84 -36.48
C THR A 191 6.64 4.01 -34.99
N PRO A 192 6.37 5.23 -34.50
CA PRO A 192 6.39 5.38 -33.06
C PRO A 192 5.33 4.54 -32.37
N LEU A 193 5.69 4.09 -31.16
CA LEU A 193 4.85 3.29 -30.32
C LEU A 193 4.82 3.94 -28.95
N LEU A 194 3.66 4.04 -28.35
CA LEU A 194 3.61 4.72 -27.11
C LEU A 194 2.66 3.95 -26.19
N ASP A 195 3.01 3.83 -24.93
CA ASP A 195 2.15 3.18 -23.96
C ASP A 195 2.05 4.07 -22.71
N PRO A 196 0.87 4.70 -22.51
CA PRO A 196 0.74 5.62 -21.42
C PRO A 196 0.37 4.91 -20.11
N MET A 197 0.32 3.59 -20.08
CA MET A 197 0.17 2.98 -18.76
C MET A 197 1.08 1.79 -18.68
N CYS A 198 2.36 2.05 -18.70
CA CYS A 198 3.26 0.99 -19.17
C CYS A 198 3.68 0.00 -18.10
N GLY A 199 3.37 0.24 -16.83
CA GLY A 199 3.91 -0.59 -15.77
C GLY A 199 5.39 -0.76 -16.02
N SER A 200 5.84 -2.01 -16.00
CA SER A 200 7.24 -2.33 -16.00
C SER A 200 7.86 -2.36 -17.40
N GLY A 201 7.09 -1.97 -18.43
CA GLY A 201 7.63 -1.72 -19.78
C GLY A 201 7.67 -2.91 -20.75
N THR A 202 7.17 -4.05 -20.31
CA THR A 202 7.34 -5.29 -21.08
C THR A 202 6.85 -5.24 -22.53
N LEU A 203 5.65 -4.70 -22.73
CA LEU A 203 5.16 -4.44 -24.05
C LEU A 203 6.09 -3.56 -24.88
N LEU A 204 6.56 -2.46 -24.29
CA LEU A 204 7.45 -1.60 -25.10
C LEU A 204 8.79 -2.31 -25.38
N ILE A 205 9.29 -3.10 -24.43
CA ILE A 205 10.62 -3.69 -24.56
C ILE A 205 10.57 -4.81 -25.61
N GLU A 206 9.51 -5.67 -25.54
CA GLU A 206 9.30 -6.71 -26.59
C GLU A 206 9.22 -6.09 -28.00
N ALA A 207 8.50 -4.97 -28.15
CA ALA A 207 8.34 -4.30 -29.44
C ALA A 207 9.68 -3.83 -30.03
N ALA A 208 10.52 -3.26 -29.19
CA ALA A 208 11.85 -2.75 -29.54
C ALA A 208 12.86 -3.86 -29.87
N MET A 209 12.81 -4.96 -29.11
CA MET A 209 13.58 -6.13 -29.47
C MET A 209 13.13 -6.67 -30.82
N LEU A 210 11.85 -6.93 -30.96
CA LEU A 210 11.28 -7.38 -32.21
C LEU A 210 11.57 -6.38 -33.36
N ALA A 211 11.29 -5.09 -33.20
CA ALA A 211 11.65 -4.15 -34.25
C ALA A 211 13.16 -4.12 -34.59
N THR A 212 14.04 -4.35 -33.61
CA THR A 212 15.43 -4.07 -33.93
C THR A 212 16.14 -5.35 -34.20
N ASP A 213 15.33 -6.38 -34.52
CA ASP A 213 15.87 -7.67 -34.85
C ASP A 213 16.81 -8.14 -33.74
N ARG A 214 16.35 -8.04 -32.49
CA ARG A 214 17.18 -8.43 -31.35
C ARG A 214 16.62 -9.72 -30.76
N ALA A 215 17.38 -10.80 -30.77
CA ALA A 215 16.77 -12.10 -30.58
C ALA A 215 16.34 -12.28 -29.14
N PRO A 216 15.21 -12.95 -28.90
CA PRO A 216 14.88 -13.23 -27.51
C PRO A 216 15.94 -13.97 -26.70
N GLY A 217 16.83 -14.74 -27.33
CA GLY A 217 17.75 -15.54 -26.54
C GLY A 217 19.04 -14.78 -26.33
N LEU A 218 19.14 -13.58 -26.91
CA LEU A 218 20.44 -12.93 -27.00
C LEU A 218 21.04 -12.73 -25.65
N HIS A 219 20.19 -12.31 -24.70
CA HIS A 219 20.67 -11.97 -23.34
C HIS A 219 20.41 -13.03 -22.28
N ARG A 220 20.11 -14.25 -22.66
CA ARG A 220 19.90 -15.27 -21.64
C ARG A 220 21.24 -15.78 -21.13
N GLY A 221 21.32 -16.10 -19.85
CA GLY A 221 22.51 -16.73 -19.32
C GLY A 221 22.60 -18.26 -19.33
N ARG A 222 21.49 -18.97 -19.47
CA ARG A 222 21.50 -20.43 -19.30
C ARG A 222 20.57 -21.19 -20.26
N TRP A 223 20.99 -22.36 -20.74
CA TRP A 223 20.15 -23.16 -21.61
C TRP A 223 20.07 -24.59 -21.11
N GLY A 224 19.14 -25.39 -21.68
CA GLY A 224 18.96 -26.77 -21.32
C GLY A 224 19.96 -27.68 -22.00
N PHE A 225 20.59 -27.19 -23.07
CA PHE A 225 21.39 -28.07 -23.88
C PHE A 225 22.81 -28.24 -23.39
N SER A 226 23.24 -27.39 -22.48
CA SER A 226 24.65 -27.38 -22.12
C SER A 226 25.16 -28.64 -21.41
N GLY A 227 24.31 -29.34 -20.67
CA GLY A 227 24.71 -30.64 -20.05
C GLY A 227 24.46 -31.90 -20.87
N TRP A 228 24.15 -31.73 -22.16
CA TRP A 228 23.72 -32.75 -23.09
CA TRP A 228 23.79 -32.87 -22.99
C TRP A 228 24.90 -33.07 -23.98
N ALA A 229 25.25 -34.36 -24.12
CA ALA A 229 26.37 -34.80 -24.90
C ALA A 229 26.19 -34.66 -26.39
N GLN A 230 24.96 -34.65 -26.91
CA GLN A 230 24.73 -34.46 -28.35
C GLN A 230 24.79 -32.99 -28.63
N HIS A 231 25.06 -32.18 -27.60
CA HIS A 231 25.20 -30.73 -27.83
C HIS A 231 26.26 -30.39 -28.90
N ASP A 232 25.88 -29.60 -29.90
CA ASP A 232 26.82 -29.14 -30.92
C ASP A 232 27.28 -27.64 -30.72
N GLU A 233 28.34 -27.47 -29.95
CA GLU A 233 28.87 -26.14 -29.64
C GLU A 233 29.23 -25.28 -30.89
N ALA A 234 29.88 -25.87 -31.87
CA ALA A 234 30.24 -25.12 -33.07
C ALA A 234 29.01 -24.49 -33.69
N ILE A 235 27.92 -25.25 -33.72
CA ILE A 235 26.70 -24.74 -34.34
C ILE A 235 26.05 -23.65 -33.49
N TRP A 236 26.03 -23.91 -32.20
CA TRP A 236 25.50 -22.92 -31.30
C TRP A 236 26.36 -21.61 -31.38
N GLN A 237 27.69 -21.76 -31.49
CA GLN A 237 28.54 -20.60 -31.71
C GLN A 237 28.12 -19.82 -32.98
N GLU A 238 27.71 -20.50 -34.05
CA GLU A 238 27.30 -19.77 -35.24
C GLU A 238 26.02 -19.00 -35.01
N VAL A 239 25.06 -19.67 -34.34
CA VAL A 239 23.78 -19.01 -34.08
C VAL A 239 24.01 -17.76 -33.19
N LYS A 240 24.78 -17.95 -32.12
CA LYS A 240 25.17 -16.88 -31.20
C LYS A 240 25.76 -15.68 -31.94
N ALA A 241 26.77 -15.92 -32.77
CA ALA A 241 27.47 -14.89 -33.51
C ALA A 241 26.54 -14.16 -34.51
N GLU A 242 25.57 -14.91 -35.05
CA GLU A 242 24.68 -14.32 -36.05
C GLU A 242 23.68 -13.43 -35.31
N ALA A 243 23.15 -13.97 -34.22
CA ALA A 243 22.41 -13.15 -33.28
C ALA A 243 23.13 -11.79 -33.00
N GLN A 244 24.40 -11.80 -32.62
CA GLN A 244 25.09 -10.55 -32.32
C GLN A 244 25.06 -9.59 -33.49
N THR A 245 25.37 -10.12 -34.70
CA THR A 245 25.49 -9.23 -35.86
C THR A 245 24.15 -8.61 -36.17
N ARG A 246 23.11 -9.44 -36.23
CA ARG A 246 21.75 -8.98 -36.48
C ARG A 246 21.28 -7.97 -35.44
N ALA A 247 21.61 -8.17 -34.17
CA ALA A 247 21.21 -7.19 -33.15
C ALA A 247 21.95 -5.89 -33.30
N ARG A 248 23.25 -5.94 -33.61
CA ARG A 248 24.01 -4.73 -33.70
C ARG A 248 23.48 -3.82 -34.82
N LYS A 249 23.22 -4.41 -35.98
CA LYS A 249 22.70 -3.68 -37.12
C LYS A 249 21.25 -3.16 -36.90
N GLY A 250 20.35 -3.97 -36.36
CA GLY A 250 18.99 -3.49 -36.08
C GLY A 250 18.93 -2.32 -35.14
N LEU A 251 19.74 -2.37 -34.10
CA LEU A 251 19.83 -1.31 -33.13
C LEU A 251 20.42 -0.05 -33.75
N ALA A 252 21.45 -0.22 -34.56
CA ALA A 252 22.13 0.93 -35.10
C ALA A 252 21.29 1.55 -36.23
N GLU A 253 20.52 0.74 -36.92
CA GLU A 253 19.78 1.28 -38.03
C GLU A 253 18.46 1.91 -37.61
N TYR A 254 17.95 1.61 -36.39
CA TYR A 254 16.56 2.01 -35.98
C TYR A 254 16.36 3.50 -35.94
N SER A 255 15.32 4.01 -36.55
CA SER A 255 15.12 5.46 -36.40
C SER A 255 13.84 5.97 -35.74
N SER A 256 12.86 5.10 -35.54
CA SER A 256 11.72 5.51 -34.80
C SER A 256 12.04 5.53 -33.29
N HIS A 257 11.03 5.67 -32.41
CA HIS A 257 11.27 5.75 -30.97
C HIS A 257 10.12 5.12 -30.16
N PHE A 258 10.37 4.80 -28.89
CA PHE A 258 9.34 4.23 -28.00
C PHE A 258 9.07 5.21 -26.85
N TYR A 259 7.80 5.38 -26.45
CA TYR A 259 7.41 6.29 -25.37
C TYR A 259 6.57 5.55 -24.33
N GLY A 260 7.05 5.48 -23.10
CA GLY A 260 6.29 4.87 -22.03
C GLY A 260 6.05 5.81 -20.87
N SER A 261 4.94 5.66 -20.19
CA SER A 261 4.65 6.52 -19.05
C SER A 261 3.71 5.84 -18.14
N ASP A 262 3.79 6.18 -16.86
CA ASP A 262 2.94 5.65 -15.83
C ASP A 262 2.90 6.70 -14.70
N SER A 263 1.92 6.61 -13.83
CA SER A 263 1.83 7.57 -12.74
C SER A 263 2.62 7.10 -11.52
N ASP A 264 3.08 5.85 -11.57
CA ASP A 264 3.83 5.28 -10.51
C ASP A 264 5.39 5.38 -10.76
N ALA A 265 6.05 6.24 -10.02
CA ALA A 265 7.49 6.44 -10.13
C ALA A 265 8.35 5.16 -9.92
N ARG A 266 7.86 4.30 -9.04
CA ARG A 266 8.48 3.05 -8.75
C ARG A 266 8.53 2.12 -9.97
N VAL A 267 7.41 1.97 -10.71
CA VAL A 267 7.45 1.08 -11.88
C VAL A 267 8.27 1.69 -13.00
N ILE A 268 8.25 3.03 -13.16
CA ILE A 268 8.92 3.69 -14.22
C ILE A 268 10.42 3.42 -14.04
N GLN A 269 10.85 3.40 -12.80
CA GLN A 269 12.24 3.22 -12.51
C GLN A 269 12.58 1.76 -12.78
N ARG A 270 11.72 0.81 -12.45
CA ARG A 270 11.98 -0.58 -12.90
C ARG A 270 11.97 -0.73 -14.45
N ALA A 271 11.03 -0.05 -15.13
CA ALA A 271 10.90 -0.11 -16.61
C ALA A 271 12.22 0.34 -17.28
N ARG A 272 12.75 1.47 -16.80
CA ARG A 272 14.00 2.04 -17.24
C ARG A 272 15.16 1.03 -17.04
N THR A 273 15.24 0.37 -15.89
CA THR A 273 16.32 -0.62 -15.70
C THR A 273 16.10 -1.80 -16.61
N ASN A 274 14.84 -2.17 -16.82
CA ASN A 274 14.56 -3.34 -17.64
C ASN A 274 14.87 -3.16 -19.09
N ALA A 275 14.47 -2.01 -19.61
CA ALA A 275 14.74 -1.67 -20.95
C ALA A 275 16.25 -1.65 -21.19
N ARG A 276 17.00 -1.19 -20.20
CA ARG A 276 18.45 -1.01 -20.32
C ARG A 276 19.12 -2.35 -20.30
N LEU A 277 18.65 -3.27 -19.47
CA LEU A 277 19.17 -4.61 -19.48
C LEU A 277 18.87 -5.39 -20.76
N ALA A 278 17.91 -4.94 -21.54
CA ALA A 278 17.49 -5.67 -22.71
C ALA A 278 18.35 -5.23 -23.89
N GLY A 279 19.23 -4.24 -23.66
CA GLY A 279 20.17 -3.78 -24.68
C GLY A 279 19.57 -2.64 -25.52
N ILE A 280 18.31 -2.32 -25.24
CA ILE A 280 17.45 -1.57 -26.14
C ILE A 280 17.08 -0.20 -25.59
N GLY A 281 17.60 0.11 -24.41
CA GLY A 281 17.21 1.29 -23.65
C GLY A 281 17.41 2.62 -24.34
N GLU A 282 18.37 2.74 -25.23
CA GLU A 282 18.54 4.01 -25.94
C GLU A 282 17.29 4.34 -26.83
N LEU A 283 16.44 3.34 -27.10
CA LEU A 283 15.34 3.60 -28.00
C LEU A 283 14.02 3.97 -27.32
N ILE A 284 13.99 3.93 -25.99
CA ILE A 284 12.73 4.14 -25.27
C ILE A 284 12.85 5.31 -24.30
N THR A 285 11.81 6.13 -24.16
CA THR A 285 11.81 7.16 -23.12
C THR A 285 10.67 6.86 -22.15
N PHE A 286 11.03 6.71 -20.87
CA PHE A 286 10.04 6.53 -19.83
C PHE A 286 9.91 7.81 -19.04
N GLU A 287 8.69 8.18 -18.70
CA GLU A 287 8.47 9.29 -17.75
C GLU A 287 7.32 9.00 -16.82
N VAL A 288 7.32 9.71 -15.69
CA VAL A 288 6.30 9.53 -14.68
C VAL A 288 5.30 10.59 -15.01
N LYS A 289 4.12 10.17 -15.45
CA LYS A 289 3.14 11.10 -15.99
C LYS A 289 1.81 10.39 -15.93
N ASP A 290 0.74 11.13 -15.69
CA ASP A 290 -0.61 10.56 -15.59
C ASP A 290 -1.28 10.56 -16.94
N VAL A 291 -2.04 9.53 -17.27
CA VAL A 291 -2.85 9.59 -18.50
C VAL A 291 -3.59 10.91 -18.68
N ALA A 292 -4.17 11.46 -17.63
CA ALA A 292 -4.84 12.72 -17.78
C ALA A 292 -4.02 13.75 -18.53
N GLN A 293 -2.72 13.78 -18.36
CA GLN A 293 -1.99 14.84 -19.06
C GLN A 293 -1.15 14.31 -20.22
N LEU A 294 -1.71 13.30 -20.88
CA LEU A 294 -1.06 12.60 -21.96
C LEU A 294 -0.99 13.48 -23.21
N THR A 295 0.20 13.74 -23.73
CA THR A 295 0.32 14.48 -25.02
C THR A 295 0.93 13.64 -26.14
N ASN A 296 0.57 13.96 -27.38
CA ASN A 296 1.17 13.27 -28.50
C ASN A 296 2.56 13.86 -28.67
N PRO A 297 3.62 13.07 -28.49
CA PRO A 297 4.98 13.66 -28.48
C PRO A 297 5.46 14.10 -29.87
N LEU A 298 4.70 13.70 -30.90
CA LEU A 298 4.90 14.05 -32.32
C LEU A 298 3.62 14.67 -32.97
N PRO A 299 3.23 15.87 -32.53
CA PRO A 299 2.04 16.54 -33.07
C PRO A 299 2.07 16.72 -34.60
N LYS A 300 3.26 16.80 -35.22
CA LYS A 300 3.38 16.99 -36.68
C LYS A 300 3.50 15.68 -37.48
N GLY A 301 3.39 14.54 -36.80
CA GLY A 301 3.52 13.22 -37.48
C GLY A 301 4.92 12.66 -37.29
N PRO A 302 5.19 11.42 -37.76
CA PRO A 302 4.32 10.40 -38.39
C PRO A 302 3.33 9.80 -37.40
N TYR A 303 2.24 9.26 -37.91
CA TYR A 303 1.29 8.55 -37.10
C TYR A 303 2.00 7.31 -36.64
N GLY A 304 1.59 6.80 -35.47
CA GLY A 304 2.06 5.48 -35.03
C GLY A 304 0.98 4.71 -34.36
N THR A 305 1.34 3.91 -33.34
CA THR A 305 0.31 3.29 -32.50
C THR A 305 0.39 3.54 -31.01
N VAL A 306 -0.75 3.58 -30.32
CA VAL A 306 -0.70 3.55 -28.86
C VAL A 306 -1.17 2.23 -28.36
N LEU A 307 -0.35 1.58 -27.55
CA LEU A 307 -0.60 0.20 -27.15
C LEU A 307 -0.59 0.12 -25.65
N SER A 308 -1.45 -0.68 -25.03
CA SER A 308 -1.45 -0.60 -23.59
C SER A 308 -2.31 -1.68 -22.96
N ASN A 309 -2.04 -1.97 -21.67
CA ASN A 309 -2.78 -2.93 -20.90
C ASN A 309 -3.33 -2.21 -19.70
N PRO A 310 -4.45 -1.48 -19.85
CA PRO A 310 -4.93 -0.65 -18.74
C PRO A 310 -5.47 -1.46 -17.58
N PRO A 311 -5.56 -0.81 -16.42
CA PRO A 311 -6.11 -1.44 -15.22
C PRO A 311 -7.56 -1.87 -15.44
N TYR A 312 -8.08 -2.70 -14.53
CA TYR A 312 -9.47 -3.10 -14.61
C TYR A 312 -10.25 -3.19 -13.28
N GLY A 313 -9.52 -3.27 -12.17
CA GLY A 313 -10.19 -3.56 -10.84
C GLY A 313 -11.66 -4.02 -10.84
N ASP A 317 -16.26 0.14 -4.81
CA ASP A 317 -15.22 -0.15 -5.82
C ASP A 317 -14.56 1.14 -6.41
N SER A 318 -13.55 0.91 -7.26
CA SER A 318 -12.86 1.98 -8.00
C SER A 318 -13.46 2.14 -9.41
N GLU A 319 -14.62 1.51 -9.65
CA GLU A 319 -15.34 1.69 -10.88
C GLU A 319 -15.51 3.15 -11.35
N PRO A 320 -16.00 4.04 -10.47
CA PRO A 320 -16.09 5.37 -11.05
C PRO A 320 -14.77 5.95 -11.59
N ALA A 321 -13.65 5.52 -11.03
CA ALA A 321 -12.37 6.11 -11.37
C ALA A 321 -11.87 5.50 -12.66
N LEU A 322 -12.08 4.19 -12.76
CA LEU A 322 -11.76 3.47 -13.97
C LEU A 322 -12.58 3.87 -15.18
N ILE A 323 -13.86 4.11 -15.00
CA ILE A 323 -14.69 4.60 -16.07
C ILE A 323 -14.12 5.97 -16.53
N ALA A 324 -13.82 6.89 -15.60
CA ALA A 324 -13.33 8.21 -16.03
C ALA A 324 -12.02 8.03 -16.74
N LEU A 325 -11.23 7.06 -16.30
CA LEU A 325 -9.92 6.86 -16.90
C LEU A 325 -10.08 6.41 -18.36
N HIS A 326 -10.90 5.38 -18.59
CA HIS A 326 -11.12 4.90 -19.97
C HIS A 326 -11.81 5.93 -20.84
N SER A 327 -12.71 6.64 -20.20
CA SER A 327 -13.47 7.61 -20.89
C SER A 327 -12.58 8.81 -21.35
N LEU A 328 -11.63 9.20 -20.52
CA LEU A 328 -10.75 10.33 -20.82
C LEU A 328 -9.67 9.94 -21.84
N LEU A 329 -9.19 8.70 -21.73
CA LEU A 329 -8.28 8.14 -22.70
C LEU A 329 -8.86 8.23 -24.10
N GLY A 330 -10.10 7.78 -24.24
CA GLY A 330 -10.84 7.86 -25.50
C GLY A 330 -10.86 9.26 -26.05
N ARG A 331 -11.15 10.19 -25.16
CA ARG A 331 -11.25 11.59 -25.45
C ARG A 331 -9.90 12.15 -25.87
N ILE A 332 -8.85 11.76 -25.15
CA ILE A 332 -7.52 12.20 -25.52
C ILE A 332 -6.99 11.58 -26.82
N MET A 333 -7.20 10.26 -27.02
CA MET A 333 -6.95 9.69 -28.38
C MET A 333 -7.52 10.62 -29.47
N LYS A 334 -8.83 10.87 -29.43
CA LYS A 334 -9.52 11.59 -30.53
C LYS A 334 -8.99 13.01 -30.70
N ASN A 335 -8.59 13.59 -29.59
CA ASN A 335 -8.14 14.93 -29.60
C ASN A 335 -6.73 15.06 -30.11
N GLN A 336 -5.87 14.14 -29.75
CA GLN A 336 -4.48 14.37 -29.99
C GLN A 336 -3.79 13.34 -30.81
N PHE A 337 -4.39 12.18 -30.96
CA PHE A 337 -3.75 11.12 -31.69
C PHE A 337 -4.52 10.76 -32.95
N GLY A 338 -5.15 11.76 -33.57
CA GLY A 338 -5.89 11.53 -34.79
C GLY A 338 -4.96 10.84 -35.77
N GLY A 339 -5.45 9.83 -36.48
CA GLY A 339 -4.63 9.09 -37.42
C GLY A 339 -3.99 7.88 -36.78
N TRP A 340 -3.95 7.82 -35.44
CA TRP A 340 -3.20 6.74 -34.81
C TRP A 340 -3.93 5.40 -34.74
N ASN A 341 -3.15 4.35 -34.64
CA ASN A 341 -3.67 3.02 -34.39
C ASN A 341 -3.73 2.87 -32.87
N LEU A 342 -4.79 2.25 -32.33
CA LEU A 342 -4.85 2.05 -30.90
C LEU A 342 -5.02 0.57 -30.67
N SER A 343 -4.26 0.01 -29.75
CA SER A 343 -4.56 -1.34 -29.37
C SER A 343 -4.46 -1.50 -27.85
N LEU A 344 -5.39 -2.24 -27.27
CA LEU A 344 -5.57 -2.36 -25.82
C LEU A 344 -5.81 -3.81 -25.40
N PHE A 345 -5.23 -4.20 -24.28
CA PHE A 345 -5.38 -5.54 -23.82
C PHE A 345 -5.99 -5.42 -22.49
N SER A 346 -7.15 -6.03 -22.34
CA SER A 346 -7.89 -5.90 -21.09
C SER A 346 -8.63 -7.10 -20.63
N ALA A 347 -8.87 -7.14 -19.34
CA ALA A 347 -9.79 -8.08 -18.73
C ALA A 347 -11.20 -7.48 -18.60
N SER A 348 -11.41 -6.28 -19.14
CA SER A 348 -12.68 -5.57 -19.05
C SER A 348 -13.09 -4.94 -20.36
N PRO A 349 -13.79 -5.69 -21.19
CA PRO A 349 -14.47 -5.10 -22.38
C PRO A 349 -15.43 -3.96 -22.05
N ASP A 350 -16.08 -4.03 -20.87
CA ASP A 350 -17.03 -3.00 -20.48
C ASP A 350 -16.30 -1.70 -20.30
N LEU A 351 -15.12 -1.79 -19.70
CA LEU A 351 -14.30 -0.62 -19.50
C LEU A 351 -13.79 -0.09 -20.85
N LEU A 352 -13.46 -0.97 -21.79
CA LEU A 352 -13.02 -0.52 -23.12
C LEU A 352 -14.13 0.22 -23.82
N SER A 353 -15.37 -0.21 -23.62
CA SER A 353 -16.45 0.48 -24.31
C SER A 353 -16.48 1.98 -23.97
N CYS A 354 -16.03 2.37 -22.78
CA CYS A 354 -15.88 3.81 -22.42
C CYS A 354 -15.04 4.72 -23.31
N LEU A 355 -14.14 4.13 -24.13
CA LEU A 355 -13.35 4.91 -25.09
C LEU A 355 -14.26 5.54 -26.14
N GLN A 356 -15.40 4.89 -26.36
CA GLN A 356 -16.34 5.32 -27.40
C GLN A 356 -15.65 5.27 -28.82
N LEU A 357 -14.91 4.19 -29.08
CA LEU A 357 -14.36 3.91 -30.41
C LEU A 357 -14.80 2.51 -30.83
N ARG A 358 -15.05 2.33 -32.12
CA ARG A 358 -15.48 1.01 -32.53
C ARG A 358 -14.27 0.20 -32.97
N ALA A 359 -14.06 -0.95 -32.35
CA ALA A 359 -12.91 -1.76 -32.65
C ALA A 359 -13.08 -2.39 -34.02
N ASP A 360 -12.00 -2.49 -34.77
CA ASP A 360 -12.09 -3.21 -36.02
C ASP A 360 -11.47 -4.58 -36.03
N LYS A 361 -10.90 -5.00 -34.91
CA LYS A 361 -10.24 -6.29 -34.84
C LYS A 361 -10.18 -6.68 -33.39
N GLN A 362 -10.21 -7.96 -33.07
CA GLN A 362 -10.29 -8.34 -31.65
C GLN A 362 -9.71 -9.74 -31.47
N TYR A 363 -9.01 -9.97 -30.37
CA TYR A 363 -8.45 -11.30 -30.02
C TYR A 363 -8.75 -11.70 -28.59
N LYS A 364 -9.12 -12.96 -28.34
CA LYS A 364 -9.26 -13.45 -26.95
C LYS A 364 -7.97 -14.09 -26.44
N ALA A 365 -7.63 -13.91 -25.18
CA ALA A 365 -6.43 -14.52 -24.64
C ALA A 365 -6.55 -14.71 -23.16
N LYS A 366 -6.04 -15.81 -22.65
CA LYS A 366 -5.92 -16.01 -21.21
C LYS A 366 -4.61 -15.46 -20.68
N ASN A 367 -4.67 -14.70 -19.58
CA ASN A 367 -3.48 -14.21 -18.87
C ASN A 367 -3.42 -14.77 -17.44
N GLY A 368 -2.96 -16.02 -17.33
CA GLY A 368 -3.22 -16.88 -16.17
C GLY A 368 -4.71 -17.20 -16.13
N PRO A 369 -5.34 -17.16 -14.93
CA PRO A 369 -6.78 -17.46 -14.89
C PRO A 369 -7.66 -16.18 -15.07
N LEU A 370 -7.53 -15.48 -16.18
CA LEU A 370 -8.29 -14.24 -16.39
C LEU A 370 -8.51 -14.00 -17.86
N ASP A 371 -9.75 -13.85 -18.28
CA ASP A 371 -10.03 -13.81 -19.70
C ASP A 371 -9.77 -12.40 -20.19
N CYS A 372 -9.23 -12.22 -21.37
CA CYS A 372 -8.80 -10.89 -21.75
C CYS A 372 -9.04 -10.76 -23.20
N VAL A 373 -9.22 -9.53 -23.66
CA VAL A 373 -9.43 -9.38 -25.09
C VAL A 373 -8.37 -8.42 -25.46
N GLN A 374 -8.01 -8.38 -26.74
CA GLN A 374 -7.24 -7.28 -27.24
C GLN A 374 -8.08 -6.70 -28.37
N LYS A 375 -8.25 -5.38 -28.41
CA LYS A 375 -9.06 -4.73 -29.42
C LYS A 375 -8.24 -3.70 -30.13
N ASN A 376 -8.46 -3.52 -31.42
CA ASN A 376 -7.70 -2.55 -32.15
C ASN A 376 -8.59 -1.51 -32.74
N TYR A 377 -8.14 -0.29 -32.72
CA TYR A 377 -9.01 0.78 -33.08
C TYR A 377 -8.28 1.69 -34.01
N HIS A 378 -9.01 2.36 -34.88
CA HIS A 378 -8.38 3.41 -35.63
C HIS A 378 -8.98 4.75 -35.26
N VAL A 379 -8.17 5.69 -34.82
CA VAL A 379 -8.70 7.01 -34.49
C VAL A 379 -8.59 7.95 -35.68
N ALA A 380 -9.74 8.53 -35.98
CA ALA A 380 -10.00 9.37 -37.17
C ALA A 380 -9.05 10.53 -37.34
N GLU A 381 -8.63 10.84 -38.59
CA GLU A 381 -8.07 12.19 -38.92
C GLU A 381 -6.61 12.18 -39.38
N MET A 390 -21.97 11.04 -29.12
CA MET A 390 -21.70 12.03 -28.09
C MET A 390 -22.08 11.54 -26.68
N VAL A 391 -22.41 10.25 -26.59
CA VAL A 391 -22.62 9.53 -25.31
C VAL A 391 -23.84 9.97 -24.51
N ALA A 392 -24.95 9.29 -24.75
CA ALA A 392 -26.22 9.59 -24.10
C ALA A 392 -26.51 11.11 -24.10
N GLU A 393 -26.55 11.69 -25.30
CA GLU A 393 -26.99 13.09 -25.51
C GLU A 393 -28.28 13.31 -24.70
N ASP A 394 -29.18 12.37 -24.90
CA ASP A 394 -30.43 12.24 -24.24
C ASP A 394 -30.38 12.58 -22.73
N TYR A 395 -29.62 11.75 -22.00
CA TYR A 395 -29.42 11.86 -20.57
C TYR A 395 -28.60 13.08 -20.19
N THR A 396 -27.51 13.29 -20.93
CA THR A 396 -26.64 14.41 -20.68
C THR A 396 -27.45 15.68 -20.78
N ASN A 397 -28.20 15.86 -21.86
CA ASN A 397 -29.01 17.06 -22.01
C ASN A 397 -29.84 17.40 -20.76
N ARG A 398 -30.64 16.45 -20.29
CA ARG A 398 -31.52 16.68 -19.17
C ARG A 398 -30.71 17.04 -17.93
N LEU A 399 -29.58 16.35 -17.74
CA LEU A 399 -28.68 16.60 -16.64
C LEU A 399 -28.12 18.02 -16.62
N ARG A 400 -27.45 18.44 -17.69
CA ARG A 400 -26.87 19.79 -17.79
C ARG A 400 -27.88 20.82 -17.33
N LYS A 401 -29.13 20.58 -17.72
CA LYS A 401 -30.18 21.56 -17.58
C LYS A 401 -30.65 21.51 -16.13
N ASN A 402 -30.95 20.29 -15.65
CA ASN A 402 -31.31 20.11 -14.23
C ASN A 402 -30.27 20.69 -13.31
N LEU A 403 -29.03 20.64 -13.72
CA LEU A 403 -27.94 21.15 -12.92
C LEU A 403 -28.02 22.66 -12.87
N LYS A 404 -28.41 23.27 -13.98
CA LYS A 404 -28.48 24.72 -14.07
C LYS A 404 -29.58 25.24 -13.17
N LYS A 405 -30.75 24.60 -13.33
CA LYS A 405 -31.95 24.90 -12.58
C LYS A 405 -31.82 24.63 -11.09
N PHE A 406 -31.35 23.44 -10.72
CA PHE A 406 -31.26 23.08 -9.29
C PHE A 406 -30.08 23.68 -8.53
N GLU A 407 -28.99 23.98 -9.25
CA GLU A 407 -27.88 24.61 -8.57
C GLU A 407 -28.29 26.00 -8.08
N LYS A 408 -28.92 26.75 -8.97
CA LYS A 408 -29.39 28.08 -8.69
C LYS A 408 -30.40 27.97 -7.58
N TRP A 409 -31.37 27.09 -7.76
CA TRP A 409 -32.40 26.91 -6.74
C TRP A 409 -31.84 26.61 -5.33
N ALA A 410 -30.89 25.66 -5.22
CA ALA A 410 -30.29 25.21 -3.94
C ALA A 410 -29.54 26.32 -3.19
N ARG A 411 -28.85 27.14 -3.97
CA ARG A 411 -28.04 28.23 -3.45
C ARG A 411 -29.00 29.30 -2.89
N GLN A 412 -30.00 29.67 -3.68
CA GLN A 412 -31.13 30.50 -3.25
C GLN A 412 -31.75 29.99 -1.95
N GLU A 413 -31.92 28.68 -1.85
CA GLU A 413 -32.70 28.12 -0.76
C GLU A 413 -31.86 27.73 0.42
N GLY A 414 -30.55 27.95 0.31
CA GLY A 414 -29.56 27.50 1.30
C GLY A 414 -29.46 26.00 1.58
N ILE A 415 -29.62 25.16 0.55
CA ILE A 415 -29.57 23.69 0.75
C ILE A 415 -28.38 23.02 0.09
N GLU A 416 -27.89 21.95 0.71
CA GLU A 416 -26.62 21.29 0.35
C GLU A 416 -26.76 19.93 -0.31
N CYS A 417 -27.88 19.27 -0.06
CA CYS A 417 -28.13 17.92 -0.50
C CYS A 417 -29.48 17.87 -1.26
N TYR A 418 -29.42 17.55 -2.56
CA TYR A 418 -30.59 17.52 -3.38
C TYR A 418 -30.43 16.57 -4.56
N ARG A 419 -31.58 16.19 -5.12
CA ARG A 419 -31.67 15.32 -6.30
C ARG A 419 -31.40 16.06 -7.62
N LEU A 420 -30.35 15.67 -8.34
CA LEU A 420 -30.03 16.25 -9.63
C LEU A 420 -30.85 15.63 -10.77
N TYR A 421 -31.25 14.38 -10.58
CA TYR A 421 -31.87 13.65 -11.61
C TYR A 421 -32.63 12.50 -10.94
N ASP A 422 -33.89 12.34 -11.33
CA ASP A 422 -34.80 11.40 -10.71
C ASP A 422 -35.57 10.57 -11.75
N ALA A 423 -34.84 9.81 -12.57
CA ALA A 423 -35.42 8.88 -13.53
C ALA A 423 -36.21 9.61 -14.61
N ASP A 424 -35.93 10.90 -14.72
CA ASP A 424 -36.50 11.77 -15.71
C ASP A 424 -36.79 11.07 -17.03
N LEU A 425 -35.75 10.48 -17.64
CA LEU A 425 -35.91 9.76 -18.91
C LEU A 425 -36.03 8.29 -18.64
N PRO A 426 -37.08 7.62 -19.15
CA PRO A 426 -37.33 6.25 -18.64
C PRO A 426 -36.29 5.26 -19.19
N GLU A 427 -35.54 5.71 -20.20
CA GLU A 427 -34.49 4.94 -20.80
C GLU A 427 -33.15 5.05 -20.03
N TYR A 428 -33.12 5.82 -18.90
CA TYR A 428 -31.96 5.95 -17.96
C TYR A 428 -32.40 5.94 -16.53
N ASN A 429 -32.48 4.73 -15.97
CA ASN A 429 -33.31 4.57 -14.79
C ASN A 429 -32.51 4.61 -13.55
N VAL A 430 -32.13 5.83 -13.26
CA VAL A 430 -31.11 6.12 -12.29
C VAL A 430 -31.51 7.35 -11.47
N ALA A 431 -31.00 7.41 -10.25
CA ALA A 431 -31.09 8.63 -9.48
C ALA A 431 -29.69 9.21 -9.20
N VAL A 432 -29.60 10.53 -9.26
CA VAL A 432 -28.33 11.20 -8.99
C VAL A 432 -28.52 12.16 -7.85
N ASP A 433 -27.89 11.88 -6.71
CA ASP A 433 -28.00 12.78 -5.56
C ASP A 433 -26.71 13.48 -5.23
N ARG A 434 -26.83 14.75 -4.90
CA ARG A 434 -25.72 15.53 -4.45
C ARG A 434 -25.71 15.65 -2.91
N TYR A 435 -24.59 15.32 -2.26
CA TYR A 435 -24.46 15.64 -0.80
C TYR A 435 -23.20 16.47 -0.62
N ALA A 436 -23.38 17.77 -0.54
CA ALA A 436 -22.23 18.65 -0.42
C ALA A 436 -21.28 18.42 -1.61
N ASP A 437 -20.04 17.99 -1.37
CA ASP A 437 -19.03 17.80 -2.41
C ASP A 437 -19.13 16.41 -3.10
N TRP A 438 -19.93 15.51 -2.53
CA TRP A 438 -20.07 14.15 -3.03
C TRP A 438 -21.24 14.02 -3.98
N VAL A 439 -21.38 12.83 -4.61
CA VAL A 439 -22.46 12.53 -5.55
C VAL A 439 -22.74 11.05 -5.50
N VAL A 440 -24.02 10.67 -5.35
CA VAL A 440 -24.44 9.29 -5.38
C VAL A 440 -25.32 9.05 -6.58
N VAL A 441 -25.05 7.98 -7.31
CA VAL A 441 -25.99 7.51 -8.30
C VAL A 441 -26.50 6.17 -7.87
N GLN A 442 -27.81 6.08 -7.89
CA GLN A 442 -28.46 4.88 -7.49
C GLN A 442 -29.05 4.24 -8.72
N GLU A 443 -28.59 3.04 -9.07
CA GLU A 443 -29.28 2.30 -10.11
C GLU A 443 -30.56 1.77 -9.51
N TYR A 444 -31.65 1.91 -10.26
CA TYR A 444 -32.90 1.17 -10.02
C TYR A 444 -32.90 -0.01 -10.97
N ALA A 445 -34.08 -0.37 -11.48
CA ALA A 445 -34.21 -1.53 -12.38
C ALA A 445 -33.97 -1.24 -13.90
N PRO A 446 -33.38 -2.22 -14.62
CA PRO A 446 -33.43 -2.30 -16.08
C PRO A 446 -34.85 -2.22 -16.67
N HIS A 453 -24.27 -6.77 -19.96
CA HIS A 453 -23.06 -6.24 -20.64
C HIS A 453 -23.46 -4.98 -21.41
N LYS A 454 -24.53 -5.09 -22.22
CA LYS A 454 -25.27 -3.94 -22.76
C LYS A 454 -25.70 -2.99 -21.63
N ALA A 455 -26.27 -3.56 -20.57
CA ALA A 455 -26.80 -2.76 -19.50
C ALA A 455 -25.66 -2.12 -18.69
N ARG A 456 -24.61 -2.92 -18.42
CA ARG A 456 -23.45 -2.45 -17.68
C ARG A 456 -22.75 -1.34 -18.45
N GLN A 457 -22.57 -1.55 -19.74
CA GLN A 457 -22.08 -0.47 -20.58
C GLN A 457 -23.01 0.72 -20.61
N ARG A 458 -24.31 0.52 -20.45
CA ARG A 458 -25.21 1.67 -20.43
C ARG A 458 -25.08 2.45 -19.08
N LEU A 459 -24.90 1.68 -18.00
CA LEU A 459 -24.54 2.21 -16.68
C LEU A 459 -23.20 2.95 -16.72
N PHE A 460 -22.22 2.40 -17.43
CA PHE A 460 -20.93 3.05 -17.52
C PHE A 460 -21.08 4.37 -18.22
N ASP A 461 -21.79 4.36 -19.32
CA ASP A 461 -22.11 5.58 -20.03
C ASP A 461 -22.83 6.61 -19.14
N ILE A 462 -23.79 6.17 -18.32
CA ILE A 462 -24.45 7.14 -17.41
C ILE A 462 -23.43 7.70 -16.40
N ILE A 463 -22.59 6.84 -15.81
CA ILE A 463 -21.54 7.33 -14.92
C ILE A 463 -20.53 8.26 -15.61
N ALA A 464 -19.88 7.81 -16.67
CA ALA A 464 -19.05 8.71 -17.48
C ALA A 464 -19.72 10.10 -17.70
N ALA A 465 -20.96 10.08 -18.19
CA ALA A 465 -21.63 11.31 -18.51
C ALA A 465 -21.89 12.14 -17.25
N THR A 466 -22.20 11.48 -16.13
CA THR A 466 -22.58 12.30 -15.00
C THR A 466 -21.34 12.98 -14.48
N ILE A 467 -20.29 12.23 -14.36
CA ILE A 467 -19.01 12.82 -13.98
C ILE A 467 -18.62 14.01 -14.88
N SER A 468 -18.93 13.91 -16.18
CA SER A 468 -18.44 14.94 -17.09
C SER A 468 -19.30 16.18 -16.93
N VAL A 469 -20.59 15.96 -16.72
CA VAL A 469 -21.51 17.04 -16.71
C VAL A 469 -21.39 17.83 -15.42
N LEU A 470 -20.94 17.19 -14.36
CA LEU A 470 -20.94 17.83 -13.06
C LEU A 470 -19.59 18.44 -12.85
N GLY A 471 -18.66 18.06 -13.71
CA GLY A 471 -17.28 18.44 -13.54
C GLY A 471 -16.72 18.03 -12.20
N ILE A 472 -17.20 16.92 -11.63
CA ILE A 472 -16.83 16.50 -10.26
C ILE A 472 -15.47 15.87 -10.23
N ALA A 473 -15.32 14.65 -9.73
CA ALA A 473 -14.01 14.03 -9.58
C ALA A 473 -14.33 12.60 -9.15
N PRO A 474 -13.86 11.64 -9.93
CA PRO A 474 -14.37 10.26 -9.81
C PRO A 474 -14.33 9.74 -8.38
N ASN A 475 -13.35 10.21 -7.63
CA ASN A 475 -13.17 9.90 -6.21
C ASN A 475 -14.49 10.10 -5.39
N LYS A 476 -15.21 11.12 -5.81
CA LYS A 476 -16.31 11.69 -5.05
C LYS A 476 -17.68 11.24 -5.53
N LEU A 477 -17.73 10.39 -6.56
CA LEU A 477 -18.95 9.69 -6.94
C LEU A 477 -19.01 8.26 -6.38
N VAL A 478 -20.18 7.88 -5.92
CA VAL A 478 -20.46 6.62 -5.26
C VAL A 478 -21.58 6.04 -6.05
N LEU A 479 -21.44 4.77 -6.40
CA LEU A 479 -22.44 4.09 -7.16
C LEU A 479 -23.07 3.03 -6.27
N LYS A 480 -24.37 3.13 -6.05
CA LYS A 480 -25.09 2.10 -5.30
C LYS A 480 -26.05 1.44 -6.26
N THR A 481 -25.86 0.15 -6.52
CA THR A 481 -26.67 -0.55 -7.52
C THR A 481 -27.64 -1.62 -6.99
N ARG A 482 -28.08 -2.47 -7.93
CA ARG A 482 -29.19 -3.43 -7.80
C ARG A 482 -28.93 -4.59 -6.81
N GLU A 483 -28.08 -5.54 -7.25
CA GLU A 483 -27.59 -6.68 -6.46
C GLU A 483 -28.37 -7.03 -5.16
N LYS A 497 -16.72 -0.63 5.84
CA LYS A 497 -15.77 0.48 6.08
C LYS A 497 -16.48 1.80 5.75
N GLY A 498 -16.99 2.46 6.81
CA GLY A 498 -17.96 3.54 6.66
C GLY A 498 -17.46 4.90 7.08
N GLU A 499 -17.04 5.71 6.11
CA GLU A 499 -16.80 7.13 6.34
C GLU A 499 -18.17 7.85 6.28
N PHE A 500 -18.63 8.32 7.43
CA PHE A 500 -19.73 9.23 7.58
C PHE A 500 -19.33 10.66 7.24
N LEU A 501 -20.28 11.42 6.70
CA LEU A 501 -20.10 12.75 6.15
C LEU A 501 -20.99 13.74 6.83
N GLU A 502 -20.43 14.87 7.20
CA GLU A 502 -21.21 15.93 7.85
C GLU A 502 -21.79 16.94 6.85
N VAL A 503 -23.09 17.16 6.93
CA VAL A 503 -23.84 17.78 5.85
C VAL A 503 -24.73 18.81 6.50
N THR A 504 -25.25 19.79 5.76
CA THR A 504 -26.24 20.69 6.39
C THR A 504 -27.58 20.55 5.70
N GLU A 505 -28.65 20.97 6.38
CA GLU A 505 -29.97 21.07 5.74
C GLU A 505 -30.56 22.31 6.33
N TYR A 506 -30.57 23.41 5.58
CA TYR A 506 -30.88 24.72 6.13
C TYR A 506 -29.97 24.92 7.35
N ASN A 507 -30.51 25.02 8.57
CA ASN A 507 -29.67 25.28 9.75
C ASN A 507 -29.23 24.03 10.51
N ALA A 508 -29.74 22.87 10.10
CA ALA A 508 -29.39 21.64 10.77
C ALA A 508 -28.12 21.08 10.18
N HIS A 509 -27.28 20.45 11.01
CA HIS A 509 -26.10 19.70 10.53
C HIS A 509 -26.40 18.24 10.70
N LEU A 510 -26.09 17.37 9.73
CA LEU A 510 -26.51 15.97 9.83
C LEU A 510 -25.42 15.03 9.42
N TRP A 511 -25.42 13.82 9.98
CA TRP A 511 -24.49 12.79 9.55
C TRP A 511 -25.14 11.94 8.47
N VAL A 512 -24.44 11.76 7.35
CA VAL A 512 -24.83 10.77 6.35
C VAL A 512 -23.73 9.79 6.09
N ASN A 513 -24.11 8.66 5.51
CA ASN A 513 -23.16 7.65 5.17
C ASN A 513 -23.54 7.25 3.77
N LEU A 514 -22.66 7.54 2.80
CA LEU A 514 -23.07 7.47 1.43
C LEU A 514 -23.00 6.10 0.83
N THR A 515 -22.38 5.14 1.50
CA THR A 515 -22.07 3.84 0.88
C THR A 515 -22.61 2.59 1.59
N ASP A 516 -22.70 2.63 2.94
CA ASP A 516 -22.96 1.42 3.78
C ASP A 516 -24.39 0.89 3.98
N TYR A 517 -25.40 1.65 3.62
CA TYR A 517 -26.80 1.28 3.98
C TYR A 517 -27.75 1.40 2.78
N LEU A 518 -28.91 0.79 2.93
CA LEU A 518 -29.88 0.78 1.86
C LEU A 518 -30.07 2.24 1.37
N ASP A 519 -30.26 3.14 2.35
CA ASP A 519 -30.35 4.58 2.11
C ASP A 519 -29.21 5.36 2.77
N THR A 520 -29.24 6.69 2.71
CA THR A 520 -28.06 7.45 3.17
C THR A 520 -28.07 7.98 4.60
N GLY A 521 -29.16 7.77 5.33
CA GLY A 521 -29.34 8.42 6.62
C GLY A 521 -30.11 9.71 6.46
N LEU A 522 -30.57 10.00 5.24
CA LEU A 522 -31.36 11.20 5.05
C LEU A 522 -32.26 11.18 3.85
N PHE A 523 -33.57 11.26 4.06
CA PHE A 523 -34.51 11.34 2.93
C PHE A 523 -34.75 12.80 2.49
N LEU A 524 -34.12 13.17 1.38
CA LEU A 524 -34.10 14.58 0.96
C LEU A 524 -35.45 15.20 0.60
N ASP A 525 -36.42 14.39 0.19
CA ASP A 525 -37.70 14.95 -0.30
C ASP A 525 -38.56 15.49 0.84
N HIS A 526 -38.35 14.95 2.05
CA HIS A 526 -39.03 15.51 3.21
C HIS A 526 -38.47 16.80 3.81
N ARG A 527 -37.55 17.47 3.11
CA ARG A 527 -36.85 18.55 3.77
C ARG A 527 -37.77 19.68 4.22
N ILE A 528 -38.80 19.98 3.42
CA ILE A 528 -39.71 21.09 3.79
C ILE A 528 -40.58 20.80 5.06
N ALA A 529 -41.15 19.61 5.15
CA ALA A 529 -41.83 19.18 6.38
C ALA A 529 -40.88 19.34 7.57
N ARG A 530 -39.61 18.92 7.39
CA ARG A 530 -38.66 19.03 8.51
C ARG A 530 -38.46 20.49 8.85
N ARG A 531 -38.37 21.36 7.84
CA ARG A 531 -38.12 22.77 8.11
C ARG A 531 -39.33 23.35 8.81
N MET A 532 -40.51 22.82 8.49
CA MET A 532 -41.73 23.25 9.14
C MET A 532 -41.81 22.86 10.61
N LEU A 533 -41.41 21.62 10.95
CA LEU A 533 -41.30 21.20 12.32
C LEU A 533 -40.43 22.17 13.09
N GLY A 534 -39.44 22.71 12.40
CA GLY A 534 -38.51 23.63 13.00
C GLY A 534 -39.20 24.93 13.35
N GLN A 535 -40.13 25.39 12.53
CA GLN A 535 -40.67 26.71 12.76
C GLN A 535 -41.77 26.63 13.78
N MET A 536 -42.27 25.43 14.02
CA MET A 536 -43.46 25.26 14.85
C MET A 536 -43.08 24.91 16.31
N SER A 537 -41.78 24.85 16.60
CA SER A 537 -41.24 24.11 17.76
C SER A 537 -40.96 24.81 19.10
N LYS A 538 -40.82 26.15 19.11
CA LYS A 538 -40.41 26.87 20.32
C LYS A 538 -41.31 26.52 21.52
N GLY A 539 -40.65 26.05 22.59
CA GLY A 539 -41.26 25.69 23.88
C GLY A 539 -42.23 24.49 23.82
N LYS A 540 -42.10 23.68 22.77
CA LYS A 540 -43.06 22.62 22.53
C LYS A 540 -42.48 21.29 22.95
N ASP A 541 -43.28 20.48 23.62
CA ASP A 541 -42.94 19.06 23.77
C ASP A 541 -43.12 18.31 22.45
N PHE A 542 -42.03 17.82 21.85
CA PHE A 542 -42.09 17.21 20.51
C PHE A 542 -41.94 15.70 20.54
N LEU A 543 -42.74 15.04 19.71
CA LEU A 543 -42.58 13.60 19.55
C LEU A 543 -42.36 13.21 18.09
N ASN A 544 -41.42 12.30 17.87
CA ASN A 544 -41.07 11.85 16.51
C ASN A 544 -41.18 10.32 16.50
N LEU A 545 -42.13 9.72 15.80
CA LEU A 545 -42.27 8.26 15.77
C LEU A 545 -41.84 7.73 14.43
N PHE A 546 -41.37 6.46 14.38
CA PHE A 546 -40.70 5.95 13.14
C PHE A 546 -39.65 6.98 12.72
N SER A 547 -38.69 7.15 13.61
CA SER A 547 -37.86 8.30 13.57
C SER A 547 -36.69 8.12 12.61
N TYR A 548 -36.34 6.88 12.27
CA TYR A 548 -35.19 6.63 11.41
C TYR A 548 -34.03 7.37 12.02
N THR A 549 -33.28 8.16 11.26
CA THR A 549 -32.06 8.71 11.82
C THR A 549 -32.31 9.99 12.57
N GLY A 550 -33.57 10.33 12.81
CA GLY A 550 -33.93 11.50 13.63
C GLY A 550 -33.70 12.89 13.08
N SER A 551 -33.59 13.03 11.77
CA SER A 551 -33.34 14.34 11.23
C SER A 551 -34.43 15.28 11.62
N ALA A 552 -35.68 14.82 11.63
CA ALA A 552 -36.74 15.72 12.03
C ALA A 552 -36.59 16.20 13.50
N THR A 553 -36.07 15.33 14.38
CA THR A 553 -35.86 15.73 15.75
C THR A 553 -34.80 16.85 15.83
N VAL A 554 -33.75 16.75 15.01
CA VAL A 554 -32.77 17.79 15.03
C VAL A 554 -33.41 19.12 14.69
N HIS A 555 -34.23 19.18 13.61
CA HIS A 555 -34.91 20.44 13.23
C HIS A 555 -35.78 21.01 14.34
N ALA A 556 -36.51 20.13 15.02
CA ALA A 556 -37.38 20.54 16.13
C ALA A 556 -36.55 21.00 17.34
N GLY A 557 -35.41 20.37 17.59
CA GLY A 557 -34.61 20.75 18.71
C GLY A 557 -34.01 22.10 18.43
N LEU A 558 -33.51 22.32 17.22
CA LEU A 558 -32.91 23.62 16.94
C LEU A 558 -33.95 24.73 16.89
N GLY A 559 -35.24 24.39 16.85
CA GLY A 559 -36.26 25.41 16.77
C GLY A 559 -36.74 25.74 18.17
N GLY A 560 -36.13 25.11 19.15
CA GLY A 560 -36.45 25.44 20.54
C GLY A 560 -37.53 24.55 21.10
N ALA A 561 -37.68 23.32 20.60
CA ALA A 561 -38.44 22.31 21.36
C ALA A 561 -38.05 22.37 22.86
N ARG A 562 -38.99 22.12 23.74
CA ARG A 562 -38.69 22.20 25.16
C ARG A 562 -38.27 20.82 25.55
N SER A 563 -38.69 19.84 24.75
CA SER A 563 -38.20 18.49 24.91
C SER A 563 -38.46 17.72 23.61
N THR A 564 -37.63 16.71 23.31
CA THR A 564 -37.88 15.79 22.17
C THR A 564 -37.90 14.31 22.60
N THR A 565 -38.77 13.54 22.01
CA THR A 565 -38.77 12.12 22.29
C THR A 565 -38.77 11.49 20.91
N THR A 566 -37.85 10.57 20.68
CA THR A 566 -37.60 10.04 19.34
C THR A 566 -37.65 8.52 19.45
N VAL A 567 -38.61 7.90 18.76
CA VAL A 567 -38.78 6.44 18.89
C VAL A 567 -38.70 5.72 17.58
N ASP A 568 -38.09 4.52 17.64
CA ASP A 568 -37.80 3.68 16.51
C ASP A 568 -37.41 2.29 17.01
N MET A 569 -37.56 1.30 16.13
CA MET A 569 -37.33 -0.08 16.51
C MET A 569 -35.89 -0.49 16.33
N SER A 570 -35.11 0.30 15.56
CA SER A 570 -33.70 0.01 15.26
C SER A 570 -32.72 0.70 16.19
N ARG A 571 -31.93 -0.09 16.92
CA ARG A 571 -30.85 0.48 17.76
C ARG A 571 -29.81 1.26 16.94
N THR A 572 -29.46 0.72 15.77
CA THR A 572 -28.48 1.38 14.87
C THR A 572 -28.95 2.74 14.48
N TYR A 573 -30.22 2.83 14.06
CA TYR A 573 -30.82 4.08 13.67
C TYR A 573 -31.03 5.09 14.80
N LEU A 574 -31.32 4.61 15.99
CA LEU A 574 -31.33 5.50 17.14
C LEU A 574 -29.92 5.99 17.55
N GLU A 575 -28.90 5.10 17.55
CA GLU A 575 -27.51 5.54 17.78
C GLU A 575 -27.19 6.71 16.83
N TRP A 576 -27.60 6.58 15.58
CA TRP A 576 -27.32 7.60 14.61
C TRP A 576 -28.14 8.83 14.95
N ALA A 577 -29.38 8.60 15.36
CA ALA A 577 -30.24 9.70 15.73
C ALA A 577 -29.56 10.50 16.81
N GLU A 578 -29.16 9.81 17.86
CA GLU A 578 -28.40 10.38 18.96
C GLU A 578 -27.19 11.16 18.45
N ARG A 579 -26.37 10.55 17.57
CA ARG A 579 -25.20 11.26 16.99
C ARG A 579 -25.64 12.51 16.24
N ASN A 580 -26.76 12.48 15.53
CA ASN A 580 -27.24 13.70 14.88
C ASN A 580 -27.59 14.80 15.89
N LEU A 581 -28.22 14.39 16.99
CA LEU A 581 -28.56 15.31 18.08
C LEU A 581 -27.30 15.91 18.71
N ARG A 582 -26.38 15.04 19.10
CA ARG A 582 -25.08 15.47 19.60
C ARG A 582 -24.47 16.57 18.74
N LEU A 583 -24.55 16.35 17.43
CA LEU A 583 -23.95 17.19 16.42
C LEU A 583 -24.46 18.60 16.51
N ASN A 584 -25.66 18.75 17.03
CA ASN A 584 -26.29 20.04 17.15
C ASN A 584 -26.44 20.48 18.62
N GLY A 585 -25.60 19.91 19.48
CA GLY A 585 -25.58 20.32 20.88
C GLY A 585 -26.92 20.01 21.50
N LEU A 586 -27.61 19.00 21.04
CA LEU A 586 -28.88 18.71 21.70
C LEU A 586 -28.74 17.45 22.56
N THR A 587 -28.16 17.60 23.76
CA THR A 587 -27.98 16.42 24.64
C THR A 587 -28.64 16.67 25.97
N GLY A 588 -28.78 15.62 26.77
CA GLY A 588 -29.24 15.75 28.13
C GLY A 588 -30.66 15.25 28.38
N ARG A 589 -31.13 15.43 29.61
CA ARG A 589 -32.40 14.94 30.08
C ARG A 589 -33.59 15.25 29.14
N ALA A 590 -33.60 16.46 28.56
CA ALA A 590 -34.67 16.89 27.63
C ALA A 590 -34.76 16.16 26.29
N HIS A 591 -33.74 15.39 25.90
CA HIS A 591 -33.83 14.67 24.63
C HIS A 591 -33.76 13.16 24.80
N ARG A 592 -34.91 12.47 24.76
CA ARG A 592 -34.97 11.00 24.94
C ARG A 592 -35.02 10.25 23.62
N LEU A 593 -34.33 9.12 23.59
CA LEU A 593 -34.53 8.21 22.50
C LEU A 593 -35.03 6.92 23.06
N ILE A 594 -35.99 6.30 22.41
CA ILE A 594 -36.58 5.10 22.92
C ILE A 594 -36.61 4.05 21.83
N GLN A 595 -36.20 2.85 22.19
CA GLN A 595 -36.23 1.74 21.28
C GLN A 595 -37.47 0.92 21.57
N ALA A 596 -38.44 0.98 20.66
CA ALA A 596 -39.70 0.20 20.75
C ALA A 596 -40.31 0.07 19.38
N ASP A 597 -41.22 -0.90 19.26
CA ASP A 597 -42.19 -0.95 18.21
C ASP A 597 -43.11 0.23 18.49
N CYS A 598 -43.19 1.20 17.58
CA CYS A 598 -44.04 2.37 17.81
C CYS A 598 -45.53 2.05 18.06
N LEU A 599 -46.08 1.11 17.31
CA LEU A 599 -47.46 0.74 17.56
C LEU A 599 -47.76 0.27 18.99
N ALA A 600 -46.88 -0.51 19.62
CA ALA A 600 -47.02 -0.81 21.07
C ALA A 600 -46.71 0.38 21.99
N TRP A 601 -45.73 1.18 21.63
CA TRP A 601 -45.45 2.33 22.45
C TRP A 601 -46.63 3.34 22.50
N LEU A 602 -47.34 3.48 21.38
CA LEU A 602 -48.57 4.29 21.30
C LEU A 602 -49.67 3.76 22.16
N ARG A 603 -49.93 2.46 22.02
CA ARG A 603 -50.99 1.79 22.78
C ARG A 603 -50.77 1.98 24.30
N GLU A 604 -49.53 2.23 24.73
CA GLU A 604 -49.17 2.19 26.14
C GLU A 604 -48.70 3.47 26.73
N ALA A 605 -48.54 4.50 25.93
CA ALA A 605 -47.85 5.67 26.46
C ALA A 605 -48.81 6.57 27.21
N ASN A 606 -48.25 7.29 28.17
CA ASN A 606 -49.06 8.20 28.92
C ASN A 606 -48.78 9.65 28.54
N GLU A 607 -47.53 10.06 28.63
CA GLU A 607 -47.16 11.45 28.40
C GLU A 607 -47.91 12.17 27.30
N GLN A 608 -47.92 13.50 27.36
CA GLN A 608 -48.53 14.34 26.33
C GLN A 608 -47.48 15.17 25.55
N PHE A 609 -47.81 15.60 24.33
CA PHE A 609 -46.91 16.37 23.47
C PHE A 609 -47.69 17.39 22.74
N ASP A 610 -47.02 18.50 22.47
CA ASP A 610 -47.61 19.57 21.63
C ASP A 610 -47.49 19.33 20.13
N LEU A 611 -46.48 18.58 19.72
CA LEU A 611 -46.15 18.42 18.29
C LEU A 611 -45.73 17.00 18.09
N ILE A 612 -46.49 16.27 17.29
CA ILE A 612 -46.16 14.91 16.98
C ILE A 612 -45.85 14.75 15.51
N PHE A 613 -44.67 14.31 15.18
CA PHE A 613 -44.34 14.04 13.80
C PHE A 613 -44.35 12.54 13.62
N ILE A 614 -45.12 12.07 12.64
CA ILE A 614 -45.26 10.65 12.45
C ILE A 614 -45.28 10.33 10.97
N ASP A 615 -44.41 9.40 10.58
CA ASP A 615 -44.12 9.14 9.19
C ASP A 615 -43.83 7.67 8.96
N PRO A 616 -44.86 6.83 9.05
CA PRO A 616 -44.73 5.38 9.10
C PRO A 616 -44.32 4.73 7.79
N PRO A 617 -43.95 3.43 7.88
CA PRO A 617 -43.78 2.66 6.69
C PRO A 617 -45.19 2.29 6.21
N THR A 618 -45.36 2.20 4.88
CA THR A 618 -46.63 1.83 4.27
C THR A 618 -47.05 0.45 4.83
N PHE A 619 -46.05 -0.45 4.90
CA PHE A 619 -46.19 -1.75 5.56
C PHE A 619 -45.01 -1.96 6.53
N ALA A 628 -47.74 -6.04 11.22
CA ALA A 628 -49.19 -6.03 11.50
C ALA A 628 -49.75 -4.61 11.28
N PHE A 629 -49.08 -3.88 10.38
CA PHE A 629 -49.41 -2.49 10.07
C PHE A 629 -49.43 -2.17 8.57
N ASP A 630 -50.60 -1.68 8.18
CA ASP A 630 -50.90 -1.18 6.87
C ASP A 630 -51.33 0.28 7.06
N VAL A 631 -50.64 1.26 6.47
CA VAL A 631 -51.09 2.65 6.69
C VAL A 631 -52.50 2.90 6.24
N GLN A 632 -52.86 2.39 5.05
CA GLN A 632 -54.17 2.70 4.53
C GLN A 632 -55.25 2.21 5.47
N ARG A 633 -55.17 0.94 5.87
CA ARG A 633 -56.19 0.36 6.74
C ARG A 633 -56.13 1.02 8.14
N ASP A 634 -54.90 1.15 8.66
CA ASP A 634 -54.67 1.41 10.07
C ASP A 634 -54.55 2.86 10.46
N HIS A 635 -54.28 3.76 9.51
CA HIS A 635 -54.06 5.17 9.85
C HIS A 635 -55.13 5.74 10.79
N LEU A 636 -56.37 5.32 10.62
CA LEU A 636 -57.43 5.80 11.50
C LEU A 636 -57.25 5.35 12.97
N ALA A 637 -56.94 4.07 13.18
CA ALA A 637 -56.62 3.53 14.50
C ALA A 637 -55.33 4.14 15.08
N LEU A 638 -54.42 4.58 14.21
CA LEU A 638 -53.27 5.38 14.61
C LEU A 638 -53.66 6.72 15.21
N MET A 639 -54.57 7.44 14.54
CA MET A 639 -54.96 8.77 15.00
C MET A 639 -55.80 8.67 16.26
N LYS A 640 -56.37 7.49 16.50
CA LYS A 640 -57.11 7.25 17.71
C LYS A 640 -56.17 7.29 18.89
N ASP A 641 -55.13 6.47 18.83
CA ASP A 641 -54.19 6.39 19.92
C ASP A 641 -53.41 7.66 20.09
N LEU A 642 -53.20 8.37 19.00
CA LEU A 642 -52.31 9.50 19.00
C LEU A 642 -53.07 10.65 19.65
N LYS A 643 -54.38 10.66 19.47
CA LYS A 643 -55.24 11.62 20.14
C LYS A 643 -55.01 11.72 21.65
N ARG A 644 -54.78 10.58 22.31
CA ARG A 644 -54.58 10.66 23.75
C ARG A 644 -53.20 11.15 24.18
N LEU A 645 -52.30 11.25 23.23
CA LEU A 645 -50.98 11.72 23.48
C LEU A 645 -50.88 13.19 23.15
N LEU A 646 -51.95 13.77 22.59
CA LEU A 646 -51.89 15.11 22.00
C LEU A 646 -52.47 16.12 22.94
N ARG A 647 -51.59 16.91 23.58
CA ARG A 647 -51.99 18.08 24.39
C ARG A 647 -52.89 19.03 23.61
N ALA A 648 -53.92 19.53 24.30
CA ALA A 648 -54.75 20.64 23.85
C ALA A 648 -53.94 21.61 23.03
N GLY A 649 -54.49 22.01 21.92
CA GLY A 649 -53.79 22.92 21.01
C GLY A 649 -52.75 22.32 20.07
N GLY A 650 -52.33 21.06 20.27
CA GLY A 650 -51.24 20.44 19.50
C GLY A 650 -51.57 20.14 18.03
N THR A 651 -50.55 19.83 17.27
CA THR A 651 -50.68 19.43 15.86
C THR A 651 -49.99 18.09 15.77
N ILE A 652 -50.49 17.24 14.90
CA ILE A 652 -49.80 16.05 14.47
C ILE A 652 -49.48 16.24 12.99
N MET A 653 -48.28 15.93 12.58
CA MET A 653 -47.95 16.00 11.18
C MET A 653 -47.72 14.54 10.77
N PHE A 654 -48.54 14.10 9.84
CA PHE A 654 -48.66 12.73 9.43
C PHE A 654 -48.21 12.66 7.97
N SER A 655 -47.24 11.80 7.70
CA SER A 655 -46.72 11.52 6.35
C SER A 655 -46.75 10.03 6.07
N ASN A 656 -46.84 9.73 4.79
CA ASN A 656 -46.69 8.37 4.30
C ASN A 656 -46.39 8.51 2.84
N ASN A 657 -46.00 7.39 2.22
CA ASN A 657 -45.74 7.42 0.79
C ASN A 657 -46.37 6.26 0.02
N LYS A 658 -47.53 5.82 0.51
CA LYS A 658 -48.39 4.94 -0.24
C LYS A 658 -49.00 5.66 -1.48
N ARG A 659 -48.76 5.06 -2.64
CA ARG A 659 -49.35 5.54 -3.87
C ARG A 659 -50.84 5.39 -3.71
N GLY A 660 -51.55 6.48 -4.00
CA GLY A 660 -53.00 6.54 -3.90
C GLY A 660 -53.52 6.36 -2.50
N PHE A 661 -52.88 7.04 -1.56
CA PHE A 661 -53.33 6.99 -0.19
C PHE A 661 -54.60 7.86 -0.09
N ARG A 662 -55.63 7.30 0.50
CA ARG A 662 -56.82 8.11 0.82
C ARG A 662 -56.96 8.30 2.34
N MET A 663 -56.88 9.57 2.75
CA MET A 663 -57.21 9.93 4.11
C MET A 663 -58.68 9.75 4.38
N ASP A 664 -59.00 9.00 5.42
CA ASP A 664 -60.40 8.84 5.76
C ASP A 664 -60.93 10.04 6.57
N LEU A 665 -61.14 11.14 5.86
CA LEU A 665 -61.65 12.41 6.42
C LEU A 665 -62.93 12.23 7.23
N ASP A 666 -63.72 11.24 6.82
CA ASP A 666 -65.00 10.90 7.45
C ASP A 666 -64.74 10.31 8.85
N GLY A 667 -63.73 9.45 8.93
CA GLY A 667 -63.45 8.79 10.18
C GLY A 667 -62.79 9.73 11.17
N LEU A 668 -61.99 10.66 10.68
CA LEU A 668 -61.33 11.68 11.47
C LEU A 668 -62.32 12.59 12.17
N ALA A 669 -63.32 13.06 11.42
CA ALA A 669 -64.29 13.99 11.97
C ALA A 669 -65.05 13.34 13.13
N LYS A 670 -65.18 12.01 13.01
CA LYS A 670 -65.83 11.14 14.01
C LYS A 670 -65.05 11.16 15.28
N LEU A 671 -63.73 11.10 15.12
CA LEU A 671 -62.74 11.22 16.20
C LEU A 671 -62.55 12.65 16.75
N GLY A 672 -63.38 13.61 16.33
CA GLY A 672 -63.19 15.01 16.70
C GLY A 672 -61.87 15.59 16.22
N LEU A 673 -61.40 15.13 15.06
CA LEU A 673 -60.14 15.63 14.48
C LEU A 673 -60.39 16.22 13.10
N LYS A 674 -59.56 17.19 12.71
CA LYS A 674 -59.55 17.69 11.35
C LYS A 674 -58.17 17.60 10.72
N ALA A 675 -58.16 17.35 9.43
CA ALA A 675 -56.97 17.06 8.70
C ALA A 675 -56.82 18.09 7.60
N GLN A 676 -55.65 18.67 7.51
CA GLN A 676 -55.36 19.67 6.53
C GLN A 676 -54.15 19.22 5.71
N GLU A 677 -54.40 19.03 4.43
CA GLU A 677 -53.38 18.53 3.52
C GLU A 677 -52.42 19.62 3.08
N ILE A 678 -51.14 19.37 3.29
CA ILE A 678 -50.10 20.32 2.99
C ILE A 678 -49.09 19.72 2.02
N THR A 679 -49.43 18.59 1.40
CA THR A 679 -48.53 17.90 0.47
C THR A 679 -47.89 18.78 -0.61
N GLN A 680 -48.66 19.72 -1.13
CA GLN A 680 -48.13 20.65 -2.14
C GLN A 680 -47.14 21.67 -1.57
N LYS A 681 -47.52 22.29 -0.46
CA LYS A 681 -46.67 23.17 0.34
C LYS A 681 -45.38 22.43 0.77
N THR A 682 -45.43 21.11 0.90
CA THR A 682 -44.22 20.42 1.31
C THR A 682 -43.48 19.64 0.23
N LEU A 683 -43.84 19.85 -1.02
CA LEU A 683 -43.09 19.21 -2.08
C LEU A 683 -41.91 20.09 -2.51
N SER A 684 -40.70 19.54 -2.55
CA SER A 684 -39.51 20.27 -2.96
C SER A 684 -39.25 20.18 -4.50
N GLN A 685 -38.78 21.27 -5.10
CA GLN A 685 -38.53 21.33 -6.56
C GLN A 685 -37.75 20.19 -7.21
N ASP A 686 -36.77 19.63 -6.50
CA ASP A 686 -35.97 18.52 -7.02
C ASP A 686 -36.76 17.23 -7.10
N PHE A 687 -38.00 17.26 -6.60
CA PHE A 687 -38.86 16.06 -6.52
C PHE A 687 -40.23 16.28 -7.14
N ALA A 688 -40.38 17.38 -7.89
CA ALA A 688 -41.68 17.81 -8.42
C ALA A 688 -42.17 16.85 -9.52
N ARG A 689 -41.46 16.79 -10.65
CA ARG A 689 -41.82 15.85 -11.72
C ARG A 689 -41.56 14.37 -11.31
N ASN A 690 -41.68 14.07 -10.01
CA ASN A 690 -41.45 12.71 -9.54
C ASN A 690 -42.61 11.80 -9.91
N ARG A 691 -43.83 12.18 -9.53
CA ARG A 691 -45.00 11.30 -9.73
C ARG A 691 -45.03 10.15 -8.70
N GLN A 692 -43.97 10.01 -7.93
CA GLN A 692 -44.06 9.30 -6.66
C GLN A 692 -44.39 10.38 -5.61
N ILE A 693 -45.11 10.02 -4.56
CA ILE A 693 -45.72 11.03 -3.68
C ILE A 693 -45.63 10.73 -2.17
N HIS A 694 -44.87 11.56 -1.45
CA HIS A 694 -44.93 11.59 0.02
C HIS A 694 -46.13 12.51 0.20
N ASN A 695 -47.25 11.98 0.69
CA ASN A 695 -48.31 12.87 1.08
C ASN A 695 -48.25 13.20 2.57
N CYS A 696 -48.73 14.39 2.90
CA CYS A 696 -48.46 15.04 4.17
C CYS A 696 -49.67 15.82 4.73
N TRP A 697 -49.88 15.71 6.04
CA TRP A 697 -51.07 16.29 6.72
C TRP A 697 -50.79 16.91 8.10
N LEU A 698 -51.47 18.01 8.38
CA LEU A 698 -51.51 18.57 9.72
C LEU A 698 -52.85 18.11 10.31
N ILE A 699 -52.83 17.23 11.31
CA ILE A 699 -54.05 16.80 11.95
C ILE A 699 -54.22 17.62 13.24
N THR A 700 -55.33 18.31 13.43
CA THR A 700 -55.58 18.95 14.75
C THR A 700 -56.97 18.59 15.28
N ALA A 701 -57.38 19.22 16.40
CA ALA A 701 -58.74 19.04 16.95
C ALA A 701 -59.81 19.80 16.16
N ALA A 702 -60.94 19.14 15.93
CA ALA A 702 -62.25 19.80 15.77
C ALA A 702 -62.31 21.24 15.11
N MET B 1 -20.73 3.49 52.44
CA MET B 1 -19.27 3.40 52.12
C MET B 1 -18.90 2.08 51.44
N ASN B 2 -18.92 2.07 50.11
CA ASN B 2 -18.64 0.88 49.30
C ASN B 2 -17.19 0.77 48.96
N SER B 3 -16.76 -0.42 48.55
CA SER B 3 -15.41 -0.60 48.04
C SER B 3 -15.38 -0.92 46.56
N LEU B 4 -14.54 -0.20 45.82
CA LEU B 4 -14.35 -0.38 44.38
C LEU B 4 -12.90 -0.57 44.03
N PHE B 5 -12.68 -1.25 42.91
CA PHE B 5 -11.37 -1.30 42.33
C PHE B 5 -11.37 -0.62 40.97
N ALA B 6 -10.56 0.40 40.81
CA ALA B 6 -10.28 0.94 39.49
C ALA B 6 -9.02 0.30 38.94
N SER B 7 -9.06 -0.27 37.74
CA SER B 7 -7.83 -0.77 37.13
C SER B 7 -7.28 0.14 36.01
N THR B 8 -5.96 0.28 35.93
CA THR B 8 -5.30 0.99 34.81
C THR B 8 -4.14 0.17 34.28
N ALA B 9 -3.48 0.67 33.24
CA ALA B 9 -2.26 0.02 32.73
C ALA B 9 -0.99 0.48 33.46
N ARG B 10 0.16 -0.03 32.98
CA ARG B 10 1.47 0.62 33.12
C ARG B 10 1.68 1.38 34.43
N GLY B 11 2.31 2.55 34.34
CA GLY B 11 2.64 3.41 35.49
C GLY B 11 1.68 4.57 35.61
N LEU B 12 0.39 4.24 35.57
CA LEU B 12 -0.67 5.22 35.65
C LEU B 12 -1.37 5.24 37.03
N GLU B 13 -0.99 4.29 37.88
CA GLU B 13 -1.71 4.02 39.12
C GLU B 13 -1.64 5.23 40.02
N GLU B 14 -0.48 5.86 39.99
CA GLU B 14 -0.25 7.04 40.78
C GLU B 14 -1.17 8.16 40.34
N LEU B 15 -1.16 8.50 39.04
CA LEU B 15 -2.02 9.56 38.52
C LEU B 15 -3.49 9.28 38.72
N LEU B 16 -3.86 8.01 38.64
CA LEU B 16 -5.25 7.63 38.85
C LEU B 16 -5.71 7.99 40.24
N LYS B 17 -4.89 7.58 41.22
CA LYS B 17 -5.15 7.77 42.65
C LYS B 17 -5.42 9.22 43.01
N THR B 18 -4.56 10.12 42.52
CA THR B 18 -4.85 11.56 42.63
C THR B 18 -6.25 11.86 42.07
N GLU B 19 -6.51 11.45 40.80
CA GLU B 19 -7.79 11.75 40.12
C GLU B 19 -9.00 11.20 40.90
N LEU B 20 -8.92 9.96 41.37
CA LEU B 20 -9.94 9.47 42.29
C LEU B 20 -10.07 10.31 43.57
N GLU B 21 -8.97 10.80 44.10
CA GLU B 21 -9.07 11.62 45.30
C GLU B 21 -9.78 12.91 44.97
N ASN B 22 -9.39 13.56 43.87
CA ASN B 22 -10.06 14.83 43.50
C ASN B 22 -11.59 14.72 43.24
N LEU B 23 -12.10 13.54 42.86
CA LEU B 23 -13.56 13.35 42.71
C LEU B 23 -14.22 13.00 44.02
N GLY B 24 -13.45 12.75 45.06
CA GLY B 24 -14.05 12.51 46.35
C GLY B 24 -13.69 11.19 46.99
N ALA B 25 -12.93 10.36 46.30
CA ALA B 25 -12.58 9.05 46.83
C ALA B 25 -11.81 9.16 48.14
N VAL B 26 -11.60 8.02 48.77
CA VAL B 26 -11.15 7.94 50.14
C VAL B 26 -10.51 6.55 50.31
N GLU B 27 -9.41 6.49 51.06
CA GLU B 27 -8.74 5.22 51.35
C GLU B 27 -8.24 4.52 50.11
N CYS B 28 -7.73 5.30 49.17
CA CYS B 28 -7.22 4.75 47.92
C CYS B 28 -5.84 4.17 48.14
N GLN B 29 -5.58 3.07 47.45
CA GLN B 29 -4.36 2.33 47.65
C GLN B 29 -3.80 1.95 46.29
N VAL B 30 -2.84 2.74 45.82
CA VAL B 30 -2.08 2.40 44.65
C VAL B 30 -1.78 0.92 44.81
N VAL B 31 -1.69 0.18 43.71
CA VAL B 31 -1.50 -1.26 43.84
C VAL B 31 -1.09 -1.94 42.52
N GLN B 32 -0.42 -1.20 41.63
CA GLN B 32 0.18 -1.75 40.39
C GLN B 32 -0.77 -2.65 39.56
N GLY B 33 -1.37 -2.06 38.53
CA GLY B 33 -2.45 -2.71 37.80
C GLY B 33 -3.78 -2.04 38.10
N GLY B 34 -3.75 -1.10 39.06
CA GLY B 34 -4.95 -0.41 39.55
C GLY B 34 -4.92 0.24 40.94
N VAL B 35 -6.06 0.76 41.36
CA VAL B 35 -6.21 1.43 42.64
C VAL B 35 -7.49 0.91 43.29
N HIS B 36 -7.41 0.46 44.55
CA HIS B 36 -8.60 0.15 45.35
C HIS B 36 -9.06 1.43 45.99
N PHE B 37 -10.36 1.72 45.96
CA PHE B 37 -10.85 2.90 46.69
C PHE B 37 -12.22 2.71 47.34
N LYS B 38 -12.62 3.70 48.13
CA LYS B 38 -13.88 3.64 48.83
C LYS B 38 -14.66 4.92 48.61
N GLY B 39 -15.98 4.82 48.69
CA GLY B 39 -16.81 6.00 48.73
C GLY B 39 -18.29 5.69 48.85
N ASP B 40 -19.11 6.75 48.97
CA ASP B 40 -20.56 6.57 48.95
C ASP B 40 -21.11 6.31 47.53
N THR B 41 -22.36 5.89 47.47
CA THR B 41 -22.94 5.50 46.21
C THR B 41 -22.84 6.62 45.15
N ARG B 42 -22.97 7.88 45.54
CA ARG B 42 -22.70 8.97 44.58
C ARG B 42 -21.26 8.96 44.06
N LEU B 43 -20.31 8.74 44.95
CA LEU B 43 -18.91 8.75 44.55
C LEU B 43 -18.68 7.68 43.46
N VAL B 44 -19.43 6.60 43.51
CA VAL B 44 -19.31 5.54 42.55
C VAL B 44 -19.59 6.06 41.11
N TYR B 45 -20.75 6.69 40.97
CA TYR B 45 -21.18 7.25 39.71
C TYR B 45 -20.31 8.43 39.23
N GLN B 46 -19.83 9.26 40.15
CA GLN B 46 -18.89 10.31 39.77
C GLN B 46 -17.63 9.71 39.20
N SER B 47 -17.14 8.62 39.78
CA SER B 47 -15.88 8.05 39.31
C SER B 47 -16.01 7.48 37.89
N LEU B 48 -17.17 6.84 37.67
CA LEU B 48 -17.44 6.20 36.38
C LEU B 48 -17.49 7.27 35.32
N MET B 49 -18.17 8.35 35.67
CA MET B 49 -18.34 9.47 34.78
C MET B 49 -17.05 10.26 34.53
N TRP B 50 -16.21 10.42 35.55
CA TRP B 50 -15.19 11.44 35.48
C TRP B 50 -13.77 10.94 35.42
N SER B 51 -13.56 9.65 35.63
CA SER B 51 -12.22 9.13 35.53
C SER B 51 -11.68 9.08 34.09
N ARG B 52 -10.64 9.86 33.79
CA ARG B 52 -10.04 9.79 32.46
C ARG B 52 -8.99 8.70 32.33
N LEU B 53 -8.62 8.12 33.47
CA LEU B 53 -7.47 7.19 33.49
C LEU B 53 -7.80 5.71 33.74
N ALA B 54 -8.90 5.44 34.45
CA ALA B 54 -9.32 4.08 34.74
C ALA B 54 -9.60 3.38 33.43
N SER B 55 -9.39 2.07 33.39
CA SER B 55 -9.74 1.26 32.26
C SER B 55 -11.11 0.67 32.57
N ARG B 56 -11.27 0.08 33.75
CA ARG B 56 -12.58 -0.43 34.16
C ARG B 56 -12.71 -0.15 35.63
N ILE B 57 -13.92 0.04 36.12
CA ILE B 57 -14.15 0.18 37.54
C ILE B 57 -15.11 -0.91 37.97
N MET B 58 -14.72 -1.68 38.99
CA MET B 58 -15.50 -2.83 39.44
C MET B 58 -15.98 -2.65 40.85
N LEU B 59 -17.11 -3.29 41.16
CA LEU B 59 -17.62 -3.44 42.54
C LEU B 59 -17.34 -4.87 43.01
N PRO B 60 -16.35 -5.04 43.91
CA PRO B 60 -15.98 -6.31 44.52
C PRO B 60 -17.15 -6.95 45.26
N LEU B 61 -17.49 -8.19 44.88
CA LEU B 61 -18.62 -8.92 45.46
C LEU B 61 -18.25 -9.99 46.53
N GLY B 62 -17.46 -11.01 46.17
CA GLY B 62 -17.11 -12.06 47.14
C GLY B 62 -15.88 -12.90 46.81
N GLU B 63 -15.60 -13.91 47.64
CA GLU B 63 -14.47 -14.82 47.45
C GLU B 63 -14.82 -16.17 48.11
N CYS B 64 -13.95 -17.18 47.94
CA CYS B 64 -14.18 -18.56 48.43
C CYS B 64 -12.91 -19.40 48.42
N TYR B 67 -11.05 -24.99 45.43
CA TYR B 67 -10.24 -26.22 45.53
C TYR B 67 -10.87 -27.39 44.75
N SER B 68 -12.06 -27.15 44.17
CA SER B 68 -12.76 -28.12 43.32
C SER B 68 -14.00 -27.52 42.68
N ASP B 69 -14.54 -28.22 41.68
CA ASP B 69 -15.84 -27.93 41.02
C ASP B 69 -16.96 -27.49 41.97
N LEU B 70 -17.21 -28.33 42.99
CA LEU B 70 -18.29 -28.14 43.98
C LEU B 70 -18.08 -26.91 44.88
N ASP B 71 -16.82 -26.57 45.13
CA ASP B 71 -16.48 -25.36 45.88
C ASP B 71 -16.86 -24.10 45.11
N LEU B 72 -16.49 -24.04 43.82
CA LEU B 72 -16.83 -22.93 42.93
C LEU B 72 -18.34 -22.82 42.78
N TYR B 73 -18.98 -23.98 42.62
CA TYR B 73 -20.42 -24.04 42.53
C TYR B 73 -21.08 -23.45 43.78
N LEU B 74 -20.69 -23.95 44.96
CA LEU B 74 -21.24 -23.43 46.23
C LEU B 74 -20.85 -21.98 46.51
N GLY B 75 -19.55 -21.66 46.37
CA GLY B 75 -19.02 -20.30 46.59
C GLY B 75 -19.73 -19.22 45.80
N VAL B 76 -20.20 -19.59 44.61
CA VAL B 76 -20.86 -18.65 43.71
C VAL B 76 -22.37 -18.53 43.97
N GLN B 77 -22.97 -19.58 44.55
CA GLN B 77 -24.39 -19.51 44.93
C GLN B 77 -24.61 -18.80 46.27
N ALA B 78 -23.49 -18.50 46.95
CA ALA B 78 -23.45 -17.63 48.13
C ALA B 78 -23.80 -16.18 47.76
N ILE B 79 -23.68 -15.83 46.48
CA ILE B 79 -24.08 -14.53 46.01
C ILE B 79 -25.55 -14.58 45.56
N ASN B 80 -26.35 -13.67 46.11
CA ASN B 80 -27.80 -13.63 45.91
C ASN B 80 -28.17 -13.13 44.53
N TRP B 81 -27.73 -13.85 43.50
CA TRP B 81 -27.95 -13.43 42.11
C TRP B 81 -29.42 -13.20 41.77
N THR B 82 -30.32 -13.85 42.48
CA THR B 82 -31.76 -13.72 42.27
C THR B 82 -32.31 -12.31 42.59
N GLU B 83 -31.86 -11.76 43.73
CA GLU B 83 -32.18 -10.39 44.11
C GLU B 83 -31.40 -9.38 43.28
N MET B 84 -30.21 -9.77 42.82
CA MET B 84 -29.27 -8.86 42.14
CA MET B 84 -29.33 -8.80 42.17
C MET B 84 -29.45 -8.64 40.63
N PHE B 85 -30.04 -9.64 39.94
CA PHE B 85 -30.32 -9.54 38.48
C PHE B 85 -31.70 -8.97 38.22
N ASN B 86 -31.79 -8.01 37.31
CA ASN B 86 -33.11 -7.48 36.97
C ASN B 86 -33.99 -8.48 36.20
N PRO B 87 -35.33 -8.36 36.31
CA PRO B 87 -36.28 -9.26 35.67
C PRO B 87 -35.98 -9.62 34.22
N GLY B 88 -35.27 -8.76 33.50
CA GLY B 88 -35.04 -9.01 32.07
C GLY B 88 -33.58 -9.25 31.66
N ALA B 89 -32.66 -8.92 32.58
CA ALA B 89 -31.22 -8.84 32.31
C ALA B 89 -30.52 -10.08 31.74
N THR B 90 -29.64 -9.78 30.78
CA THR B 90 -28.68 -10.68 30.17
C THR B 90 -27.41 -10.57 30.96
N PHE B 91 -26.48 -11.49 30.78
CA PHE B 91 -25.21 -11.40 31.49
C PHE B 91 -24.12 -12.15 30.74
N ALA B 92 -22.88 -12.01 31.21
CA ALA B 92 -21.76 -12.82 30.75
C ALA B 92 -20.66 -12.80 31.77
N VAL B 93 -19.76 -13.77 31.66
CA VAL B 93 -18.68 -13.94 32.64
C VAL B 93 -17.32 -13.85 31.95
N HIS B 94 -16.41 -13.13 32.61
CA HIS B 94 -15.05 -12.94 32.16
C HIS B 94 -14.10 -13.85 32.94
N ARG B 103 -11.48 -26.35 28.93
CA ARG B 103 -10.63 -25.26 28.45
C ARG B 103 -10.37 -24.25 29.58
N ASN B 104 -9.42 -24.56 30.47
CA ASN B 104 -9.15 -23.75 31.67
C ASN B 104 -9.33 -22.25 31.49
N SER B 105 -10.00 -21.65 32.47
CA SER B 105 -10.52 -20.27 32.44
C SER B 105 -11.80 -20.20 31.61
N GLN B 106 -11.86 -20.92 30.48
CA GLN B 106 -13.11 -21.06 29.73
C GLN B 106 -14.01 -22.13 30.39
N TYR B 107 -13.42 -23.21 30.91
CA TYR B 107 -14.17 -24.19 31.72
C TYR B 107 -14.72 -23.48 32.95
N GLY B 108 -13.87 -22.70 33.63
CA GLY B 108 -14.27 -21.91 34.79
C GLY B 108 -15.47 -21.06 34.49
N ALA B 109 -15.40 -20.31 33.39
CA ALA B 109 -16.50 -19.45 32.96
C ALA B 109 -17.82 -20.21 32.82
N MET B 110 -17.82 -21.30 32.05
CA MET B 110 -19.04 -22.10 31.81
C MET B 110 -19.63 -22.64 33.12
N LYS B 111 -18.81 -23.29 33.93
CA LYS B 111 -19.24 -23.73 35.26
C LYS B 111 -19.22 -22.56 36.26
N VAL B 112 -19.65 -21.38 35.80
CA VAL B 112 -20.03 -20.24 36.67
C VAL B 112 -21.37 -19.69 36.15
N LYS B 113 -21.59 -19.81 34.85
CA LYS B 113 -22.93 -19.66 34.26
C LYS B 113 -23.91 -20.68 34.87
N ASP B 114 -23.55 -21.97 34.89
CA ASP B 114 -24.00 -22.94 35.93
C ASP B 114 -23.03 -22.57 37.06
N ALA B 115 -23.48 -22.10 38.22
CA ALA B 115 -24.83 -22.23 38.73
C ALA B 115 -25.58 -20.93 38.90
N ILE B 116 -25.11 -19.87 38.27
CA ILE B 116 -25.87 -18.65 38.26
C ILE B 116 -27.22 -18.92 37.58
N VAL B 117 -27.16 -19.48 36.36
CA VAL B 117 -28.31 -20.13 35.77
C VAL B 117 -28.46 -21.42 36.58
N ASP B 118 -29.63 -21.55 37.22
CA ASP B 118 -30.04 -22.68 38.10
C ASP B 118 -30.22 -22.21 39.54
N ALA B 119 -29.44 -21.20 39.94
CA ALA B 119 -29.83 -20.37 41.07
C ALA B 119 -31.24 -19.86 40.78
N PHE B 120 -31.49 -19.42 39.54
CA PHE B 120 -32.81 -18.93 39.09
C PHE B 120 -33.97 -20.00 39.02
N THR B 121 -33.86 -21.04 39.85
CA THR B 121 -35.00 -21.90 40.25
C THR B 121 -34.77 -22.39 41.68
N ARG B 122 -33.92 -23.41 41.79
CA ARG B 122 -33.70 -24.20 43.01
C ARG B 122 -32.33 -24.88 42.97
N PRO B 126 -36.96 -18.80 36.06
CA PRO B 126 -36.74 -18.05 34.81
C PRO B 126 -35.25 -17.89 34.46
N ARG B 127 -34.63 -18.96 33.97
CA ARG B 127 -33.19 -18.98 33.62
C ARG B 127 -32.72 -17.76 32.76
N PRO B 128 -31.72 -16.99 33.25
CA PRO B 128 -31.22 -15.69 32.70
C PRO B 128 -30.85 -15.64 31.21
N ASN B 129 -29.93 -16.51 30.78
CA ASN B 129 -29.51 -16.62 29.37
C ASN B 129 -28.75 -15.42 28.84
N VAL B 130 -27.46 -15.63 28.57
CA VAL B 130 -26.69 -14.83 27.62
C VAL B 130 -25.18 -15.00 27.69
N ASP B 131 -24.54 -14.34 26.72
CA ASP B 131 -23.08 -14.07 26.61
C ASP B 131 -22.93 -12.74 25.82
N ARG B 132 -23.92 -11.86 26.03
CA ARG B 132 -24.56 -11.07 24.99
C ARG B 132 -23.73 -10.06 24.19
N ASP B 133 -22.41 -10.28 24.09
CA ASP B 133 -21.43 -9.34 23.46
C ASP B 133 -21.55 -7.91 24.03
N ALA B 134 -22.75 -7.60 24.54
CA ALA B 134 -23.06 -6.44 25.37
C ALA B 134 -23.96 -6.96 26.51
N PRO B 135 -23.35 -7.62 27.51
CA PRO B 135 -24.11 -8.22 28.62
C PRO B 135 -24.58 -7.14 29.58
N ASP B 136 -25.80 -7.24 30.07
CA ASP B 136 -26.27 -6.24 31.02
C ASP B 136 -25.37 -6.24 32.30
N ILE B 137 -25.01 -7.44 32.76
CA ILE B 137 -24.16 -7.62 33.93
C ILE B 137 -22.93 -8.39 33.49
N ARG B 138 -21.75 -7.80 33.69
CA ARG B 138 -20.52 -8.53 33.48
C ARG B 138 -19.94 -8.90 34.85
N VAL B 139 -19.49 -10.13 34.98
CA VAL B 139 -18.91 -10.58 36.23
C VAL B 139 -17.54 -11.18 35.95
N ASN B 140 -16.54 -10.73 36.73
CA ASN B 140 -15.14 -11.19 36.61
C ASN B 140 -14.67 -11.98 37.84
N VAL B 141 -13.80 -12.98 37.66
CA VAL B 141 -13.25 -13.71 38.82
C VAL B 141 -11.72 -13.71 38.87
N TRP B 142 -11.15 -13.21 39.99
CA TRP B 142 -9.69 -13.27 40.27
C TRP B 142 -9.37 -13.68 41.72
N ILE B 150 -14.76 -12.76 42.64
CA ILE B 150 -16.01 -12.35 42.02
C ILE B 150 -16.28 -10.85 42.21
N ALA B 151 -16.43 -10.13 41.11
CA ALA B 151 -16.63 -8.68 41.11
C ALA B 151 -17.54 -8.24 39.98
N LEU B 152 -18.42 -7.27 40.23
CA LEU B 152 -19.31 -6.74 39.20
C LEU B 152 -18.61 -5.62 38.46
N ASP B 153 -18.68 -5.67 37.13
CA ASP B 153 -17.96 -4.67 36.34
C ASP B 153 -18.92 -3.59 35.99
N LEU B 154 -18.61 -2.38 36.47
CA LEU B 154 -19.51 -1.26 36.39
C LEU B 154 -19.35 -0.49 35.08
N SER B 155 -18.20 -0.61 34.47
CA SER B 155 -17.93 0.11 33.25
C SER B 155 -18.71 -0.45 32.08
N GLY B 156 -18.81 -1.77 32.02
CA GLY B 156 -19.41 -2.43 30.86
C GLY B 156 -18.41 -2.57 29.72
N ASP B 157 -18.21 -1.50 28.95
CA ASP B 157 -17.14 -1.42 27.93
C ASP B 157 -15.97 -0.76 28.60
N GLY B 158 -14.76 -1.00 28.12
CA GLY B 158 -13.59 -0.31 28.66
C GLY B 158 -13.84 1.19 28.72
N LEU B 159 -13.29 1.87 29.71
CA LEU B 159 -13.63 3.28 29.89
C LEU B 159 -12.91 4.22 28.91
N HIS B 160 -11.88 3.71 28.25
CA HIS B 160 -11.15 4.43 27.23
C HIS B 160 -12.06 4.78 26.08
N LEU B 161 -13.05 3.93 25.82
CA LEU B 161 -14.13 4.25 24.85
C LEU B 161 -15.08 5.38 25.33
N ARG B 162 -14.74 6.63 25.03
CA ARG B 162 -15.55 7.80 25.44
C ARG B 162 -16.76 8.03 24.56
N GLY B 163 -16.81 7.34 23.41
CA GLY B 163 -17.96 7.42 22.55
C GLY B 163 -17.79 8.41 21.41
N TYR B 164 -16.56 8.65 20.98
CA TYR B 164 -16.30 9.46 19.78
C TYR B 164 -15.49 8.72 18.76
N ARG B 165 -15.33 7.41 18.94
CA ARG B 165 -14.75 6.61 17.88
C ARG B 165 -15.56 5.35 17.58
N ASP B 166 -15.04 4.19 18.05
CA ASP B 166 -15.66 2.81 18.01
C ASP B 166 -14.57 1.73 18.14
N ALA B 171 -6.52 1.92 17.63
CA ALA B 171 -6.10 2.53 18.91
C ALA B 171 -4.55 2.73 18.99
N PRO B 172 -3.97 3.67 18.20
CA PRO B 172 -2.52 3.95 18.22
C PRO B 172 -2.03 4.43 19.59
N ILE B 173 -2.78 5.33 20.22
CA ILE B 173 -2.70 5.55 21.67
C ILE B 173 -4.13 5.52 22.21
N LYS B 174 -4.34 4.70 23.24
CA LYS B 174 -5.60 4.63 23.96
C LYS B 174 -5.89 5.97 24.60
N GLU B 175 -7.18 6.29 24.80
CA GLU B 175 -7.62 7.61 25.27
C GLU B 175 -7.16 7.90 26.68
N THR B 176 -6.97 6.84 27.46
CA THR B 176 -6.45 6.98 28.80
C THR B 176 -4.97 7.32 28.78
N LEU B 177 -4.20 6.54 28.03
CA LEU B 177 -2.78 6.85 27.95
C LEU B 177 -2.66 8.24 27.36
N ALA B 178 -3.54 8.57 26.41
CA ALA B 178 -3.46 9.84 25.75
C ALA B 178 -3.76 10.96 26.75
N ALA B 179 -4.72 10.68 27.63
CA ALA B 179 -5.05 11.63 28.70
C ALA B 179 -3.85 11.85 29.61
N ALA B 180 -3.16 10.75 29.96
CA ALA B 180 -1.92 10.79 30.75
C ALA B 180 -0.79 11.56 30.03
N ILE B 181 -0.62 11.32 28.72
CA ILE B 181 0.31 12.13 27.91
C ILE B 181 0.00 13.62 27.99
N VAL B 182 -1.25 14.02 27.94
CA VAL B 182 -1.46 15.45 28.01
C VAL B 182 -1.19 16.03 29.41
N MET B 183 -1.65 15.36 30.47
CA MET B 183 -1.34 15.84 31.83
C MET B 183 0.19 16.05 32.02
N ARG B 184 0.98 15.05 31.61
CA ARG B 184 2.44 15.07 31.68
C ARG B 184 3.12 16.11 30.82
N SER B 185 2.44 16.60 29.78
CA SER B 185 3.08 17.39 28.73
C SER B 185 3.56 18.75 29.20
N GLY B 186 3.09 19.21 30.34
CA GLY B 186 3.52 20.53 30.75
C GLY B 186 2.50 21.55 30.32
N TRP B 187 1.60 21.15 29.43
CA TRP B 187 0.67 22.07 28.80
C TRP B 187 -0.29 22.74 29.75
N GLN B 188 -0.43 24.04 29.59
CA GLN B 188 -1.48 24.76 30.32
C GLN B 188 -2.88 24.83 29.62
N PRO B 189 -3.91 24.22 30.23
CA PRO B 189 -5.19 24.39 29.61
C PRO B 189 -5.50 25.89 29.54
N GLY B 190 -6.02 26.34 28.39
CA GLY B 190 -6.30 27.73 28.19
C GLY B 190 -5.18 28.36 27.38
N THR B 191 -4.14 27.58 27.07
CA THR B 191 -3.09 28.07 26.20
C THR B 191 -3.05 27.22 24.91
N PRO B 192 -2.64 27.82 23.78
CA PRO B 192 -2.65 27.09 22.51
C PRO B 192 -1.97 25.74 22.62
N LEU B 193 -2.58 24.72 22.01
CA LEU B 193 -1.98 23.41 21.88
C LEU B 193 -1.98 23.00 20.42
N LEU B 194 -0.86 22.52 19.91
CA LEU B 194 -0.72 22.27 18.48
C LEU B 194 -0.06 20.91 18.25
N ASP B 195 -0.49 20.18 17.23
CA ASP B 195 0.16 18.92 16.95
C ASP B 195 0.35 18.71 15.46
N PRO B 196 1.58 18.84 14.96
CA PRO B 196 1.82 18.83 13.51
C PRO B 196 1.81 17.45 12.88
N MET B 197 1.62 16.43 13.70
CA MET B 197 1.61 15.06 13.25
C MET B 197 0.51 14.33 14.03
N CYS B 198 -0.70 14.85 13.91
CA CYS B 198 -1.74 14.56 14.89
C CYS B 198 -2.43 13.23 14.69
N GLY B 199 -2.28 12.66 13.50
CA GLY B 199 -2.99 11.44 13.14
C GLY B 199 -4.49 11.53 13.41
N SER B 200 -5.01 10.58 14.18
CA SER B 200 -6.41 10.54 14.62
C SER B 200 -6.84 11.72 15.48
N GLY B 201 -5.88 12.46 16.03
CA GLY B 201 -6.20 13.62 16.86
C GLY B 201 -6.48 13.31 18.32
N THR B 202 -6.25 12.07 18.76
CA THR B 202 -6.66 11.62 20.10
C THR B 202 -6.04 12.44 21.21
N LEU B 203 -4.81 12.84 20.97
CA LEU B 203 -4.08 13.71 21.88
C LEU B 203 -4.78 15.06 22.03
N LEU B 204 -5.16 15.68 20.92
CA LEU B 204 -5.86 16.92 21.00
C LEU B 204 -7.25 16.73 21.52
N ILE B 205 -7.83 15.55 21.28
CA ILE B 205 -9.22 15.40 21.71
C ILE B 205 -9.28 15.25 23.26
N GLU B 206 -8.39 14.40 23.81
CA GLU B 206 -8.33 14.24 25.23
C GLU B 206 -8.06 15.60 25.92
N ALA B 207 -7.19 16.41 25.33
CA ALA B 207 -6.86 17.75 25.84
C ALA B 207 -8.01 18.69 25.87
N ALA B 208 -8.76 18.77 24.77
CA ALA B 208 -9.93 19.63 24.72
C ALA B 208 -11.03 19.19 25.66
N MET B 209 -11.24 17.89 25.79
CA MET B 209 -12.24 17.43 26.72
C MET B 209 -11.88 17.72 28.16
N LEU B 210 -10.59 17.69 28.45
CA LEU B 210 -10.08 17.93 29.76
C LEU B 210 -10.08 19.41 30.04
N ALA B 211 -9.65 20.21 29.06
CA ALA B 211 -9.69 21.66 29.16
C ALA B 211 -11.11 22.24 29.31
N THR B 212 -12.13 21.57 28.82
CA THR B 212 -13.44 22.21 28.78
C THR B 212 -14.35 21.50 29.72
N ASP B 213 -13.77 20.67 30.57
CA ASP B 213 -14.50 20.15 31.70
C ASP B 213 -15.55 19.14 31.24
N ARG B 214 -15.18 18.34 30.25
CA ARG B 214 -16.16 17.54 29.51
C ARG B 214 -15.87 16.10 29.87
N ALA B 215 -16.82 15.49 30.57
CA ALA B 215 -16.56 14.21 31.24
C ALA B 215 -16.19 13.12 30.26
N PRO B 216 -15.20 12.27 30.61
CA PRO B 216 -14.90 11.17 29.66
C PRO B 216 -16.16 10.32 29.30
N GLY B 217 -17.10 10.20 30.25
CA GLY B 217 -18.28 9.40 30.04
C GLY B 217 -19.46 10.19 29.50
N LEU B 218 -19.25 11.44 29.10
CA LEU B 218 -20.40 12.26 28.74
C LEU B 218 -21.15 11.63 27.57
N HIS B 219 -20.39 11.20 26.60
CA HIS B 219 -20.94 10.64 25.40
C HIS B 219 -20.86 9.11 25.39
N ARG B 220 -20.82 8.43 26.52
CA ARG B 220 -20.81 6.98 26.42
C ARG B 220 -22.25 6.48 26.29
N GLY B 221 -22.45 5.48 25.44
CA GLY B 221 -23.74 4.86 25.28
C GLY B 221 -24.12 3.73 26.22
N ARG B 222 -23.18 3.03 26.85
CA ARG B 222 -23.57 2.01 27.84
C ARG B 222 -22.61 1.75 28.99
N TRP B 223 -23.19 1.35 30.11
CA TRP B 223 -22.51 1.18 31.36
C TRP B 223 -22.77 -0.22 31.89
N GLY B 224 -22.08 -0.61 32.95
CA GLY B 224 -22.20 -1.97 33.48
C GLY B 224 -23.20 -2.10 34.62
N PHE B 225 -23.87 -1.01 34.95
CA PHE B 225 -24.72 -1.02 36.11
C PHE B 225 -26.22 -1.15 35.87
N SER B 226 -26.61 -1.03 34.60
CA SER B 226 -28.03 -0.96 34.24
C SER B 226 -28.85 -2.22 34.49
N GLY B 227 -28.21 -3.39 34.44
CA GLY B 227 -28.91 -4.65 34.71
C GLY B 227 -29.04 -4.97 36.20
N TRP B 228 -28.20 -4.30 37.01
CA TRP B 228 -28.01 -4.60 38.41
C TRP B 228 -29.09 -3.95 39.24
N ALA B 229 -29.52 -4.67 40.29
CA ALA B 229 -30.68 -4.26 41.05
C ALA B 229 -30.34 -3.21 42.09
N GLN B 230 -29.11 -3.20 42.57
CA GLN B 230 -28.71 -2.19 43.52
C GLN B 230 -28.41 -0.85 42.82
N HIS B 231 -28.72 -0.73 41.55
CA HIS B 231 -28.47 0.50 40.86
C HIS B 231 -29.39 1.64 41.27
N ASP B 232 -28.84 2.83 41.44
CA ASP B 232 -29.61 3.98 41.91
C ASP B 232 -29.82 5.08 40.82
N GLU B 233 -30.95 4.99 40.13
CA GLU B 233 -31.24 5.85 39.00
C GLU B 233 -31.19 7.31 39.40
N ALA B 234 -31.60 7.56 40.63
CA ALA B 234 -31.77 8.93 41.10
C ALA B 234 -30.40 9.54 41.14
N ILE B 235 -29.48 8.81 41.74
CA ILE B 235 -28.14 9.32 41.91
C ILE B 235 -27.44 9.47 40.55
N TRP B 236 -27.63 8.48 39.69
CA TRP B 236 -27.11 8.56 38.34
C TRP B 236 -27.65 9.77 37.52
N GLN B 237 -28.94 10.10 37.70
CA GLN B 237 -29.55 11.31 37.12
C GLN B 237 -28.90 12.62 37.58
N GLU B 238 -28.70 12.72 38.89
CA GLU B 238 -27.88 13.79 39.45
C GLU B 238 -26.53 13.94 38.75
N VAL B 239 -25.77 12.85 38.72
CA VAL B 239 -24.45 12.84 38.15
C VAL B 239 -24.46 13.29 36.69
N LYS B 240 -25.44 12.77 35.96
CA LYS B 240 -25.64 13.10 34.54
C LYS B 240 -25.89 14.58 34.31
N ALA B 241 -26.89 15.12 34.99
CA ALA B 241 -27.26 16.52 34.85
C ALA B 241 -26.05 17.40 35.17
N GLU B 242 -25.25 16.97 36.17
CA GLU B 242 -24.10 17.79 36.50
C GLU B 242 -23.00 17.65 35.41
N ALA B 243 -22.82 16.45 34.86
CA ALA B 243 -22.00 16.30 33.63
C ALA B 243 -22.44 17.26 32.49
N GLN B 244 -23.74 17.35 32.21
CA GLN B 244 -24.24 18.21 31.12
C GLN B 244 -23.90 19.67 31.36
N THR B 245 -24.32 20.13 32.54
CA THR B 245 -24.11 21.50 32.97
C THR B 245 -22.69 21.91 32.82
N ARG B 246 -21.79 21.00 33.19
CA ARG B 246 -20.41 21.33 33.38
C ARG B 246 -19.72 21.38 32.03
N ALA B 247 -20.12 20.47 31.13
CA ALA B 247 -19.55 20.40 29.80
C ALA B 247 -19.97 21.61 28.99
N ARG B 248 -21.24 22.04 29.13
CA ARG B 248 -21.75 23.21 28.40
C ARG B 248 -20.98 24.47 28.75
N LYS B 249 -20.83 24.70 30.06
CA LYS B 249 -20.14 25.85 30.58
C LYS B 249 -18.65 25.89 30.14
N GLY B 250 -17.97 24.76 30.21
CA GLY B 250 -16.56 24.70 29.81
C GLY B 250 -16.37 24.95 28.33
N LEU B 251 -17.27 24.42 27.52
CA LEU B 251 -17.32 24.68 26.10
C LEU B 251 -17.59 26.15 25.78
N ALA B 252 -18.65 26.72 26.33
CA ALA B 252 -19.05 28.09 26.01
C ALA B 252 -18.00 29.13 26.43
N GLU B 253 -17.22 28.83 27.46
CA GLU B 253 -16.32 29.82 28.07
C GLU B 253 -14.87 29.70 27.66
N TYR B 254 -14.53 28.63 26.94
CA TYR B 254 -13.16 28.44 26.47
C TYR B 254 -12.75 29.54 25.48
N SER B 255 -11.45 29.74 25.36
CA SER B 255 -10.87 30.94 24.72
C SER B 255 -9.70 30.57 23.81
N SER B 256 -8.87 29.62 24.23
CA SER B 256 -7.75 29.14 23.45
C SER B 256 -8.24 28.17 22.37
N HIS B 257 -7.34 27.67 21.56
CA HIS B 257 -7.68 26.81 20.43
C HIS B 257 -6.81 25.57 20.31
N PHE B 258 -7.22 24.58 19.53
CA PHE B 258 -6.38 23.44 19.30
C PHE B 258 -6.10 23.32 17.80
N TYR B 259 -4.82 23.11 17.49
CA TYR B 259 -4.37 23.01 16.09
C TYR B 259 -3.78 21.66 15.85
N GLY B 260 -4.27 20.98 14.82
CA GLY B 260 -3.77 19.66 14.47
C GLY B 260 -3.53 19.50 13.00
N SER B 261 -2.47 18.78 12.66
CA SER B 261 -2.20 18.51 11.26
C SER B 261 -1.37 17.25 11.08
N ASP B 262 -1.45 16.72 9.86
CA ASP B 262 -0.84 15.46 9.47
C ASP B 262 -0.75 15.53 7.95
N SER B 263 0.15 14.77 7.36
CA SER B 263 0.36 14.85 5.92
C SER B 263 -0.56 13.90 5.16
N ASP B 264 -1.24 13.03 5.93
CA ASP B 264 -2.10 11.96 5.38
C ASP B 264 -3.56 12.42 5.41
N ALA B 265 -4.10 12.79 4.25
CA ALA B 265 -5.50 13.24 4.17
C ALA B 265 -6.53 12.28 4.79
N ARG B 266 -6.27 10.98 4.71
CA ARG B 266 -7.29 10.08 5.23
C ARG B 266 -7.43 10.14 6.75
N VAL B 267 -6.33 10.37 7.50
CA VAL B 267 -6.49 10.40 8.97
C VAL B 267 -7.07 11.71 9.44
N ILE B 268 -6.70 12.79 8.75
CA ILE B 268 -7.29 14.08 9.03
C ILE B 268 -8.82 13.92 8.98
N GLN B 269 -9.32 13.38 7.87
CA GLN B 269 -10.72 13.08 7.79
C GLN B 269 -11.22 12.31 9.07
N ARG B 270 -10.58 11.20 9.46
CA ARG B 270 -10.99 10.47 10.64
C ARG B 270 -10.91 11.36 11.91
N ALA B 271 -9.98 12.30 11.90
CA ALA B 271 -9.73 13.08 13.11
C ALA B 271 -10.86 14.08 13.27
N ARG B 272 -11.11 14.82 12.17
CA ARG B 272 -12.13 15.86 12.11
C ARG B 272 -13.43 15.29 12.57
N THR B 273 -13.73 14.05 12.21
CA THR B 273 -15.00 13.55 12.65
C THR B 273 -15.02 12.98 14.06
N ASN B 274 -13.87 12.52 14.53
CA ASN B 274 -13.73 12.14 15.93
C ASN B 274 -13.86 13.32 16.85
N ALA B 275 -13.23 14.43 16.45
CA ALA B 275 -13.34 15.65 17.25
C ALA B 275 -14.81 16.05 17.40
N ARG B 276 -15.53 15.89 16.30
CA ARG B 276 -16.91 16.26 16.14
C ARG B 276 -17.80 15.35 17.00
N LEU B 277 -17.63 14.05 16.85
CA LEU B 277 -18.32 13.11 17.71
C LEU B 277 -18.04 13.32 19.17
N ALA B 278 -16.91 13.97 19.47
CA ALA B 278 -16.49 14.26 20.84
C ALA B 278 -17.24 15.47 21.46
N GLY B 279 -17.86 16.30 20.62
CA GLY B 279 -18.61 17.45 21.07
C GLY B 279 -17.75 18.69 21.08
N ILE B 280 -16.51 18.53 20.69
CA ILE B 280 -15.52 19.53 20.97
C ILE B 280 -15.04 20.21 19.69
N GLY B 281 -15.59 19.74 18.57
CA GLY B 281 -15.13 20.10 17.21
C GLY B 281 -14.92 21.58 16.94
N GLU B 282 -15.82 22.44 17.42
CA GLU B 282 -15.63 23.83 17.18
C GLU B 282 -14.25 24.29 17.74
N LEU B 283 -13.60 23.50 18.58
CA LEU B 283 -12.35 23.97 19.18
C LEU B 283 -11.03 23.48 18.54
N ILE B 284 -11.13 22.57 17.57
CA ILE B 284 -9.94 22.12 16.89
C ILE B 284 -10.06 22.47 15.39
N THR B 285 -9.00 23.08 14.86
CA THR B 285 -8.83 23.29 13.44
C THR B 285 -7.88 22.23 12.94
N PHE B 286 -8.34 21.29 12.12
CA PHE B 286 -7.39 20.33 11.51
C PHE B 286 -7.04 20.72 10.10
N GLU B 287 -5.83 20.37 9.69
CA GLU B 287 -5.32 20.72 8.38
C GLU B 287 -4.51 19.62 7.77
N VAL B 288 -4.76 19.34 6.50
CA VAL B 288 -3.85 18.46 5.84
C VAL B 288 -2.72 19.38 5.41
N LYS B 289 -1.54 19.05 5.93
CA LYS B 289 -0.29 19.73 5.64
C LYS B 289 0.83 18.94 6.30
N ASP B 290 2.07 19.28 5.94
CA ASP B 290 3.24 18.49 6.29
C ASP B 290 4.20 19.33 7.15
N VAL B 291 4.96 18.72 8.07
CA VAL B 291 5.73 19.56 9.06
C VAL B 291 6.59 20.61 8.37
N ALA B 292 7.24 20.26 7.26
CA ALA B 292 8.03 21.21 6.47
C ALA B 292 7.37 22.57 6.25
N GLN B 293 6.04 22.64 6.33
CA GLN B 293 5.26 23.87 6.10
C GLN B 293 4.60 24.40 7.39
N LEU B 294 5.20 24.10 8.54
CA LEU B 294 4.59 24.39 9.82
C LEU B 294 4.72 25.86 10.12
N THR B 295 3.60 26.47 10.49
CA THR B 295 3.54 27.88 10.84
C THR B 295 2.98 28.05 12.27
N ASN B 296 3.61 28.92 13.07
CA ASN B 296 3.03 29.40 14.32
C ASN B 296 1.83 30.23 13.94
N PRO B 297 0.63 29.73 14.27
CA PRO B 297 -0.62 30.36 13.84
C PRO B 297 -0.95 31.61 14.64
N LEU B 298 -0.11 31.94 15.62
CA LEU B 298 -0.23 33.17 16.39
C LEU B 298 1.15 33.79 16.68
N PRO B 299 1.86 34.25 15.62
CA PRO B 299 3.20 34.81 15.86
C PRO B 299 3.10 36.07 16.68
N LYS B 300 3.84 36.11 17.79
CA LYS B 300 3.70 37.16 18.83
C LYS B 300 2.41 37.04 19.69
N GLY B 301 1.51 36.13 19.31
CA GLY B 301 0.29 35.77 20.12
C GLY B 301 0.66 35.22 21.49
N PRO B 302 -0.23 34.43 22.13
CA PRO B 302 0.26 33.80 23.38
C PRO B 302 1.07 32.52 23.11
N TYR B 303 1.93 32.17 24.06
CA TYR B 303 2.75 30.98 23.93
C TYR B 303 2.01 29.76 24.43
N GLY B 304 2.25 28.61 23.82
CA GLY B 304 1.54 27.41 24.25
C GLY B 304 2.41 26.21 24.21
N THR B 305 1.83 25.04 24.01
CA THR B 305 2.71 23.90 23.72
C THR B 305 2.41 23.17 22.41
N VAL B 306 3.45 22.68 21.76
CA VAL B 306 3.26 21.74 20.69
C VAL B 306 3.54 20.32 21.23
N LEU B 307 2.60 19.43 21.01
CA LEU B 307 2.60 18.09 21.57
C LEU B 307 2.28 17.16 20.45
N SER B 308 3.03 16.09 20.34
CA SER B 308 2.86 15.28 19.15
C SER B 308 3.41 13.92 19.45
N ASN B 309 3.07 12.96 18.59
CA ASN B 309 3.62 11.62 18.72
C ASN B 309 4.20 11.17 17.38
N PRO B 310 5.37 11.75 17.01
CA PRO B 310 5.96 11.61 15.67
C PRO B 310 6.32 10.17 15.36
N PRO B 311 6.47 9.86 14.07
CA PRO B 311 6.77 8.49 13.70
C PRO B 311 8.15 8.08 14.26
N TYR B 312 8.32 6.78 14.49
CA TYR B 312 9.55 6.28 15.11
C TYR B 312 10.36 5.39 14.16
N SER B 318 18.64 4.27 12.40
CA SER B 318 19.24 4.35 11.08
C SER B 318 18.12 4.60 10.05
N GLU B 319 17.68 5.86 9.91
CA GLU B 319 16.75 6.28 8.83
C GLU B 319 16.65 7.79 8.50
N PRO B 320 17.17 8.19 7.31
CA PRO B 320 17.36 9.59 6.89
C PRO B 320 16.10 10.45 6.66
N ALA B 321 15.01 9.89 6.15
CA ALA B 321 13.74 10.65 6.15
C ALA B 321 13.36 11.08 7.57
N LEU B 322 13.51 10.16 8.52
CA LEU B 322 13.15 10.38 9.92
C LEU B 322 14.06 11.40 10.63
N ILE B 323 15.38 11.25 10.43
CA ILE B 323 16.34 12.23 10.87
C ILE B 323 16.02 13.61 10.31
N ALA B 324 15.87 13.74 8.99
CA ALA B 324 15.48 15.05 8.43
C ALA B 324 14.16 15.59 9.04
N LEU B 325 13.20 14.71 9.25
CA LEU B 325 11.98 15.10 9.89
C LEU B 325 12.32 15.75 11.25
N HIS B 326 13.02 15.03 12.13
CA HIS B 326 13.25 15.57 13.45
C HIS B 326 14.07 16.85 13.45
N SER B 327 15.24 16.79 12.84
CA SER B 327 16.04 17.95 12.51
C SER B 327 15.24 19.18 12.06
N LEU B 328 14.35 19.01 11.10
CA LEU B 328 13.60 20.15 10.60
C LEU B 328 12.70 20.67 11.73
N LEU B 329 11.96 19.75 12.37
CA LEU B 329 11.06 20.06 13.46
C LEU B 329 11.75 20.97 14.44
N GLY B 330 12.99 20.61 14.82
CA GLY B 330 13.79 21.35 15.79
C GLY B 330 14.06 22.74 15.28
N ARG B 331 14.23 22.86 13.97
CA ARG B 331 14.62 24.15 13.37
C ARG B 331 13.41 25.08 13.38
N ILE B 332 12.26 24.57 12.97
CA ILE B 332 11.01 25.33 12.99
C ILE B 332 10.57 25.76 14.41
N MET B 333 10.74 24.87 15.37
CA MET B 333 10.43 25.15 16.77
C MET B 333 11.27 26.30 17.30
N LYS B 334 12.59 26.24 17.04
CA LYS B 334 13.52 27.23 17.55
C LYS B 334 13.36 28.55 16.83
N ASN B 335 12.92 28.49 15.59
CA ASN B 335 12.71 29.69 14.79
C ASN B 335 11.34 30.37 14.98
N GLN B 336 10.27 29.60 14.91
CA GLN B 336 8.98 30.22 14.78
C GLN B 336 8.17 30.06 16.04
N PHE B 337 8.63 29.19 16.94
CA PHE B 337 7.92 28.87 18.18
C PHE B 337 8.74 29.27 19.42
N GLY B 338 9.51 30.34 19.27
CA GLY B 338 10.19 30.93 20.40
C GLY B 338 9.21 31.06 21.54
N GLY B 339 9.56 30.45 22.67
CA GLY B 339 8.87 30.63 23.94
C GLY B 339 7.97 29.46 24.31
N TRP B 340 7.71 28.61 23.33
CA TRP B 340 6.78 27.53 23.50
C TRP B 340 7.33 26.36 24.26
N ASN B 341 6.42 25.60 24.83
CA ASN B 341 6.76 24.35 25.43
C ASN B 341 6.59 23.21 24.44
N LEU B 342 7.45 22.21 24.49
CA LEU B 342 7.39 21.13 23.52
C LEU B 342 7.35 19.80 24.23
N SER B 343 6.46 18.92 23.80
CA SER B 343 6.37 17.59 24.39
C SER B 343 6.15 16.57 23.32
N LEU B 344 6.93 15.49 23.35
CA LEU B 344 7.04 14.57 22.25
C LEU B 344 7.04 13.18 22.82
N PHE B 345 6.21 12.32 22.23
CA PHE B 345 6.04 10.97 22.75
C PHE B 345 6.53 10.08 21.66
N SER B 346 7.63 9.39 21.93
CA SER B 346 8.34 8.62 20.92
C SER B 346 8.91 7.34 21.51
N ALA B 347 8.90 6.28 20.70
CA ALA B 347 9.78 5.13 20.89
C ALA B 347 10.94 5.52 20.00
N SER B 348 12.10 4.93 20.16
CA SER B 348 13.25 5.45 19.41
C SER B 348 13.45 6.95 19.73
N PRO B 349 13.95 7.26 20.97
CA PRO B 349 14.39 8.56 21.51
C PRO B 349 15.66 9.15 20.90
N ASP B 350 16.44 8.36 20.15
CA ASP B 350 17.62 8.92 19.47
C ASP B 350 17.17 9.86 18.36
N LEU B 351 15.98 9.59 17.83
CA LEU B 351 15.41 10.49 16.84
C LEU B 351 15.21 11.87 17.48
N LEU B 352 14.76 11.89 18.73
CA LEU B 352 14.52 13.15 19.45
C LEU B 352 15.79 14.02 19.59
N SER B 353 16.92 13.39 19.83
CA SER B 353 18.20 14.07 19.72
C SER B 353 18.28 15.15 18.61
N CYS B 354 17.68 14.90 17.46
CA CYS B 354 17.85 15.79 16.30
C CYS B 354 17.20 17.17 16.47
N LEU B 355 16.37 17.32 17.50
CA LEU B 355 15.75 18.61 17.72
C LEU B 355 16.80 19.61 18.19
N GLN B 356 17.87 19.11 18.82
CA GLN B 356 18.94 19.97 19.34
C GLN B 356 18.35 20.77 20.47
N LEU B 357 17.67 20.08 21.40
CA LEU B 357 17.09 20.70 22.59
C LEU B 357 17.33 19.84 23.82
N ARG B 358 17.47 20.50 24.97
CA ARG B 358 17.66 19.77 26.19
C ARG B 358 16.30 19.32 26.76
N ALA B 359 16.21 18.03 27.07
CA ALA B 359 15.04 17.44 27.74
C ALA B 359 15.05 17.82 29.21
N ASP B 360 14.09 18.62 29.64
CA ASP B 360 14.08 19.02 31.02
C ASP B 360 13.34 17.99 31.89
N LYS B 361 12.52 17.16 31.29
CA LYS B 361 11.79 16.17 32.05
C LYS B 361 11.44 15.04 31.15
N GLN B 362 11.30 13.84 31.70
CA GLN B 362 10.85 12.72 30.89
C GLN B 362 10.03 11.73 31.68
N TYR B 363 9.29 10.87 30.96
CA TYR B 363 8.52 9.80 31.57
C TYR B 363 8.56 8.58 30.69
N LYS B 364 8.88 7.43 31.26
CA LYS B 364 8.78 6.18 30.54
C LYS B 364 7.32 5.70 30.62
N ALA B 365 6.75 5.39 29.44
CA ALA B 365 5.44 4.75 29.35
C ALA B 365 5.53 3.68 28.29
N LYS B 366 5.18 2.46 28.65
CA LYS B 366 5.34 1.35 27.72
C LYS B 366 4.00 1.01 27.09
N ASN B 367 3.62 1.84 26.11
CA ASN B 367 2.44 1.68 25.25
C ASN B 367 2.40 0.30 24.49
N GLY B 368 1.69 -0.66 25.09
CA GLY B 368 1.63 -2.05 24.59
C GLY B 368 2.96 -2.82 24.63
N PRO B 369 3.55 -3.06 23.45
CA PRO B 369 4.85 -3.73 23.37
C PRO B 369 6.08 -2.79 23.27
N LEU B 370 5.83 -1.48 23.24
CA LEU B 370 6.87 -0.48 22.99
C LEU B 370 7.11 0.39 24.20
N ASP B 371 8.27 0.24 24.82
CA ASP B 371 8.69 1.19 25.84
C ASP B 371 8.87 2.51 25.08
N CYS B 372 8.23 3.57 25.58
CA CYS B 372 8.28 4.86 24.91
C CYS B 372 8.71 5.94 25.87
N VAL B 373 9.00 7.12 25.35
CA VAL B 373 9.46 8.17 26.22
C VAL B 373 8.82 9.49 25.84
N GLN B 374 8.13 10.07 26.80
CA GLN B 374 7.65 11.42 26.61
C GLN B 374 8.74 12.34 27.09
N LYS B 375 9.04 13.37 26.31
CA LYS B 375 10.10 14.30 26.66
C LYS B 375 9.56 15.71 26.57
N ASN B 376 9.98 16.55 27.52
CA ASN B 376 9.59 17.96 27.47
C ASN B 376 10.81 18.84 27.30
N TYR B 377 10.59 20.03 26.76
CA TYR B 377 11.62 20.92 26.26
C TYR B 377 11.02 22.29 26.27
N HIS B 378 11.83 23.31 26.50
CA HIS B 378 11.39 24.68 26.36
C HIS B 378 12.16 25.28 25.24
N VAL B 379 11.45 25.82 24.27
CA VAL B 379 12.17 26.50 23.22
C VAL B 379 12.33 27.93 23.67
N ALA B 380 13.57 28.37 23.80
CA ALA B 380 13.91 29.72 24.26
C ALA B 380 13.36 30.76 23.31
N GLU B 381 13.00 31.92 23.84
CA GLU B 381 12.51 33.07 23.04
C GLU B 381 13.47 33.54 21.92
N SER B 382 14.41 34.43 22.23
CA SER B 382 15.38 34.96 21.23
C SER B 382 16.28 36.11 21.75
N GLU B 393 29.12 25.56 12.45
CA GLU B 393 29.56 24.16 12.40
C GLU B 393 30.53 23.85 11.27
N ASP B 394 31.59 23.15 11.63
CA ASP B 394 32.76 23.01 10.79
C ASP B 394 32.61 22.01 9.69
N TYR B 395 31.58 21.16 9.82
CA TYR B 395 31.33 20.10 8.87
C TYR B 395 30.70 20.75 7.69
N THR B 396 29.50 21.26 7.90
CA THR B 396 28.86 22.18 6.99
C THR B 396 29.89 23.07 6.34
N ASN B 397 30.73 23.70 7.15
CA ASN B 397 31.73 24.61 6.65
C ASN B 397 32.58 23.94 5.57
N ARG B 398 33.10 22.76 5.90
CA ARG B 398 33.97 22.00 5.04
C ARG B 398 33.28 21.41 3.78
N LEU B 399 32.18 20.71 4.00
CA LEU B 399 31.42 20.14 2.98
C LEU B 399 31.11 21.21 1.96
N ARG B 400 30.78 22.42 2.40
CA ARG B 400 30.53 23.54 1.47
C ARG B 400 31.73 23.96 0.63
N LYS B 401 32.85 24.32 1.28
CA LYS B 401 34.09 24.70 0.58
C LYS B 401 34.46 23.55 -0.36
N ASN B 402 34.54 22.34 0.19
CA ASN B 402 34.93 21.28 -0.67
C ASN B 402 33.85 20.72 -1.61
N LEU B 403 32.62 21.22 -1.50
CA LEU B 403 31.62 21.04 -2.56
C LEU B 403 31.92 21.88 -3.81
N LYS B 404 32.28 23.15 -3.62
CA LYS B 404 32.47 24.09 -4.73
C LYS B 404 33.69 23.66 -5.55
N LYS B 405 34.73 23.21 -4.84
CA LYS B 405 35.98 22.68 -5.37
C LYS B 405 35.85 21.39 -6.24
N PHE B 406 35.09 20.40 -5.77
CA PHE B 406 35.00 19.14 -6.43
C PHE B 406 34.00 19.16 -7.57
N GLU B 407 33.05 20.07 -7.56
CA GLU B 407 32.13 20.20 -8.68
C GLU B 407 32.84 20.85 -9.85
N LYS B 408 33.70 21.84 -9.54
CA LYS B 408 34.55 22.46 -10.57
C LYS B 408 35.53 21.45 -11.19
N TRP B 409 35.98 20.47 -10.39
CA TRP B 409 37.02 19.52 -10.74
C TRP B 409 36.53 18.30 -11.49
N ALA B 410 35.44 17.66 -11.01
CA ALA B 410 34.61 16.78 -11.86
C ALA B 410 34.08 17.84 -12.79
N ARG B 411 33.39 17.50 -13.86
CA ARG B 411 33.01 18.53 -14.86
C ARG B 411 34.25 18.81 -15.72
N GLN B 412 35.27 19.40 -15.15
CA GLN B 412 36.60 19.42 -15.79
C GLN B 412 37.17 18.01 -16.11
N GLU B 413 37.12 17.09 -15.15
CA GLU B 413 37.54 15.72 -15.43
C GLU B 413 36.53 15.01 -16.29
N GLY B 414 35.26 15.26 -16.01
CA GLY B 414 34.18 14.61 -16.71
C GLY B 414 33.69 13.38 -16.00
N ILE B 415 33.42 13.46 -14.71
CA ILE B 415 32.97 12.31 -13.95
C ILE B 415 31.82 12.71 -13.00
N GLU B 416 31.13 11.69 -12.47
CA GLU B 416 29.95 11.94 -11.68
C GLU B 416 29.86 11.18 -10.36
N CYS B 417 30.86 10.38 -10.07
CA CYS B 417 30.94 9.77 -8.76
C CYS B 417 32.23 10.10 -8.03
N TYR B 418 32.15 10.69 -6.87
CA TYR B 418 33.37 11.07 -6.18
C TYR B 418 33.12 11.30 -4.75
N ARG B 419 34.19 11.27 -3.96
CA ARG B 419 34.15 11.57 -2.52
C ARG B 419 33.95 13.04 -2.25
N LEU B 420 32.81 13.37 -1.68
CA LEU B 420 32.64 14.71 -1.12
C LEU B 420 33.60 15.02 0.05
N TYR B 421 33.84 14.02 0.87
CA TYR B 421 34.37 14.23 2.17
C TYR B 421 35.01 12.94 2.60
N ASP B 422 36.24 13.08 3.06
CA ASP B 422 37.10 11.92 3.26
C ASP B 422 37.71 12.03 4.63
N ALA B 423 36.83 12.05 5.63
CA ALA B 423 37.22 12.15 7.02
C ALA B 423 38.21 13.29 7.22
N ASP B 424 37.96 14.41 6.51
CA ASP B 424 38.87 15.56 6.46
C ASP B 424 39.13 16.02 7.90
N LEU B 425 38.03 16.24 8.61
CA LEU B 425 38.00 16.72 9.97
C LEU B 425 37.96 15.53 10.94
N PRO B 426 39.03 15.37 11.74
CA PRO B 426 39.30 14.26 12.70
C PRO B 426 38.12 13.89 13.61
N GLU B 427 37.31 14.87 13.97
CA GLU B 427 36.21 14.61 14.86
C GLU B 427 34.93 14.22 14.11
N TYR B 428 34.78 14.64 12.83
CA TYR B 428 33.66 14.19 11.99
C TYR B 428 34.10 13.06 11.08
N ASN B 429 34.24 11.88 11.67
CA ASN B 429 35.01 10.82 11.01
C ASN B 429 34.18 9.99 10.05
N VAL B 430 33.93 10.57 8.89
CA VAL B 430 32.91 10.10 7.97
C VAL B 430 33.42 10.14 6.52
N ALA B 431 32.88 9.26 5.65
CA ALA B 431 33.01 9.34 4.18
C ALA B 431 31.67 9.62 3.53
N VAL B 432 31.66 10.66 2.69
CA VAL B 432 30.47 11.02 1.94
C VAL B 432 30.73 10.87 0.44
N ASP B 433 30.06 9.89 -0.18
CA ASP B 433 30.25 9.62 -1.62
C ASP B 433 29.03 10.04 -2.42
N ARG B 434 29.34 10.65 -3.54
CA ARG B 434 28.35 11.09 -4.48
C ARG B 434 28.29 10.12 -5.66
N TYR B 435 27.12 9.56 -5.90
CA TYR B 435 26.89 8.81 -7.12
C TYR B 435 25.75 9.43 -7.88
N ALA B 436 26.14 10.23 -8.86
CA ALA B 436 25.21 10.98 -9.72
C ALA B 436 24.27 11.85 -8.90
N ASP B 437 23.08 11.36 -8.58
CA ASP B 437 22.12 12.16 -7.83
C ASP B 437 21.88 11.64 -6.39
N TRP B 438 22.56 10.54 -6.08
CA TRP B 438 22.48 9.85 -4.79
C TRP B 438 23.70 10.14 -3.89
N VAL B 439 23.61 9.79 -2.61
CA VAL B 439 24.72 10.03 -1.69
C VAL B 439 24.86 8.87 -0.73
N VAL B 440 26.10 8.44 -0.51
CA VAL B 440 26.39 7.40 0.46
C VAL B 440 27.27 7.98 1.58
N VAL B 441 26.80 7.84 2.81
CA VAL B 441 27.54 8.28 3.96
C VAL B 441 28.00 7.01 4.61
N GLN B 442 29.31 6.83 4.71
CA GLN B 442 29.81 5.67 5.40
C GLN B 442 30.65 6.14 6.55
N GLU B 443 30.27 5.73 7.77
CA GLU B 443 31.02 6.08 8.99
C GLU B 443 32.11 5.05 9.28
N TYR B 444 33.11 5.47 10.05
CA TYR B 444 34.21 4.57 10.43
C TYR B 444 34.34 4.53 11.95
N ALA B 445 35.51 4.06 12.39
CA ALA B 445 35.93 4.03 13.80
C ALA B 445 35.61 5.31 14.58
N HIS B 453 26.36 5.16 21.54
CA HIS B 453 25.04 5.80 21.63
C HIS B 453 25.08 7.32 21.49
N LYS B 454 26.12 7.96 22.03
CA LYS B 454 26.41 9.34 21.68
C LYS B 454 27.11 9.37 20.29
N ALA B 455 27.52 8.20 19.81
CA ALA B 455 27.98 8.06 18.41
C ALA B 455 26.82 8.23 17.41
N ARG B 456 25.63 7.75 17.79
CA ARG B 456 24.45 7.87 16.94
C ARG B 456 24.13 9.34 16.71
N GLN B 457 24.19 10.12 17.78
CA GLN B 457 23.81 11.53 17.76
C GLN B 457 24.79 12.35 16.90
N ARG B 458 26.08 12.11 17.08
CA ARG B 458 27.04 12.77 16.22
C ARG B 458 26.75 12.38 14.77
N LEU B 459 26.51 11.11 14.50
CA LEU B 459 26.34 10.75 13.10
C LEU B 459 25.01 11.18 12.50
N PHE B 460 23.91 11.01 13.25
CA PHE B 460 22.65 11.64 12.89
C PHE B 460 22.83 13.13 12.63
N ASP B 461 23.67 13.77 13.44
CA ASP B 461 24.03 15.16 13.17
C ASP B 461 24.75 15.33 11.82
N ILE B 462 25.76 14.50 11.50
CA ILE B 462 26.46 14.73 10.24
C ILE B 462 25.48 14.51 9.10
N ILE B 463 24.60 13.52 9.26
CA ILE B 463 23.59 13.16 8.24
C ILE B 463 22.62 14.30 7.94
N ALA B 464 22.15 14.97 8.96
CA ALA B 464 21.31 16.15 8.76
C ALA B 464 22.13 17.31 8.17
N ALA B 465 23.32 17.54 8.69
CA ALA B 465 24.18 18.52 8.04
C ALA B 465 24.41 18.26 6.51
N THR B 466 24.59 16.99 6.11
CA THR B 466 24.92 16.72 4.71
C THR B 466 23.73 16.93 3.78
N ILE B 467 22.56 16.47 4.23
CA ILE B 467 21.26 16.79 3.59
C ILE B 467 21.05 18.31 3.37
N SER B 468 21.45 19.12 4.34
CA SER B 468 21.28 20.58 4.21
C SER B 468 22.27 21.28 3.29
N VAL B 469 23.56 20.98 3.41
CA VAL B 469 24.49 21.49 2.43
C VAL B 469 24.09 21.07 1.01
N LEU B 470 23.72 19.80 0.82
CA LEU B 470 23.55 19.25 -0.53
C LEU B 470 22.30 19.69 -1.27
N GLY B 471 21.27 20.06 -0.52
CA GLY B 471 20.00 20.42 -1.11
C GLY B 471 19.35 19.21 -1.74
N ILE B 472 19.63 18.03 -1.19
CA ILE B 472 19.18 16.76 -1.76
C ILE B 472 17.86 16.26 -1.11
N ALA B 473 17.14 15.38 -1.78
CA ALA B 473 16.05 14.69 -1.12
C ALA B 473 16.61 13.61 -0.17
N PRO B 474 16.10 13.52 1.07
CA PRO B 474 16.46 12.41 1.98
C PRO B 474 16.30 10.98 1.37
N ASN B 475 15.33 10.83 0.47
CA ASN B 475 15.13 9.68 -0.44
C ASN B 475 16.43 9.02 -0.95
N LYS B 476 17.35 9.90 -1.31
CA LYS B 476 18.53 9.59 -2.05
C LYS B 476 19.79 9.65 -1.24
N LEU B 477 19.69 9.49 0.08
CA LEU B 477 20.87 9.36 0.94
C LEU B 477 20.90 7.99 1.59
N VAL B 478 22.00 7.30 1.41
CA VAL B 478 22.13 5.94 1.89
C VAL B 478 23.22 5.92 2.97
N LEU B 479 23.07 5.09 3.99
CA LEU B 479 24.00 5.15 5.12
C LEU B 479 25.08 4.07 5.16
N LYS B 480 24.77 2.83 5.56
CA LYS B 480 25.88 1.90 5.87
C LYS B 480 26.61 2.23 7.20
N THR B 481 26.01 1.77 8.31
CA THR B 481 26.68 1.66 9.62
C THR B 481 27.76 0.53 9.61
N ARG B 482 28.50 0.43 10.72
CA ARG B 482 29.52 -0.61 10.92
C ARG B 482 29.54 -1.09 12.36
N LYS B 497 17.79 -5.90 -0.24
CA LYS B 497 16.95 -5.96 -1.46
C LYS B 497 16.93 -4.63 -2.28
N GLY B 498 17.11 -4.76 -3.60
CA GLY B 498 16.80 -3.63 -4.47
C GLY B 498 17.58 -3.18 -5.72
N GLU B 499 17.87 -1.88 -5.70
CA GLU B 499 17.84 -0.99 -6.84
C GLU B 499 19.25 -0.80 -7.37
N PHE B 500 19.45 -1.01 -8.67
CA PHE B 500 20.73 -0.67 -9.26
C PHE B 500 20.64 0.71 -9.82
N LEU B 501 21.74 1.29 -10.21
CA LEU B 501 21.72 2.67 -10.59
C LEU B 501 22.78 2.87 -11.71
N GLU B 502 22.37 3.49 -12.79
CA GLU B 502 23.28 3.73 -13.88
C GLU B 502 24.02 4.97 -13.57
N VAL B 503 25.34 4.88 -13.67
CA VAL B 503 26.27 5.97 -13.39
C VAL B 503 27.33 6.06 -14.57
N THR B 504 27.82 7.27 -14.90
CA THR B 504 28.89 7.34 -15.91
C THR B 504 30.20 7.57 -15.20
N GLU B 505 31.31 7.22 -15.84
CA GLU B 505 32.61 7.47 -15.29
C GLU B 505 33.45 7.64 -16.53
N TYR B 506 33.92 8.86 -16.77
CA TYR B 506 34.38 9.27 -18.05
C TYR B 506 33.37 8.78 -19.11
N ASN B 507 33.82 8.01 -20.09
CA ASN B 507 32.95 7.60 -21.18
C ASN B 507 32.27 6.28 -20.89
N ALA B 508 32.62 5.66 -19.76
CA ALA B 508 32.05 4.39 -19.43
C ALA B 508 30.74 4.57 -18.68
N HIS B 509 29.73 3.80 -19.04
CA HIS B 509 28.54 3.68 -18.18
C HIS B 509 28.65 2.42 -17.27
N LEU B 510 28.11 2.46 -16.06
CA LEU B 510 28.25 1.36 -15.13
C LEU B 510 27.08 1.24 -14.17
N TRP B 511 26.90 0.02 -13.66
CA TRP B 511 25.87 -0.21 -12.71
C TRP B 511 26.44 -0.19 -11.29
N VAL B 512 25.80 0.52 -10.37
CA VAL B 512 26.20 0.45 -8.96
C VAL B 512 24.98 0.13 -8.15
N ASN B 513 25.19 -0.25 -6.90
CA ASN B 513 24.09 -0.62 -6.02
C ASN B 513 24.51 -0.06 -4.67
N LEU B 514 23.77 0.93 -4.20
CA LEU B 514 24.20 1.64 -3.03
C LEU B 514 23.92 0.92 -1.70
N THR B 515 23.10 -0.13 -1.72
CA THR B 515 22.61 -0.66 -0.46
C THR B 515 22.92 -2.10 -0.12
N ASP B 516 22.98 -3.01 -1.09
CA ASP B 516 22.96 -4.42 -0.76
C ASP B 516 24.33 -5.05 -0.55
N TYR B 517 25.42 -4.28 -0.64
CA TYR B 517 26.76 -4.89 -0.51
C TYR B 517 27.72 -4.10 0.36
N LEU B 518 28.82 -4.75 0.78
CA LEU B 518 29.96 -4.07 1.40
C LEU B 518 30.34 -2.82 0.63
N ASP B 519 30.55 -2.98 -0.68
CA ASP B 519 30.77 -1.80 -1.49
C ASP B 519 29.72 -1.53 -2.51
N THR B 520 29.97 -0.49 -3.30
CA THR B 520 28.96 -0.05 -4.23
C THR B 520 29.05 -0.72 -5.59
N GLY B 521 30.15 -1.43 -5.89
CA GLY B 521 30.32 -2.05 -7.20
C GLY B 521 31.22 -1.20 -8.08
N LEU B 522 31.75 -0.14 -7.47
CA LEU B 522 32.71 0.70 -8.09
C LEU B 522 33.71 1.24 -7.02
N PHE B 523 35.00 0.90 -7.17
CA PHE B 523 35.98 1.55 -6.33
C PHE B 523 36.42 2.87 -6.93
N LEU B 524 35.83 3.93 -6.37
CA LEU B 524 35.96 5.28 -6.92
C LEU B 524 37.42 5.76 -7.01
N ASP B 525 38.23 5.34 -6.05
CA ASP B 525 39.61 5.81 -5.95
C ASP B 525 40.54 5.34 -7.10
N HIS B 526 40.13 4.30 -7.82
CA HIS B 526 40.97 3.70 -8.88
C HIS B 526 40.67 4.23 -10.26
N ARG B 527 39.96 5.33 -10.30
CA ARG B 527 39.41 5.76 -11.55
C ARG B 527 40.50 6.13 -12.58
N ILE B 528 41.67 6.60 -12.12
CA ILE B 528 42.68 6.99 -13.13
C ILE B 528 43.34 5.78 -13.76
N ALA B 529 43.49 4.72 -12.98
CA ALA B 529 44.05 3.49 -13.51
C ALA B 529 43.17 3.02 -14.68
N ARG B 530 41.86 3.15 -14.48
CA ARG B 530 40.86 2.67 -15.40
C ARG B 530 40.90 3.52 -16.66
N ARG B 531 40.98 4.84 -16.46
CA ARG B 531 41.15 5.80 -17.55
C ARG B 531 42.43 5.45 -18.35
N MET B 532 43.50 5.11 -17.65
CA MET B 532 44.71 4.68 -18.37
C MET B 532 44.50 3.43 -19.18
N LEU B 533 43.88 2.40 -18.59
CA LEU B 533 43.60 1.18 -19.40
C LEU B 533 42.82 1.51 -20.69
N GLY B 534 41.81 2.40 -20.55
CA GLY B 534 41.06 2.87 -21.67
C GLY B 534 41.97 3.27 -22.81
N GLN B 535 43.09 3.95 -22.50
CA GLN B 535 44.02 4.49 -23.49
C GLN B 535 44.99 3.48 -23.97
N MET B 536 45.29 2.49 -23.14
CA MET B 536 46.35 1.54 -23.45
C MET B 536 45.87 0.29 -24.17
N SER B 537 44.63 0.24 -24.64
CA SER B 537 44.06 -1.07 -24.98
C SER B 537 43.64 -1.30 -26.44
N LYS B 538 43.83 -0.29 -27.26
CA LYS B 538 43.50 -0.32 -28.66
C LYS B 538 44.16 -1.55 -29.32
N GLY B 539 43.32 -2.39 -29.94
CA GLY B 539 43.79 -3.62 -30.56
C GLY B 539 44.61 -4.55 -29.69
N LYS B 540 44.49 -4.47 -28.36
CA LYS B 540 45.13 -5.43 -27.46
C LYS B 540 44.22 -6.57 -26.85
N ASP B 541 44.77 -7.75 -26.60
CA ASP B 541 43.98 -8.72 -25.86
C ASP B 541 44.15 -8.40 -24.41
N PHE B 542 43.00 -8.18 -23.74
CA PHE B 542 42.99 -7.61 -22.41
C PHE B 542 42.56 -8.65 -21.41
N LEU B 543 43.29 -8.70 -20.29
CA LEU B 543 42.93 -9.62 -19.20
C LEU B 543 42.81 -8.91 -17.86
N ASN B 544 41.69 -9.16 -17.17
CA ASN B 544 41.34 -8.63 -15.89
C ASN B 544 41.20 -9.78 -14.84
N LEU B 545 42.16 -9.84 -13.89
CA LEU B 545 42.15 -10.82 -12.79
C LEU B 545 41.71 -10.23 -11.47
N PHE B 546 40.97 -11.02 -10.65
CA PHE B 546 40.23 -10.49 -9.45
C PHE B 546 39.40 -9.31 -9.91
N SER B 547 38.57 -9.51 -10.94
CA SER B 547 37.90 -8.43 -11.66
C SER B 547 36.87 -7.62 -10.87
N TYR B 548 36.31 -8.24 -9.84
CA TYR B 548 35.14 -7.67 -9.15
C TYR B 548 34.04 -7.44 -10.23
N THR B 549 33.42 -6.26 -10.23
CA THR B 549 32.30 -5.99 -11.17
C THR B 549 32.77 -5.61 -12.58
N GLY B 550 34.07 -5.68 -12.83
CA GLY B 550 34.61 -5.50 -14.18
C GLY B 550 34.66 -4.10 -14.76
N SER B 551 34.63 -3.08 -13.90
CA SER B 551 34.68 -1.72 -14.39
C SER B 551 35.89 -1.47 -15.27
N ALA B 552 37.00 -2.12 -14.93
CA ALA B 552 38.22 -1.95 -15.75
C ALA B 552 38.04 -2.52 -17.11
N THR B 553 37.38 -3.66 -17.21
CA THR B 553 37.14 -4.28 -18.52
C THR B 553 36.19 -3.39 -19.39
N VAL B 554 35.17 -2.79 -18.79
CA VAL B 554 34.45 -1.77 -19.56
C VAL B 554 35.38 -0.69 -20.25
N HIS B 555 36.29 -0.12 -19.48
CA HIS B 555 37.19 0.89 -20.05
C HIS B 555 38.08 0.32 -21.13
N ALA B 556 38.66 -0.88 -20.87
CA ALA B 556 39.51 -1.55 -21.89
C ALA B 556 38.68 -1.85 -23.14
N GLY B 557 37.50 -2.39 -22.94
CA GLY B 557 36.66 -2.65 -24.04
C GLY B 557 36.30 -1.41 -24.79
N LEU B 558 35.97 -0.33 -24.11
CA LEU B 558 35.54 0.85 -24.82
C LEU B 558 36.71 1.47 -25.48
N GLY B 559 37.91 1.08 -25.07
CA GLY B 559 39.14 1.66 -25.61
C GLY B 559 39.69 0.84 -26.73
N GLY B 560 38.86 -0.04 -27.27
CA GLY B 560 39.24 -0.77 -28.52
C GLY B 560 39.90 -2.10 -28.31
N ALA B 561 39.83 -2.67 -27.10
CA ALA B 561 40.46 -4.00 -26.93
C ALA B 561 39.97 -4.92 -28.04
N ARG B 562 40.90 -5.71 -28.53
CA ARG B 562 40.60 -6.76 -29.49
C ARG B 562 39.74 -7.84 -28.82
N SER B 563 39.98 -8.07 -27.54
CA SER B 563 39.23 -9.04 -26.80
C SER B 563 39.41 -8.77 -25.29
N THR B 564 38.40 -9.09 -24.49
CA THR B 564 38.60 -9.05 -23.05
C THR B 564 38.33 -10.42 -22.41
N THR B 565 38.97 -10.67 -21.29
CA THR B 565 38.75 -11.88 -20.52
C THR B 565 38.71 -11.39 -19.11
N THR B 566 37.66 -11.79 -18.40
CA THR B 566 37.40 -11.27 -17.04
C THR B 566 37.28 -12.43 -16.00
N VAL B 567 38.14 -12.42 -14.98
CA VAL B 567 38.08 -13.54 -14.05
C VAL B 567 37.97 -13.16 -12.58
N ASP B 568 37.08 -13.86 -11.88
CA ASP B 568 36.77 -13.64 -10.48
C ASP B 568 36.20 -14.94 -9.88
N MET B 569 36.38 -15.17 -8.59
CA MET B 569 35.72 -16.36 -8.00
C MET B 569 34.20 -16.21 -7.77
N SER B 570 33.62 -15.04 -8.03
CA SER B 570 32.24 -14.78 -7.58
C SER B 570 31.23 -14.71 -8.75
N ARG B 571 30.32 -15.69 -8.83
CA ARG B 571 29.29 -15.72 -9.87
C ARG B 571 28.58 -14.39 -9.81
N THR B 572 28.25 -13.95 -8.61
CA THR B 572 27.49 -12.74 -8.44
C THR B 572 28.26 -11.60 -9.06
N TYR B 573 29.54 -11.46 -8.73
CA TYR B 573 30.30 -10.33 -9.26
C TYR B 573 30.51 -10.37 -10.80
N LEU B 574 30.79 -11.56 -11.30
CA LEU B 574 30.85 -11.82 -12.76
C LEU B 574 29.58 -11.43 -13.52
N GLU B 575 28.46 -11.84 -12.99
CA GLU B 575 27.18 -11.55 -13.61
C GLU B 575 26.97 -10.03 -13.70
N TRP B 576 27.36 -9.36 -12.63
CA TRP B 576 27.34 -7.93 -12.57
C TRP B 576 28.34 -7.44 -13.62
N ALA B 577 29.56 -7.91 -13.59
CA ALA B 577 30.47 -7.62 -14.67
C ALA B 577 29.81 -7.72 -16.03
N GLU B 578 29.18 -8.84 -16.34
CA GLU B 578 28.55 -9.01 -17.65
C GLU B 578 27.50 -7.92 -17.93
N ARG B 579 26.70 -7.55 -16.91
CA ARG B 579 25.77 -6.45 -17.11
C ARG B 579 26.51 -5.17 -17.41
N ASN B 580 27.60 -4.84 -16.69
CA ASN B 580 28.39 -3.66 -17.07
C ASN B 580 28.88 -3.72 -18.52
N LEU B 581 29.34 -4.89 -18.96
CA LEU B 581 29.78 -5.03 -20.35
C LEU B 581 28.63 -4.82 -21.30
N ARG B 582 27.51 -5.52 -21.05
CA ARG B 582 26.27 -5.28 -21.78
C ARG B 582 25.85 -3.81 -21.89
N LEU B 583 25.82 -3.08 -20.78
CA LEU B 583 25.53 -1.67 -20.79
C LEU B 583 26.35 -0.81 -21.79
N ASN B 584 27.52 -1.27 -22.24
CA ASN B 584 28.33 -0.45 -23.14
C ASN B 584 28.43 -1.13 -24.51
N GLY B 585 27.44 -2.00 -24.79
CA GLY B 585 27.40 -2.75 -26.01
C GLY B 585 28.52 -3.73 -26.21
N LEU B 586 29.19 -4.17 -25.14
CA LEU B 586 30.31 -5.09 -25.28
C LEU B 586 29.88 -6.56 -25.12
N THR B 587 29.29 -7.16 -26.15
CA THR B 587 28.84 -8.56 -26.06
C THR B 587 29.51 -9.38 -27.13
N GLY B 588 29.31 -10.68 -27.15
CA GLY B 588 29.84 -11.49 -28.25
C GLY B 588 30.91 -12.37 -27.72
N ARG B 589 31.40 -13.29 -28.54
CA ARG B 589 32.43 -14.25 -28.23
C ARG B 589 33.77 -13.64 -27.79
N ALA B 590 34.02 -12.37 -28.10
CA ALA B 590 35.34 -11.76 -27.85
C ALA B 590 35.51 -11.22 -26.40
N HIS B 591 34.42 -11.29 -25.63
CA HIS B 591 34.40 -10.80 -24.23
C HIS B 591 33.99 -11.98 -23.36
N ARG B 592 34.97 -12.70 -22.80
CA ARG B 592 34.74 -13.91 -21.97
C ARG B 592 34.59 -13.56 -20.47
N LEU B 593 33.77 -14.35 -19.77
CA LEU B 593 33.76 -14.26 -18.33
C LEU B 593 34.04 -15.64 -17.77
N ILE B 594 34.96 -15.73 -16.80
CA ILE B 594 35.35 -17.03 -16.27
C ILE B 594 35.40 -17.00 -14.79
N GLN B 595 34.63 -17.90 -14.19
CA GLN B 595 34.60 -18.03 -12.73
C GLN B 595 35.70 -18.99 -12.34
N ALA B 596 36.66 -18.56 -11.54
CA ALA B 596 37.77 -19.45 -11.15
C ALA B 596 38.50 -18.80 -10.01
N ASP B 597 39.22 -19.57 -9.18
CA ASP B 597 40.23 -19.01 -8.29
C ASP B 597 41.37 -18.56 -9.21
N CYS B 598 41.80 -17.31 -9.09
CA CYS B 598 42.78 -16.80 -10.07
C CYS B 598 44.10 -17.50 -10.01
N LEU B 599 44.54 -17.81 -8.79
CA LEU B 599 45.81 -18.50 -8.65
C LEU B 599 45.78 -19.88 -9.33
N ALA B 600 44.76 -20.67 -9.06
CA ALA B 600 44.61 -21.85 -9.83
C ALA B 600 44.63 -21.44 -11.30
N TRP B 601 43.65 -20.66 -11.77
CA TRP B 601 43.59 -20.23 -13.19
C TRP B 601 44.95 -19.84 -13.76
N LEU B 602 45.70 -18.98 -13.10
CA LEU B 602 47.03 -18.55 -13.57
C LEU B 602 48.07 -19.67 -13.75
N ARG B 603 48.02 -20.67 -12.89
CA ARG B 603 48.96 -21.77 -13.05
C ARG B 603 48.61 -22.58 -14.29
N GLU B 604 47.34 -22.80 -14.55
CA GLU B 604 46.94 -23.64 -15.67
C GLU B 604 46.89 -22.90 -17.00
N ALA B 605 46.77 -21.57 -16.97
CA ALA B 605 46.31 -20.83 -18.18
C ALA B 605 47.28 -20.92 -19.32
N ASN B 606 46.77 -21.14 -20.53
CA ASN B 606 47.69 -21.20 -21.64
C ASN B 606 47.92 -19.93 -22.44
N GLU B 607 46.83 -19.24 -22.72
CA GLU B 607 46.77 -18.18 -23.73
C GLU B 607 47.65 -17.02 -23.41
N GLN B 608 47.80 -16.12 -24.36
CA GLN B 608 48.60 -14.94 -24.13
C GLN B 608 47.82 -13.64 -24.20
N PHE B 609 48.14 -12.67 -23.34
CA PHE B 609 47.51 -11.36 -23.41
C PHE B 609 48.52 -10.25 -23.64
N ASP B 610 48.07 -9.13 -24.18
CA ASP B 610 48.94 -7.93 -24.36
C ASP B 610 48.90 -7.00 -23.15
N LEU B 611 47.82 -7.04 -22.38
CA LEU B 611 47.62 -6.11 -21.35
C LEU B 611 46.88 -6.85 -20.21
N ILE B 612 47.54 -6.91 -19.05
CA ILE B 612 46.98 -7.61 -17.93
C ILE B 612 46.76 -6.63 -16.77
N PHE B 613 45.56 -6.64 -16.21
CA PHE B 613 45.21 -5.82 -15.09
C PHE B 613 44.93 -6.68 -13.90
N ILE B 614 45.47 -6.31 -12.77
CA ILE B 614 45.46 -7.21 -11.66
C ILE B 614 45.65 -6.40 -10.43
N ASP B 615 44.62 -6.47 -9.59
CA ASP B 615 44.41 -5.63 -8.44
C ASP B 615 43.78 -6.55 -7.37
N PRO B 616 44.57 -7.49 -6.82
CA PRO B 616 44.06 -8.49 -5.88
C PRO B 616 43.80 -7.88 -4.51
N PRO B 617 42.93 -8.51 -3.69
CA PRO B 617 42.78 -8.03 -2.30
C PRO B 617 44.09 -8.37 -1.58
N THR B 618 44.35 -7.75 -0.42
CA THR B 618 45.64 -8.01 0.24
C THR B 618 45.66 -9.37 0.98
N PHE B 619 44.50 -9.82 1.45
CA PHE B 619 44.27 -11.22 1.87
C PHE B 619 42.96 -11.75 1.28
N SER B 620 42.95 -13.05 0.98
CA SER B 620 41.73 -13.78 0.59
C SER B 620 41.92 -15.30 0.70
N ASN B 621 40.80 -16.04 0.73
CA ASN B 621 40.82 -17.48 0.39
C ASN B 621 40.04 -17.81 -0.91
N ALA B 628 45.27 -20.17 0.66
CA ALA B 628 45.08 -18.77 1.05
C ALA B 628 46.10 -17.87 0.35
N PHE B 629 45.68 -16.63 0.10
CA PHE B 629 46.49 -15.65 -0.64
C PHE B 629 46.84 -14.40 0.16
N ASP B 630 48.14 -14.05 0.16
CA ASP B 630 48.67 -12.83 0.76
C ASP B 630 49.54 -12.12 -0.32
N VAL B 631 49.13 -10.91 -0.75
CA VAL B 631 49.87 -10.14 -1.81
C VAL B 631 51.35 -10.04 -1.60
N GLN B 632 51.78 -9.64 -0.40
CA GLN B 632 53.19 -9.44 -0.16
C GLN B 632 53.92 -10.75 -0.32
N ARG B 633 53.36 -11.79 0.30
CA ARG B 633 53.97 -13.13 0.33
C ARG B 633 53.91 -13.83 -1.03
N ASP B 634 52.92 -13.48 -1.84
CA ASP B 634 52.61 -14.25 -3.03
C ASP B 634 52.80 -13.49 -4.33
N HIS B 635 53.28 -12.24 -4.26
CA HIS B 635 53.28 -11.37 -5.47
C HIS B 635 54.28 -11.81 -6.53
N LEU B 636 55.41 -12.33 -6.08
CA LEU B 636 56.41 -12.82 -7.00
C LEU B 636 55.98 -14.08 -7.76
N ALA B 637 55.39 -15.04 -7.06
CA ALA B 637 54.82 -16.23 -7.70
C ALA B 637 53.76 -15.84 -8.72
N LEU B 638 52.91 -14.88 -8.37
CA LEU B 638 52.01 -14.26 -9.32
C LEU B 638 52.73 -13.73 -10.56
N MET B 639 53.83 -13.01 -10.38
CA MET B 639 54.45 -12.39 -11.53
C MET B 639 55.08 -13.43 -12.41
N LYS B 640 55.51 -14.53 -11.80
CA LYS B 640 56.05 -15.63 -12.56
C LYS B 640 55.02 -16.15 -13.56
N ASP B 641 53.82 -16.46 -13.07
CA ASP B 641 52.78 -16.93 -13.97
C ASP B 641 52.34 -15.88 -14.95
N LEU B 642 52.13 -14.67 -14.52
CA LEU B 642 51.80 -13.62 -15.47
C LEU B 642 52.83 -13.46 -16.58
N LYS B 643 54.13 -13.59 -16.27
CA LYS B 643 55.10 -13.48 -17.32
C LYS B 643 54.84 -14.52 -18.39
N ARG B 644 54.37 -15.69 -17.98
CA ARG B 644 54.10 -16.75 -18.96
C ARG B 644 52.95 -16.35 -19.90
N LEU B 645 51.99 -15.56 -19.38
CA LEU B 645 50.82 -15.14 -20.12
C LEU B 645 51.04 -13.83 -20.86
N LEU B 646 52.17 -13.14 -20.62
CA LEU B 646 52.29 -11.80 -21.19
C LEU B 646 52.82 -12.00 -22.57
N ARG B 647 52.12 -11.55 -23.59
CA ARG B 647 52.61 -11.69 -24.95
C ARG B 647 53.69 -10.69 -24.96
N ALA B 648 54.75 -11.00 -25.68
CA ALA B 648 55.93 -10.16 -25.76
C ALA B 648 55.50 -8.76 -26.23
N GLY B 649 56.10 -7.70 -25.71
CA GLY B 649 55.66 -6.32 -25.93
C GLY B 649 54.62 -5.90 -24.89
N GLY B 650 54.09 -6.87 -24.13
CA GLY B 650 52.95 -6.62 -23.27
C GLY B 650 53.25 -5.82 -22.04
N THR B 651 52.18 -5.41 -21.35
CA THR B 651 52.31 -4.77 -20.02
C THR B 651 51.32 -5.23 -18.97
N ILE B 652 51.83 -5.40 -17.76
CA ILE B 652 51.04 -5.76 -16.61
C ILE B 652 50.75 -4.52 -15.73
N MET B 653 49.48 -4.19 -15.53
CA MET B 653 49.16 -3.15 -14.54
C MET B 653 48.81 -3.87 -13.25
N PHE B 654 49.66 -3.65 -12.26
CA PHE B 654 49.58 -4.32 -10.99
C PHE B 654 49.27 -3.24 -9.97
N SER B 655 48.16 -3.38 -9.26
CA SER B 655 47.74 -2.47 -8.14
C SER B 655 47.59 -3.30 -6.88
N ASN B 656 47.77 -2.70 -5.71
CA ASN B 656 47.32 -3.31 -4.47
C ASN B 656 47.14 -2.25 -3.41
N ASN B 657 46.64 -2.68 -2.25
CA ASN B 657 46.25 -1.88 -1.12
C ASN B 657 47.06 -2.14 0.15
N LYS B 658 47.98 -3.10 0.15
CA LYS B 658 48.63 -3.29 1.43
C LYS B 658 49.47 -2.05 1.85
N ARG B 659 49.25 -1.63 3.08
CA ARG B 659 50.05 -0.59 3.71
C ARG B 659 51.46 -1.18 3.82
N GLY B 660 52.45 -0.40 3.39
CA GLY B 660 53.86 -0.81 3.53
C GLY B 660 54.31 -1.94 2.61
N PHE B 661 53.55 -2.17 1.52
CA PHE B 661 53.88 -3.14 0.47
C PHE B 661 55.19 -2.77 -0.17
N ARG B 662 56.10 -3.72 -0.20
CA ARG B 662 57.39 -3.50 -0.85
C ARG B 662 57.48 -4.45 -1.99
N MET B 663 57.66 -3.90 -3.21
CA MET B 663 57.83 -4.71 -4.42
C MET B 663 59.15 -5.44 -4.43
N ASP B 664 59.11 -6.69 -4.88
CA ASP B 664 60.33 -7.48 -4.89
C ASP B 664 61.09 -7.31 -6.20
N LEU B 665 61.84 -6.20 -6.31
CA LEU B 665 62.40 -5.77 -7.57
C LEU B 665 63.53 -6.69 -7.97
N ASP B 666 64.21 -7.25 -6.97
CA ASP B 666 65.15 -8.32 -7.24
C ASP B 666 64.49 -9.52 -7.94
N GLY B 667 63.44 -10.08 -7.34
CA GLY B 667 62.68 -11.18 -7.93
C GLY B 667 62.21 -10.79 -9.31
N LEU B 668 61.80 -9.55 -9.47
CA LEU B 668 61.30 -9.07 -10.76
C LEU B 668 62.47 -9.05 -11.74
N ALA B 669 63.59 -8.41 -11.40
CA ALA B 669 64.81 -8.57 -12.23
C ALA B 669 65.00 -10.06 -12.15
N LYS B 670 65.49 -10.72 -13.15
CA LYS B 670 65.66 -12.11 -12.80
C LYS B 670 64.55 -12.97 -13.29
N LEU B 671 63.33 -12.45 -13.27
CA LEU B 671 62.29 -12.91 -14.14
C LEU B 671 62.39 -12.17 -15.46
N GLY B 672 63.30 -11.23 -15.58
CA GLY B 672 63.43 -10.46 -16.81
C GLY B 672 62.38 -9.37 -16.95
N LEU B 673 61.98 -8.78 -15.82
CA LEU B 673 60.90 -7.79 -15.78
C LEU B 673 61.35 -6.52 -15.06
N LYS B 674 60.74 -5.39 -15.45
CA LYS B 674 60.96 -4.13 -14.75
C LYS B 674 59.61 -3.54 -14.31
N ALA B 675 59.57 -2.97 -13.12
CA ALA B 675 58.42 -2.30 -12.67
C ALA B 675 58.61 -0.77 -12.63
N GLN B 676 57.56 -0.07 -12.95
CA GLN B 676 57.52 1.35 -12.81
C GLN B 676 56.31 1.66 -11.97
N GLU B 677 56.50 2.35 -10.86
CA GLU B 677 55.41 2.68 -9.98
C GLU B 677 54.79 3.95 -10.46
N ILE B 678 53.48 4.00 -10.55
CA ILE B 678 52.84 5.18 -11.06
C ILE B 678 51.85 5.61 -10.05
N THR B 679 52.01 5.13 -8.84
CA THR B 679 51.11 5.42 -7.78
C THR B 679 50.84 6.90 -7.64
N GLN B 680 51.79 7.79 -7.82
CA GLN B 680 51.42 9.20 -7.68
C GLN B 680 50.57 9.68 -8.82
N LYS B 681 50.76 9.11 -10.00
CA LYS B 681 50.02 9.47 -11.21
C LYS B 681 48.58 9.02 -11.23
N THR B 682 48.28 8.02 -10.41
CA THR B 682 46.94 7.51 -10.38
C THR B 682 46.13 7.99 -9.16
N LEU B 683 46.67 8.89 -8.36
CA LEU B 683 45.93 9.43 -7.20
C LEU B 683 44.85 10.42 -7.62
N SER B 684 43.61 10.19 -7.22
CA SER B 684 42.56 10.99 -7.83
C SER B 684 42.41 12.44 -7.39
N GLN B 685 42.33 12.70 -6.09
CA GLN B 685 42.32 14.09 -5.60
C GLN B 685 41.24 14.27 -4.59
N ASP B 686 40.09 13.73 -4.94
CA ASP B 686 39.05 13.50 -3.99
C ASP B 686 39.52 12.47 -2.98
N PHE B 687 40.67 11.87 -3.25
CA PHE B 687 41.24 10.79 -2.43
C PHE B 687 42.65 11.06 -1.84
N ALA B 688 43.19 12.24 -2.16
CA ALA B 688 44.51 12.69 -1.73
C ALA B 688 44.48 12.94 -0.26
N ARG B 689 45.31 12.28 0.53
CA ARG B 689 45.20 12.48 2.00
C ARG B 689 44.31 11.44 2.62
N ASN B 690 43.99 10.43 1.82
CA ASN B 690 43.35 9.23 2.31
C ASN B 690 44.37 8.30 2.99
N ARG B 691 43.92 7.64 4.04
CA ARG B 691 44.70 6.71 4.86
C ARG B 691 45.27 5.54 4.07
N GLN B 692 44.67 5.22 2.91
CA GLN B 692 45.13 4.09 2.09
C GLN B 692 45.88 4.49 0.80
N ILE B 693 47.16 4.13 0.70
CA ILE B 693 47.80 4.26 -0.59
C ILE B 693 47.29 3.09 -1.44
N HIS B 694 46.68 3.41 -2.58
CA HIS B 694 46.43 2.38 -3.58
C HIS B 694 47.65 2.39 -4.51
N ASN B 695 48.66 1.55 -4.26
CA ASN B 695 49.83 1.64 -5.11
C ASN B 695 49.70 0.91 -6.42
N CYS B 696 50.44 1.38 -7.42
CA CYS B 696 50.19 0.94 -8.80
C CYS B 696 51.44 0.92 -9.61
N TRP B 697 51.56 -0.14 -10.42
CA TRP B 697 52.79 -0.43 -11.17
C TRP B 697 52.52 -0.90 -12.58
N LEU B 698 53.37 -0.48 -13.53
CA LEU B 698 53.45 -1.01 -14.90
C LEU B 698 54.69 -1.90 -15.00
N ILE B 699 54.46 -3.19 -15.24
CA ILE B 699 55.53 -4.18 -15.34
C ILE B 699 55.62 -4.63 -16.80
N THR B 700 56.80 -4.50 -17.37
CA THR B 700 57.05 -4.89 -18.75
C THR B 700 58.29 -5.73 -18.75
N ALA B 701 58.61 -6.32 -19.89
CA ALA B 701 59.83 -7.10 -20.04
C ALA B 701 60.97 -6.16 -19.83
N ALA B 702 62.01 -6.60 -19.12
CA ALA B 702 63.17 -5.75 -18.88
C ALA B 702 64.01 -5.57 -20.18
C1 GLC C . 25.36 -15.02 -25.66
C2 GLC C . 24.52 -15.56 -26.08
C3 GLC C . 23.61 -16.18 -24.87
C4 GLC C . 24.57 -17.18 -23.91
C5 GLC C . 25.33 -16.57 -23.43
C6 GLC C . 26.41 -17.35 -22.67
O2 GLC C . 23.55 -14.96 -26.93
O3 GLC C . 22.47 -16.91 -25.28
O4 GLC C . 23.56 -17.81 -23.15
O5 GLC C . 26.21 -15.90 -24.54
O6 GLC C . 26.88 -18.40 -23.48
O2 TRV C . 25.11 -13.77 -25.04
C1 TRV C . 27.40 -13.08 -25.12
C2 TRV C . 26.17 -12.98 -24.37
C3 TRV C . 25.57 -11.64 -24.34
C4 TRV C . 24.69 -11.70 -23.09
C5 TRV C . 25.47 -12.57 -22.17
C6 TRV C . 24.58 -13.45 -21.28
O1 TRV C . 28.37 -12.11 -25.07
O5 TRV C . 26.32 -13.39 -23.05
O3 TRV C . 24.85 -11.33 -25.52
O4 TRV C . 24.21 -10.55 -22.47
O6 TRV C . 25.34 -14.50 -20.74
C1N TRV C . 25.95 -14.34 -19.48
C2N TRV C . 26.48 -15.55 -18.73
C3N TRV C . 27.81 -15.18 -18.00
C4N TRV C . 27.86 -14.33 -16.71
C5N TRV C . 29.07 -14.75 -15.79
C6N TRV C . 29.29 -16.29 -15.68
C7N TRV C . 30.59 -16.89 -15.06
O1N TRV C . 25.21 -13.66 -18.58
C1 GLC D . -25.72 10.87 29.02
C2 GLC D . -25.01 10.57 29.75
C3 GLC D . -24.45 9.08 29.32
C4 GLC D . -25.70 7.92 29.18
C5 GLC D . -26.40 8.27 28.48
C6 GLC D . -27.71 7.45 28.37
O2 GLC D . -23.91 11.40 30.09
O3 GLC D . -23.44 8.55 30.09
O4 GLC D . -25.08 6.65 29.13
O5 GLC D . -26.86 9.66 29.07
O6 GLC D . -28.29 7.26 29.63
O2 TRV D . -25.31 10.92 27.66
C1 TRV D . -27.36 12.14 27.24
C2 TRV D . -26.21 11.50 26.66
C3 TRV D . -25.38 12.37 25.83
C4 TRV D . -24.77 11.40 24.81
C5 TRV D . -25.80 10.30 24.69
C6 TRV D . -25.33 8.83 24.69
O1 TRV D . -27.99 13.06 26.38
O5 TRV D . -26.64 10.47 25.85
O3 TRV D . -24.49 13.25 26.50
O4 TRV D . -24.27 11.94 23.61
O6 TRV D . -26.39 7.88 24.89
C1N TRV D . -26.58 6.93 23.83
C2N TRV D . -27.95 6.16 23.69
C3N TRV D . -28.30 5.42 22.35
C4N TRV D . -29.81 5.24 21.94
C5N TRV D . -30.52 3.83 22.04
C6N TRV D . -31.78 3.75 22.97
O1N TRV D . -25.90 7.36 22.66
N SAM E . 1.85 -4.22 -19.05
CA SAM E . 2.22 -3.66 -17.71
C SAM E . 3.52 -4.23 -17.09
O SAM E . 3.92 -3.86 -15.96
OXT SAM E . 4.20 -5.06 -17.71
CB SAM E . 1.07 -3.70 -16.70
CG SAM E . 0.39 -2.34 -16.45
SD SAM E . -1.17 -2.54 -15.53
C5' SAM E . -1.80 -0.84 -15.37
C4' SAM E . -0.74 0.22 -15.16
O4' SAM E . -1.29 1.52 -15.33
C3' SAM E . -0.17 0.21 -13.75
O3' SAM E . 1.25 0.16 -13.88
C2' SAM E . -0.60 1.50 -13.13
O2' SAM E . 0.43 2.03 -12.36
C1' SAM E . -0.84 2.42 -14.33
N9 SAM E . -1.85 3.49 -14.11
C8 SAM E . -3.02 3.44 -13.39
N7 SAM E . -3.61 4.68 -13.48
C5 SAM E . -2.88 5.50 -14.23
C6 SAM E . -3.03 6.79 -14.66
N6 SAM E . -4.10 7.50 -14.25
N1 SAM E . -2.05 7.39 -15.48
C2 SAM E . -0.96 6.66 -15.85
N3 SAM E . -0.83 5.36 -15.40
C4 SAM E . -1.76 4.78 -14.62
SD SAM F . -39.82 5.59 8.52
C5' SAM F . -38.67 4.20 8.57
C4' SAM F . -38.25 3.90 10.01
O4' SAM F . -39.32 3.28 10.67
C3' SAM F . -37.04 2.99 10.11
O3' SAM F . -36.05 3.69 10.82
C2' SAM F . -37.56 1.74 10.84
O2' SAM F . -36.67 1.01 11.71
C1' SAM F . -38.81 2.30 11.52
N9 SAM F . -39.89 1.35 11.79
C8 SAM F . -40.54 0.50 10.94
N7 SAM F . -41.48 -0.18 11.66
C5 SAM F . -41.43 0.25 12.94
C6 SAM F . -42.15 -0.09 14.07
N6 SAM F . -43.09 -1.00 14.02
N1 SAM F . -41.86 0.53 15.26
C2 SAM F . -40.86 1.48 15.33
N3 SAM F . -40.13 1.82 14.21
C4 SAM F . -40.42 1.21 13.04
N SAM G . 3.63 4.69 15.93
CA SAM G . 4.22 6.01 16.22
C SAM G . 4.90 6.05 17.60
O SAM G . 4.48 5.34 18.52
OXT SAM G . 5.87 6.79 17.82
CB SAM G . 3.19 7.13 16.09
CG SAM G . 2.40 7.19 14.78
SD SAM G . 1.67 8.83 14.46
C5' SAM G . 2.76 9.49 13.17
C4' SAM G . 1.94 10.40 12.25
O4' SAM G . 2.72 11.40 11.64
C3' SAM G . 1.27 9.59 11.16
O3' SAM G . -0.15 9.76 11.24
C2' SAM G . 1.88 10.16 9.87
O2' SAM G . 1.00 10.10 8.76
C1' SAM G . 2.30 11.58 10.30
N9 SAM G . 3.43 12.14 9.54
C8 SAM G . 4.60 11.50 9.16
N7 SAM G . 5.38 12.37 8.49
C5 SAM G . 4.74 13.57 8.46
C6 SAM G . 5.12 14.82 7.92
N6 SAM G . 6.28 14.99 7.28
N1 SAM G . 4.26 15.89 8.03
C2 SAM G . 3.05 15.68 8.69
N3 SAM G . 2.70 14.44 9.23
C4 SAM G . 3.54 13.41 9.12
N SAM H . 40.03 -4.77 -9.65
CA SAM H . 38.81 -4.35 -8.88
C SAM H . 38.43 -2.87 -9.14
O SAM H . 38.61 -2.32 -10.24
CB SAM H . 38.96 -4.68 -7.39
CG SAM H . 38.57 -6.10 -6.98
SD SAM H . 39.49 -6.87 -5.61
C5' SAM H . 38.28 -7.99 -4.85
C4' SAM H . 37.78 -9.07 -5.79
O4' SAM H . 38.68 -10.13 -5.82
C3' SAM H . 36.44 -9.64 -5.39
O3' SAM H . 35.61 -9.53 -6.50
C2' SAM H . 36.70 -11.11 -5.13
O2' SAM H . 35.63 -11.99 -5.47
C1' SAM H . 37.94 -11.31 -5.99
N9 SAM H . 38.75 -12.40 -5.48
C8 SAM H . 39.29 -12.53 -4.24
N7 SAM H . 39.98 -13.67 -4.16
C5 SAM H . 39.90 -14.27 -5.35
C6 SAM H . 40.43 -15.45 -5.82
N6 SAM H . 41.17 -16.21 -5.01
N1 SAM H . 40.18 -15.83 -7.12
C2 SAM H . 39.42 -15.03 -7.90
N3 SAM H . 38.88 -13.85 -7.47
C4 SAM H . 39.12 -13.49 -6.19
#